data_5QSG
# 
_entry.id   5QSG 
# 
_audit_conform.dict_name       mmcif_pdbx.dic 
_audit_conform.dict_version    5.387 
_audit_conform.dict_location   http://mmcif.pdb.org/dictionaries/ascii/mmcif_pdbx.dic 
# 
loop_
_database_2.database_id 
_database_2.database_code 
_database_2.pdbx_database_accession 
_database_2.pdbx_DOI 
PDB   5QSG         pdb_00005qsg 10.2210/pdb5qsg/pdb 
WWPDB D_1001402349 ?            ?                   
# 
loop_
_pdbx_audit_revision_history.ordinal 
_pdbx_audit_revision_history.data_content_type 
_pdbx_audit_revision_history.major_revision 
_pdbx_audit_revision_history.minor_revision 
_pdbx_audit_revision_history.revision_date 
1 'Structure model' 1 0 2019-08-21 
2 'Structure model' 1 1 2024-03-06 
# 
_pdbx_audit_revision_details.ordinal             1 
_pdbx_audit_revision_details.revision_ordinal    1 
_pdbx_audit_revision_details.data_content_type   'Structure model' 
_pdbx_audit_revision_details.provider            repository 
_pdbx_audit_revision_details.type                'Initial release' 
_pdbx_audit_revision_details.description         ? 
_pdbx_audit_revision_details.details             ? 
# 
loop_
_pdbx_audit_revision_group.ordinal 
_pdbx_audit_revision_group.revision_ordinal 
_pdbx_audit_revision_group.data_content_type 
_pdbx_audit_revision_group.group 
1 2 'Structure model' 'Data collection'     
2 2 'Structure model' 'Database references' 
# 
loop_
_pdbx_audit_revision_category.ordinal 
_pdbx_audit_revision_category.revision_ordinal 
_pdbx_audit_revision_category.data_content_type 
_pdbx_audit_revision_category.category 
1 2 'Structure model' chem_comp_atom 
2 2 'Structure model' chem_comp_bond 
3 2 'Structure model' database_2     
# 
loop_
_pdbx_audit_revision_item.ordinal 
_pdbx_audit_revision_item.revision_ordinal 
_pdbx_audit_revision_item.data_content_type 
_pdbx_audit_revision_item.item 
1 2 'Structure model' '_database_2.pdbx_DOI'                
2 2 'Structure model' '_database_2.pdbx_database_accession' 
# 
_pdbx_database_status.entry_id                        5QSG 
_pdbx_database_status.status_code                     REL 
_pdbx_database_status.status_code_sf                  REL 
_pdbx_database_status.status_code_mr                  ? 
_pdbx_database_status.status_code_cs                  ? 
_pdbx_database_status.recvd_initial_deposition_date   2019-05-25 
_pdbx_database_status.deposit_site                    RCSB 
_pdbx_database_status.process_site                    RCSB 
_pdbx_database_status.SG_entry                        ? 
_pdbx_database_status.pdb_format_compatible           Y 
_pdbx_database_status.methods_development_category    ? 
_pdbx_database_status.status_code_nmr_data            ? 
# 
loop_
_audit_author.name 
_audit_author.pdbx_ordinal 
'Newman, J.A.'        1 
'Gavard, A.E.'        2 
'Sherestha, L.'       3 
'Burgess-Brown, N.A.' 4 
'von Delft, F.'       5 
'Arrowsmith, C.H.'    6 
'Edwards, A.'         7 
'Bountra, C.'         8 
'Gileadi, O.'         9 
# 
_citation.id                        primary 
_citation.title                     'PanDDA analysis group deposition' 
_citation.journal_abbrev            'To Be Published' 
_citation.journal_volume            ? 
_citation.page_first                ? 
_citation.page_last                 ? 
_citation.year                      ? 
_citation.journal_id_ASTM           ? 
_citation.country                   ? 
_citation.journal_id_ISSN           ? 
_citation.journal_id_CSD            0353 
_citation.book_publisher            ? 
_citation.pdbx_database_id_PubMed   ? 
_citation.pdbx_database_id_DOI      ? 
# 
loop_
_citation_author.citation_id 
_citation_author.name 
_citation_author.identifier_ORCID 
_citation_author.ordinal 
primary 'Newman, J.A.'        ? 1 
primary 'Gavard, A.E.'        ? 2 
primary 'Sherestha, L.'       ? 3 
primary 'Burgess-Brown, N.A.' ? 4 
primary 'von Delft, F.'       ? 5 
primary 'Arrowsmith, C.H.'    ? 6 
primary 'Edwards, A.'         ? 7 
primary 'Bountra, C.'         ? 8 
primary 'Gileadi, O.'         ? 9 
# 
loop_
_entity.id 
_entity.type 
_entity.src_method 
_entity.pdbx_description 
_entity.formula_weight 
_entity.pdbx_number_of_molecules 
_entity.pdbx_ec 
_entity.pdbx_mutation 
_entity.pdbx_fragment 
_entity.details 
1 polymer     man 'T-box transcription factor T'                  19655.623 1   ? G177D ? ? 
2 non-polymer syn 'N-[4-(4-methylpiperazin-1-yl)phenyl]acetamide' 233.309   1   ? ?     ? ? 
3 water       nat water                                           18.015    177 ? ?     ? ? 
# 
_entity_name_com.entity_id   1 
_entity_name_com.name        'Brachyury protein,Protein T' 
# 
_entity_poly.entity_id                      1 
_entity_poly.type                           'polypeptide(L)' 
_entity_poly.nstd_linkage                   no 
_entity_poly.nstd_monomer                   no 
_entity_poly.pdbx_seq_one_letter_code       
;GELRVGLEESELWLRFKELTNEMIVTKNGRRMFPVLKVNVSGLDPNAMYSFLLDFVAADNHRWKYVNGEWVPGGKPEPQA
PSCVYIHPDSPNFGAHWMKAPVSFSKVKLTNKLNGGGQIMLNSLHKYEPRIHIVRVGDPQRMITSHCFPETQFIAVTAYQ
NEEITALKIKYN
;
_entity_poly.pdbx_seq_one_letter_code_can   
;GELRVGLEESELWLRFKELTNEMIVTKNGRRMFPVLKVNVSGLDPNAMYSFLLDFVAADNHRWKYVNGEWVPGGKPEPQA
PSCVYIHPDSPNFGAHWMKAPVSFSKVKLTNKLNGGGQIMLNSLHKYEPRIHIVRVGDPQRMITSHCFPETQFIAVTAYQ
NEEITALKIKYN
;
_entity_poly.pdbx_strand_id                 A 
_entity_poly.pdbx_target_identifier         ? 
# 
loop_
_pdbx_entity_nonpoly.entity_id 
_pdbx_entity_nonpoly.name 
_pdbx_entity_nonpoly.comp_id 
2 'N-[4-(4-methylpiperazin-1-yl)phenyl]acetamide' O1A 
3 water                                           HOH 
# 
loop_
_entity_poly_seq.entity_id 
_entity_poly_seq.num 
_entity_poly_seq.mon_id 
_entity_poly_seq.hetero 
1 1   GLY n 
1 2   GLU n 
1 3   LEU n 
1 4   ARG n 
1 5   VAL n 
1 6   GLY n 
1 7   LEU n 
1 8   GLU n 
1 9   GLU n 
1 10  SER n 
1 11  GLU n 
1 12  LEU n 
1 13  TRP n 
1 14  LEU n 
1 15  ARG n 
1 16  PHE n 
1 17  LYS n 
1 18  GLU n 
1 19  LEU n 
1 20  THR n 
1 21  ASN n 
1 22  GLU n 
1 23  MET n 
1 24  ILE n 
1 25  VAL n 
1 26  THR n 
1 27  LYS n 
1 28  ASN n 
1 29  GLY n 
1 30  ARG n 
1 31  ARG n 
1 32  MET n 
1 33  PHE n 
1 34  PRO n 
1 35  VAL n 
1 36  LEU n 
1 37  LYS n 
1 38  VAL n 
1 39  ASN n 
1 40  VAL n 
1 41  SER n 
1 42  GLY n 
1 43  LEU n 
1 44  ASP n 
1 45  PRO n 
1 46  ASN n 
1 47  ALA n 
1 48  MET n 
1 49  TYR n 
1 50  SER n 
1 51  PHE n 
1 52  LEU n 
1 53  LEU n 
1 54  ASP n 
1 55  PHE n 
1 56  VAL n 
1 57  ALA n 
1 58  ALA n 
1 59  ASP n 
1 60  ASN n 
1 61  HIS n 
1 62  ARG n 
1 63  TRP n 
1 64  LYS n 
1 65  TYR n 
1 66  VAL n 
1 67  ASN n 
1 68  GLY n 
1 69  GLU n 
1 70  TRP n 
1 71  VAL n 
1 72  PRO n 
1 73  GLY n 
1 74  GLY n 
1 75  LYS n 
1 76  PRO n 
1 77  GLU n 
1 78  PRO n 
1 79  GLN n 
1 80  ALA n 
1 81  PRO n 
1 82  SER n 
1 83  CYS n 
1 84  VAL n 
1 85  TYR n 
1 86  ILE n 
1 87  HIS n 
1 88  PRO n 
1 89  ASP n 
1 90  SER n 
1 91  PRO n 
1 92  ASN n 
1 93  PHE n 
1 94  GLY n 
1 95  ALA n 
1 96  HIS n 
1 97  TRP n 
1 98  MET n 
1 99  LYS n 
1 100 ALA n 
1 101 PRO n 
1 102 VAL n 
1 103 SER n 
1 104 PHE n 
1 105 SER n 
1 106 LYS n 
1 107 VAL n 
1 108 LYS n 
1 109 LEU n 
1 110 THR n 
1 111 ASN n 
1 112 LYS n 
1 113 LEU n 
1 114 ASN n 
1 115 GLY n 
1 116 GLY n 
1 117 GLY n 
1 118 GLN n 
1 119 ILE n 
1 120 MET n 
1 121 LEU n 
1 122 ASN n 
1 123 SER n 
1 124 LEU n 
1 125 HIS n 
1 126 LYS n 
1 127 TYR n 
1 128 GLU n 
1 129 PRO n 
1 130 ARG n 
1 131 ILE n 
1 132 HIS n 
1 133 ILE n 
1 134 VAL n 
1 135 ARG n 
1 136 VAL n 
1 137 GLY n 
1 138 ASP n 
1 139 PRO n 
1 140 GLN n 
1 141 ARG n 
1 142 MET n 
1 143 ILE n 
1 144 THR n 
1 145 SER n 
1 146 HIS n 
1 147 CYS n 
1 148 PHE n 
1 149 PRO n 
1 150 GLU n 
1 151 THR n 
1 152 GLN n 
1 153 PHE n 
1 154 ILE n 
1 155 ALA n 
1 156 VAL n 
1 157 THR n 
1 158 ALA n 
1 159 TYR n 
1 160 GLN n 
1 161 ASN n 
1 162 GLU n 
1 163 GLU n 
1 164 ILE n 
1 165 THR n 
1 166 ALA n 
1 167 LEU n 
1 168 LYS n 
1 169 ILE n 
1 170 LYS n 
1 171 TYR n 
1 172 ASN n 
# 
_entity_src_gen.entity_id                          1 
_entity_src_gen.pdbx_src_id                        1 
_entity_src_gen.pdbx_alt_source_flag               sample 
_entity_src_gen.pdbx_seq_type                      'Biological sequence' 
_entity_src_gen.pdbx_beg_seq_num                   1 
_entity_src_gen.pdbx_end_seq_num                   172 
_entity_src_gen.gene_src_common_name               Human 
_entity_src_gen.gene_src_genus                     ? 
_entity_src_gen.pdbx_gene_src_gene                 'TBXT, T' 
_entity_src_gen.gene_src_species                   ? 
_entity_src_gen.gene_src_strain                    ? 
_entity_src_gen.gene_src_tissue                    ? 
_entity_src_gen.gene_src_tissue_fraction           ? 
_entity_src_gen.gene_src_details                   ? 
_entity_src_gen.pdbx_gene_src_fragment             ? 
_entity_src_gen.pdbx_gene_src_scientific_name      'Homo sapiens' 
_entity_src_gen.pdbx_gene_src_ncbi_taxonomy_id     9606 
_entity_src_gen.pdbx_gene_src_variant              ? 
_entity_src_gen.pdbx_gene_src_cell_line            ? 
_entity_src_gen.pdbx_gene_src_atcc                 ? 
_entity_src_gen.pdbx_gene_src_organ                ? 
_entity_src_gen.pdbx_gene_src_organelle            ? 
_entity_src_gen.pdbx_gene_src_cell                 ? 
_entity_src_gen.pdbx_gene_src_cellular_location    ? 
_entity_src_gen.host_org_common_name               ? 
_entity_src_gen.pdbx_host_org_scientific_name      'Escherichia coli' 
_entity_src_gen.pdbx_host_org_ncbi_taxonomy_id     562 
_entity_src_gen.host_org_genus                     ? 
_entity_src_gen.pdbx_host_org_gene                 ? 
_entity_src_gen.pdbx_host_org_organ                ? 
_entity_src_gen.host_org_species                   ? 
_entity_src_gen.pdbx_host_org_tissue               ? 
_entity_src_gen.pdbx_host_org_tissue_fraction      ? 
_entity_src_gen.pdbx_host_org_strain               ? 
_entity_src_gen.pdbx_host_org_variant              ? 
_entity_src_gen.pdbx_host_org_cell_line            ? 
_entity_src_gen.pdbx_host_org_atcc                 ? 
_entity_src_gen.pdbx_host_org_culture_collection   ? 
_entity_src_gen.pdbx_host_org_cell                 ? 
_entity_src_gen.pdbx_host_org_organelle            ? 
_entity_src_gen.pdbx_host_org_cellular_location    ? 
_entity_src_gen.pdbx_host_org_vector_type          ? 
_entity_src_gen.pdbx_host_org_vector               ? 
_entity_src_gen.host_org_details                   ? 
_entity_src_gen.expression_system_id               ? 
_entity_src_gen.plasmid_name                       ? 
_entity_src_gen.plasmid_details                    ? 
_entity_src_gen.pdbx_description                   ? 
# 
loop_
_chem_comp.id 
_chem_comp.type 
_chem_comp.mon_nstd_flag 
_chem_comp.name 
_chem_comp.pdbx_synonyms 
_chem_comp.formula 
_chem_comp.formula_weight 
ALA 'L-peptide linking' y ALANINE                                         ? 'C3 H7 N O2'     89.093  
ARG 'L-peptide linking' y ARGININE                                        ? 'C6 H15 N4 O2 1' 175.209 
ASN 'L-peptide linking' y ASPARAGINE                                      ? 'C4 H8 N2 O3'    132.118 
ASP 'L-peptide linking' y 'ASPARTIC ACID'                                 ? 'C4 H7 N O4'     133.103 
CYS 'L-peptide linking' y CYSTEINE                                        ? 'C3 H7 N O2 S'   121.158 
GLN 'L-peptide linking' y GLUTAMINE                                       ? 'C5 H10 N2 O3'   146.144 
GLU 'L-peptide linking' y 'GLUTAMIC ACID'                                 ? 'C5 H9 N O4'     147.129 
GLY 'peptide linking'   y GLYCINE                                         ? 'C2 H5 N O2'     75.067  
HIS 'L-peptide linking' y HISTIDINE                                       ? 'C6 H10 N3 O2 1' 156.162 
HOH non-polymer         . WATER                                           ? 'H2 O'           18.015  
ILE 'L-peptide linking' y ISOLEUCINE                                      ? 'C6 H13 N O2'    131.173 
LEU 'L-peptide linking' y LEUCINE                                         ? 'C6 H13 N O2'    131.173 
LYS 'L-peptide linking' y LYSINE                                          ? 'C6 H15 N2 O2 1' 147.195 
MET 'L-peptide linking' y METHIONINE                                      ? 'C5 H11 N O2 S'  149.211 
O1A non-polymer         . 'N-[4-(4-methylpiperazin-1-yl)phenyl]acetamide' ? 'C13 H19 N3 O'   233.309 
PHE 'L-peptide linking' y PHENYLALANINE                                   ? 'C9 H11 N O2'    165.189 
PRO 'L-peptide linking' y PROLINE                                         ? 'C5 H9 N O2'     115.130 
SER 'L-peptide linking' y SERINE                                          ? 'C3 H7 N O3'     105.093 
THR 'L-peptide linking' y THREONINE                                       ? 'C4 H9 N O3'     119.119 
TRP 'L-peptide linking' y TRYPTOPHAN                                      ? 'C11 H12 N2 O2'  204.225 
TYR 'L-peptide linking' y TYROSINE                                        ? 'C9 H11 N O3'    181.189 
VAL 'L-peptide linking' y VALINE                                          ? 'C5 H11 N O2'    117.146 
# 
loop_
_pdbx_poly_seq_scheme.asym_id 
_pdbx_poly_seq_scheme.entity_id 
_pdbx_poly_seq_scheme.seq_id 
_pdbx_poly_seq_scheme.mon_id 
_pdbx_poly_seq_scheme.ndb_seq_num 
_pdbx_poly_seq_scheme.pdb_seq_num 
_pdbx_poly_seq_scheme.auth_seq_num 
_pdbx_poly_seq_scheme.pdb_mon_id 
_pdbx_poly_seq_scheme.auth_mon_id 
_pdbx_poly_seq_scheme.pdb_strand_id 
_pdbx_poly_seq_scheme.pdb_ins_code 
_pdbx_poly_seq_scheme.hetero 
A 1 1   GLY 1   40  ?   ?   ?   A . n 
A 1 2   GLU 2   41  41  GLU GLU A . n 
A 1 3   LEU 3   42  42  LEU LEU A . n 
A 1 4   ARG 4   43  43  ARG ARG A . n 
A 1 5   VAL 5   44  44  VAL VAL A . n 
A 1 6   GLY 6   45  45  GLY GLY A . n 
A 1 7   LEU 7   46  46  LEU LEU A . n 
A 1 8   GLU 8   47  47  GLU GLU A . n 
A 1 9   GLU 9   48  48  GLU GLU A . n 
A 1 10  SER 10  49  49  SER SER A . n 
A 1 11  GLU 11  50  50  GLU GLU A . n 
A 1 12  LEU 12  51  51  LEU LEU A . n 
A 1 13  TRP 13  52  52  TRP TRP A . n 
A 1 14  LEU 14  53  53  LEU LEU A . n 
A 1 15  ARG 15  54  54  ARG ARG A . n 
A 1 16  PHE 16  55  55  PHE PHE A . n 
A 1 17  LYS 17  56  56  LYS LYS A . n 
A 1 18  GLU 18  57  57  GLU GLU A . n 
A 1 19  LEU 19  58  58  LEU LEU A . n 
A 1 20  THR 20  59  59  THR THR A . n 
A 1 21  ASN 21  60  60  ASN ASN A . n 
A 1 22  GLU 22  61  61  GLU GLU A . n 
A 1 23  MET 23  62  62  MET MET A . n 
A 1 24  ILE 24  63  63  ILE ILE A . n 
A 1 25  VAL 25  64  64  VAL VAL A . n 
A 1 26  THR 26  65  65  THR THR A . n 
A 1 27  LYS 27  66  66  LYS LYS A . n 
A 1 28  ASN 28  67  67  ASN ASN A . n 
A 1 29  GLY 29  68  68  GLY GLY A . n 
A 1 30  ARG 30  69  69  ARG ARG A . n 
A 1 31  ARG 31  70  70  ARG ARG A . n 
A 1 32  MET 32  71  71  MET MET A . n 
A 1 33  PHE 33  72  72  PHE PHE A . n 
A 1 34  PRO 34  73  73  PRO PRO A . n 
A 1 35  VAL 35  74  74  VAL VAL A . n 
A 1 36  LEU 36  75  75  LEU LEU A . n 
A 1 37  LYS 37  76  76  LYS LYS A . n 
A 1 38  VAL 38  77  77  VAL VAL A . n 
A 1 39  ASN 39  78  78  ASN ASN A . n 
A 1 40  VAL 40  79  79  VAL VAL A . n 
A 1 41  SER 41  80  80  SER SER A . n 
A 1 42  GLY 42  81  81  GLY GLY A . n 
A 1 43  LEU 43  82  82  LEU LEU A . n 
A 1 44  ASP 44  83  83  ASP ASP A . n 
A 1 45  PRO 45  84  84  PRO PRO A . n 
A 1 46  ASN 46  85  85  ASN ASN A . n 
A 1 47  ALA 47  86  86  ALA ALA A . n 
A 1 48  MET 48  87  87  MET MET A . n 
A 1 49  TYR 49  88  88  TYR TYR A . n 
A 1 50  SER 50  89  89  SER SER A . n 
A 1 51  PHE 51  90  90  PHE PHE A . n 
A 1 52  LEU 52  91  91  LEU LEU A . n 
A 1 53  LEU 53  92  92  LEU LEU A . n 
A 1 54  ASP 54  93  93  ASP ASP A . n 
A 1 55  PHE 55  94  94  PHE PHE A . n 
A 1 56  VAL 56  95  95  VAL VAL A . n 
A 1 57  ALA 57  96  96  ALA ALA A . n 
A 1 58  ALA 58  97  97  ALA ALA A . n 
A 1 59  ASP 59  98  98  ASP ASP A . n 
A 1 60  ASN 60  99  99  ASN ASN A . n 
A 1 61  HIS 61  100 100 HIS HIS A . n 
A 1 62  ARG 62  101 101 ARG ARG A . n 
A 1 63  TRP 63  102 102 TRP TRP A . n 
A 1 64  LYS 64  103 103 LYS LYS A . n 
A 1 65  TYR 65  104 104 TYR TYR A . n 
A 1 66  VAL 66  105 105 VAL VAL A . n 
A 1 67  ASN 67  106 106 ASN ASN A . n 
A 1 68  GLY 68  107 107 GLY GLY A . n 
A 1 69  GLU 69  108 108 GLU GLU A . n 
A 1 70  TRP 70  109 109 TRP TRP A . n 
A 1 71  VAL 71  110 110 VAL VAL A . n 
A 1 72  PRO 72  111 111 PRO PRO A . n 
A 1 73  GLY 73  112 112 GLY GLY A . n 
A 1 74  GLY 74  113 113 GLY GLY A . n 
A 1 75  LYS 75  114 114 LYS LYS A . n 
A 1 76  PRO 76  115 115 PRO PRO A . n 
A 1 77  GLU 77  116 116 GLU GLU A . n 
A 1 78  PRO 78  117 117 PRO PRO A . n 
A 1 79  GLN 79  118 118 GLN GLN A . n 
A 1 80  ALA 80  119 119 ALA ALA A . n 
A 1 81  PRO 81  120 120 PRO PRO A . n 
A 1 82  SER 82  121 121 SER SER A . n 
A 1 83  CYS 83  122 122 CYS CYS A . n 
A 1 84  VAL 84  123 123 VAL VAL A . n 
A 1 85  TYR 85  124 124 TYR TYR A . n 
A 1 86  ILE 86  125 125 ILE ILE A . n 
A 1 87  HIS 87  126 126 HIS HIS A . n 
A 1 88  PRO 88  127 127 PRO PRO A . n 
A 1 89  ASP 89  128 128 ASP ASP A . n 
A 1 90  SER 90  129 129 SER SER A . n 
A 1 91  PRO 91  130 130 PRO PRO A . n 
A 1 92  ASN 92  131 131 ASN ASN A . n 
A 1 93  PHE 93  132 132 PHE PHE A . n 
A 1 94  GLY 94  133 133 GLY GLY A . n 
A 1 95  ALA 95  134 134 ALA ALA A . n 
A 1 96  HIS 96  135 135 HIS HIS A . n 
A 1 97  TRP 97  136 136 TRP TRP A . n 
A 1 98  MET 98  137 137 MET MET A . n 
A 1 99  LYS 99  138 138 LYS LYS A . n 
A 1 100 ALA 100 139 139 ALA ALA A . n 
A 1 101 PRO 101 140 140 PRO PRO A . n 
A 1 102 VAL 102 141 141 VAL VAL A . n 
A 1 103 SER 103 142 142 SER SER A . n 
A 1 104 PHE 104 143 143 PHE PHE A . n 
A 1 105 SER 105 144 144 SER SER A . n 
A 1 106 LYS 106 145 145 LYS LYS A . n 
A 1 107 VAL 107 146 146 VAL VAL A . n 
A 1 108 LYS 108 147 147 LYS LYS A . n 
A 1 109 LEU 109 148 148 LEU LEU A . n 
A 1 110 THR 110 149 149 THR THR A . n 
A 1 111 ASN 111 150 150 ASN ASN A . n 
A 1 112 LYS 112 151 151 LYS LYS A . n 
A 1 113 LEU 113 152 152 LEU LEU A . n 
A 1 114 ASN 114 153 153 ASN ASN A . n 
A 1 115 GLY 115 154 154 GLY GLY A . n 
A 1 116 GLY 116 155 155 GLY GLY A . n 
A 1 117 GLY 117 156 156 GLY GLY A . n 
A 1 118 GLN 118 157 157 GLN GLN A . n 
A 1 119 ILE 119 158 158 ILE ILE A . n 
A 1 120 MET 120 159 159 MET MET A . n 
A 1 121 LEU 121 160 160 LEU LEU A . n 
A 1 122 ASN 122 161 161 ASN ASN A . n 
A 1 123 SER 123 162 162 SER SER A . n 
A 1 124 LEU 124 163 163 LEU LEU A . n 
A 1 125 HIS 125 164 164 HIS HIS A . n 
A 1 126 LYS 126 165 165 LYS LYS A . n 
A 1 127 TYR 127 166 166 TYR TYR A . n 
A 1 128 GLU 128 167 167 GLU GLU A . n 
A 1 129 PRO 129 168 168 PRO PRO A . n 
A 1 130 ARG 130 169 169 ARG ARG A . n 
A 1 131 ILE 131 170 170 ILE ILE A . n 
A 1 132 HIS 132 171 171 HIS HIS A . n 
A 1 133 ILE 133 172 172 ILE ILE A . n 
A 1 134 VAL 134 173 173 VAL VAL A . n 
A 1 135 ARG 135 174 174 ARG ARG A . n 
A 1 136 VAL 136 175 175 VAL VAL A . n 
A 1 137 GLY 137 176 176 GLY GLY A . n 
A 1 138 ASP 138 177 177 ASP ASP A . n 
A 1 139 PRO 139 178 178 PRO PRO A . n 
A 1 140 GLN 140 179 179 GLN GLN A . n 
A 1 141 ARG 141 180 180 ARG ARG A . n 
A 1 142 MET 142 181 181 MET MET A . n 
A 1 143 ILE 143 182 182 ILE ILE A . n 
A 1 144 THR 144 183 183 THR THR A . n 
A 1 145 SER 145 184 184 SER SER A . n 
A 1 146 HIS 146 185 185 HIS HIS A . n 
A 1 147 CYS 147 186 186 CYS CYS A . n 
A 1 148 PHE 148 187 187 PHE PHE A . n 
A 1 149 PRO 149 188 188 PRO PRO A . n 
A 1 150 GLU 150 189 189 GLU GLU A . n 
A 1 151 THR 151 190 190 THR THR A . n 
A 1 152 GLN 152 191 191 GLN GLN A . n 
A 1 153 PHE 153 192 192 PHE PHE A . n 
A 1 154 ILE 154 193 193 ILE ILE A . n 
A 1 155 ALA 155 194 194 ALA ALA A . n 
A 1 156 VAL 156 195 195 VAL VAL A . n 
A 1 157 THR 157 196 196 THR THR A . n 
A 1 158 ALA 158 197 197 ALA ALA A . n 
A 1 159 TYR 159 198 198 TYR TYR A . n 
A 1 160 GLN 160 199 199 GLN GLN A . n 
A 1 161 ASN 161 200 200 ASN ASN A . n 
A 1 162 GLU 162 201 201 GLU GLU A . n 
A 1 163 GLU 163 202 202 GLU GLU A . n 
A 1 164 ILE 164 203 203 ILE ILE A . n 
A 1 165 THR 165 204 204 THR THR A . n 
A 1 166 ALA 166 205 205 ALA ALA A . n 
A 1 167 LEU 167 206 206 LEU LEU A . n 
A 1 168 LYS 168 207 207 LYS LYS A . n 
A 1 169 ILE 169 208 208 ILE ILE A . n 
A 1 170 LYS 170 209 209 LYS LYS A . n 
A 1 171 TYR 171 210 210 TYR TYR A . n 
A 1 172 ASN 172 211 211 ASN ASN A . n 
# 
loop_
_pdbx_nonpoly_scheme.asym_id 
_pdbx_nonpoly_scheme.entity_id 
_pdbx_nonpoly_scheme.mon_id 
_pdbx_nonpoly_scheme.ndb_seq_num 
_pdbx_nonpoly_scheme.pdb_seq_num 
_pdbx_nonpoly_scheme.auth_seq_num 
_pdbx_nonpoly_scheme.pdb_mon_id 
_pdbx_nonpoly_scheme.auth_mon_id 
_pdbx_nonpoly_scheme.pdb_strand_id 
_pdbx_nonpoly_scheme.pdb_ins_code 
B 2 O1A 1   301 301 O1A LIG A . 
C 3 HOH 1   401 77  HOH HOH A . 
C 3 HOH 2   402 113 HOH HOH A . 
C 3 HOH 3   403 166 HOH HOH A . 
C 3 HOH 4   404 106 HOH HOH A . 
C 3 HOH 5   405 235 HOH HOH A . 
C 3 HOH 6   406 157 HOH HOH A . 
C 3 HOH 7   407 32  HOH HOH A . 
C 3 HOH 8   408 125 HOH HOH A . 
C 3 HOH 9   409 104 HOH HOH A . 
C 3 HOH 10  410 27  HOH HOH A . 
C 3 HOH 11  411 194 HOH HOH A . 
C 3 HOH 12  412 46  HOH HOH A . 
C 3 HOH 13  413 133 HOH HOH A . 
C 3 HOH 14  414 61  HOH HOH A . 
C 3 HOH 15  415 62  HOH HOH A . 
C 3 HOH 16  416 118 HOH HOH A . 
C 3 HOH 17  417 78  HOH HOH A . 
C 3 HOH 18  418 165 HOH HOH A . 
C 3 HOH 19  419 103 HOH HOH A . 
C 3 HOH 20  420 162 HOH HOH A . 
C 3 HOH 21  421 150 HOH HOH A . 
C 3 HOH 22  422 45  HOH HOH A . 
C 3 HOH 23  423 14  HOH HOH A . 
C 3 HOH 24  424 26  HOH HOH A . 
C 3 HOH 25  425 174 HOH HOH A . 
C 3 HOH 26  426 107 HOH HOH A . 
C 3 HOH 27  427 111 HOH HOH A . 
C 3 HOH 28  428 191 HOH HOH A . 
C 3 HOH 29  429 41  HOH HOH A . 
C 3 HOH 30  430 96  HOH HOH A . 
C 3 HOH 31  431 170 HOH HOH A . 
C 3 HOH 32  432 23  HOH HOH A . 
C 3 HOH 33  433 90  HOH HOH A . 
C 3 HOH 34  434 152 HOH HOH A . 
C 3 HOH 35  435 35  HOH HOH A . 
C 3 HOH 36  436 17  HOH HOH A . 
C 3 HOH 37  437 76  HOH HOH A . 
C 3 HOH 38  438 149 HOH HOH A . 
C 3 HOH 39  439 50  HOH HOH A . 
C 3 HOH 40  440 154 HOH HOH A . 
C 3 HOH 41  441 1   HOH HOH A . 
C 3 HOH 42  442 81  HOH HOH A . 
C 3 HOH 43  443 207 HOH HOH A . 
C 3 HOH 44  444 158 HOH HOH A . 
C 3 HOH 45  445 182 HOH HOH A . 
C 3 HOH 46  446 48  HOH HOH A . 
C 3 HOH 47  447 47  HOH HOH A . 
C 3 HOH 48  448 141 HOH HOH A . 
C 3 HOH 49  449 206 HOH HOH A . 
C 3 HOH 50  450 209 HOH HOH A . 
C 3 HOH 51  451 57  HOH HOH A . 
C 3 HOH 52  452 5   HOH HOH A . 
C 3 HOH 53  453 122 HOH HOH A . 
C 3 HOH 54  454 4   HOH HOH A . 
C 3 HOH 55  455 12  HOH HOH A . 
C 3 HOH 56  456 109 HOH HOH A . 
C 3 HOH 57  457 42  HOH HOH A . 
C 3 HOH 58  458 59  HOH HOH A . 
C 3 HOH 59  459 68  HOH HOH A . 
C 3 HOH 60  460 22  HOH HOH A . 
C 3 HOH 61  461 89  HOH HOH A . 
C 3 HOH 62  462 178 HOH HOH A . 
C 3 HOH 63  463 37  HOH HOH A . 
C 3 HOH 64  464 6   HOH HOH A . 
C 3 HOH 65  465 15  HOH HOH A . 
C 3 HOH 66  466 151 HOH HOH A . 
C 3 HOH 67  467 228 HOH HOH A . 
C 3 HOH 68  468 167 HOH HOH A . 
C 3 HOH 69  469 9   HOH HOH A . 
C 3 HOH 70  470 138 HOH HOH A . 
C 3 HOH 71  471 159 HOH HOH A . 
C 3 HOH 72  472 38  HOH HOH A . 
C 3 HOH 73  473 36  HOH HOH A . 
C 3 HOH 74  474 164 HOH HOH A . 
C 3 HOH 75  475 40  HOH HOH A . 
C 3 HOH 76  476 168 HOH HOH A . 
C 3 HOH 77  477 88  HOH HOH A . 
C 3 HOH 78  478 180 HOH HOH A . 
C 3 HOH 79  479 195 HOH HOH A . 
C 3 HOH 80  480 60  HOH HOH A . 
C 3 HOH 81  481 188 HOH HOH A . 
C 3 HOH 82  482 101 HOH HOH A . 
C 3 HOH 83  483 39  HOH HOH A . 
C 3 HOH 84  484 86  HOH HOH A . 
C 3 HOH 85  485 160 HOH HOH A . 
C 3 HOH 86  486 51  HOH HOH A . 
C 3 HOH 87  487 67  HOH HOH A . 
C 3 HOH 88  488 66  HOH HOH A . 
C 3 HOH 89  489 24  HOH HOH A . 
C 3 HOH 90  490 7   HOH HOH A . 
C 3 HOH 91  491 13  HOH HOH A . 
C 3 HOH 92  492 11  HOH HOH A . 
C 3 HOH 93  493 43  HOH HOH A . 
C 3 HOH 94  494 28  HOH HOH A . 
C 3 HOH 95  495 237 HOH HOH A . 
C 3 HOH 96  496 213 HOH HOH A . 
C 3 HOH 97  497 124 HOH HOH A . 
C 3 HOH 98  498 20  HOH HOH A . 
C 3 HOH 99  499 199 HOH HOH A . 
C 3 HOH 100 500 204 HOH HOH A . 
C 3 HOH 101 501 219 HOH HOH A . 
C 3 HOH 102 502 217 HOH HOH A . 
C 3 HOH 103 503 56  HOH HOH A . 
C 3 HOH 104 504 179 HOH HOH A . 
C 3 HOH 105 505 44  HOH HOH A . 
C 3 HOH 106 506 25  HOH HOH A . 
C 3 HOH 107 507 70  HOH HOH A . 
C 3 HOH 108 508 92  HOH HOH A . 
C 3 HOH 109 509 3   HOH HOH A . 
C 3 HOH 110 510 208 HOH HOH A . 
C 3 HOH 111 511 33  HOH HOH A . 
C 3 HOH 112 512 218 HOH HOH A . 
C 3 HOH 113 513 54  HOH HOH A . 
C 3 HOH 114 514 185 HOH HOH A . 
C 3 HOH 115 515 176 HOH HOH A . 
C 3 HOH 116 516 181 HOH HOH A . 
C 3 HOH 117 517 16  HOH HOH A . 
C 3 HOH 118 518 99  HOH HOH A . 
C 3 HOH 119 519 161 HOH HOH A . 
C 3 HOH 120 520 163 HOH HOH A . 
C 3 HOH 121 521 142 HOH HOH A . 
C 3 HOH 122 522 187 HOH HOH A . 
C 3 HOH 123 523 175 HOH HOH A . 
C 3 HOH 124 524 184 HOH HOH A . 
C 3 HOH 125 525 100 HOH HOH A . 
C 3 HOH 126 526 64  HOH HOH A . 
C 3 HOH 127 527 72  HOH HOH A . 
C 3 HOH 128 528 52  HOH HOH A . 
C 3 HOH 129 529 87  HOH HOH A . 
C 3 HOH 130 530 222 HOH HOH A . 
C 3 HOH 131 531 117 HOH HOH A . 
C 3 HOH 132 532 84  HOH HOH A . 
C 3 HOH 133 533 172 HOH HOH A . 
C 3 HOH 134 534 29  HOH HOH A . 
C 3 HOH 135 535 2   HOH HOH A . 
C 3 HOH 136 536 144 HOH HOH A . 
C 3 HOH 137 537 82  HOH HOH A . 
C 3 HOH 138 538 97  HOH HOH A . 
C 3 HOH 139 539 58  HOH HOH A . 
C 3 HOH 140 540 236 HOH HOH A . 
C 3 HOH 141 541 121 HOH HOH A . 
C 3 HOH 142 542 135 HOH HOH A . 
C 3 HOH 143 543 136 HOH HOH A . 
C 3 HOH 144 544 131 HOH HOH A . 
C 3 HOH 145 545 85  HOH HOH A . 
C 3 HOH 146 546 216 HOH HOH A . 
C 3 HOH 147 547 71  HOH HOH A . 
C 3 HOH 148 548 238 HOH HOH A . 
C 3 HOH 149 549 80  HOH HOH A . 
C 3 HOH 150 550 200 HOH HOH A . 
C 3 HOH 151 551 229 HOH HOH A . 
C 3 HOH 152 552 19  HOH HOH A . 
C 3 HOH 153 553 214 HOH HOH A . 
C 3 HOH 154 554 94  HOH HOH A . 
C 3 HOH 155 555 143 HOH HOH A . 
C 3 HOH 156 556 83  HOH HOH A . 
C 3 HOH 157 557 116 HOH HOH A . 
C 3 HOH 158 558 224 HOH HOH A . 
C 3 HOH 159 559 129 HOH HOH A . 
C 3 HOH 160 560 210 HOH HOH A . 
C 3 HOH 161 561 98  HOH HOH A . 
C 3 HOH 162 562 155 HOH HOH A . 
C 3 HOH 163 563 65  HOH HOH A . 
C 3 HOH 164 564 21  HOH HOH A . 
C 3 HOH 165 565 173 HOH HOH A . 
C 3 HOH 166 566 55  HOH HOH A . 
C 3 HOH 167 567 156 HOH HOH A . 
C 3 HOH 168 568 110 HOH HOH A . 
C 3 HOH 169 569 49  HOH HOH A . 
C 3 HOH 170 570 73  HOH HOH A . 
C 3 HOH 171 571 137 HOH HOH A . 
C 3 HOH 172 572 221 HOH HOH A . 
C 3 HOH 173 573 153 HOH HOH A . 
C 3 HOH 174 574 102 HOH HOH A . 
C 3 HOH 175 575 211 HOH HOH A . 
C 3 HOH 176 576 75  HOH HOH A . 
C 3 HOH 177 577 145 HOH HOH A . 
# 
loop_
_software.pdbx_ordinal 
_software.name 
_software.version 
_software.date 
_software.type 
_software.contact_author 
_software.contact_author_email 
_software.classification 
_software.location 
_software.language 
_software.citation_id 
1 REFMAC      5.8.0238 ?               program 'Garib N. Murshudov' garib@ysbl.york.ac.uk    refinement        
http://www.ccp4.ac.uk/dist/html/refmac5.html        Fortran_77 ? 
2 Aimless     0.7.3    15/08/18        program 'Phil Evans'         ?                        'data scaling'    
http://www.mrc-lmb.cam.ac.uk/harry/pre/aimless.html ?          ? 
3 PDB_EXTRACT 3.23     'SEP. 23, 2016' package PDB                  deposit@deposit.rcsb.org 'data extraction' 
http://sw-tools.pdb.org/apps/PDB_EXTRACT/           C++        ? 
4 XDS         .        ?               program ?                    ?                        'data reduction'  ? ?          ? 
5 REFMAC      .        ?               program ?                    ?                        phasing           ? ?          ? 
# 
_cell.entry_id           5QSG 
_cell.length_a           99.680 
_cell.length_b           99.680 
_cell.length_c           99.618 
_cell.angle_alpha        90.000 
_cell.angle_beta         90.000 
_cell.angle_gamma        120.000 
_cell.Z_PDB              18 
_cell.pdbx_unique_axis   ? 
# 
_symmetry.entry_id                         5QSG 
_symmetry.Int_Tables_number                155 
_symmetry.space_group_name_H-M             'H 3 2' 
_symmetry.pdbx_full_space_group_name_H-M   ? 
_symmetry.cell_setting                     ? 
# 
_exptl.crystals_number   1 
_exptl.entry_id          5QSG 
_exptl.method            'X-RAY DIFFRACTION' 
# 
_exptl_crystal.id                    1 
_exptl_crystal.pdbx_mosaicity        0.000 
_exptl_crystal.pdbx_mosaicity_esd    ? 
_exptl_crystal.density_Matthews      2.42 
_exptl_crystal.density_diffrn        ? 
_exptl_crystal.density_meas          ? 
_exptl_crystal.density_meas_temp     ? 
_exptl_crystal.density_percent_sol   49.23 
_exptl_crystal.size_max              ? 
_exptl_crystal.size_mid              ? 
_exptl_crystal.size_min              ? 
_exptl_crystal.size_rad              ? 
_exptl_crystal.description           ? 
# 
_exptl_crystal_grow.crystal_id      1 
_exptl_crystal_grow.method          'VAPOR DIFFUSION, SITTING DROP' 
_exptl_crystal_grow.pH              7 
_exptl_crystal_grow.temp            298 
_exptl_crystal_grow.pdbx_details    '0.1 M SPG pH 7.0, 30 % PEG 1000' 
_exptl_crystal_grow.temp_details    ? 
_exptl_crystal_grow.pdbx_pH_range   ? 
# 
_diffrn.id                               1 
_diffrn.ambient_temp                     100 
_diffrn.crystal_id                       1 
_diffrn.ambient_temp_details             ? 
_diffrn.pdbx_serial_crystal_experiment   ? 
# 
_diffrn_detector.detector               PIXEL 
_diffrn_detector.type                   'DECTRIS PILATUS 6M' 
_diffrn_detector.pdbx_collection_date   2018-12-09 
_diffrn_detector.diffrn_id              1 
_diffrn_detector.details                ? 
# 
_diffrn_radiation.diffrn_id                        1 
_diffrn_radiation.wavelength_id                    1 
_diffrn_radiation.pdbx_diffrn_protocol             'SINGLE WAVELENGTH' 
_diffrn_radiation.pdbx_monochromatic_or_laue_m_l   M 
_diffrn_radiation.monochromator                    ? 
_diffrn_radiation.pdbx_scattering_type             x-ray 
# 
_diffrn_radiation_wavelength.id           1 
_diffrn_radiation_wavelength.wavelength   0.91587 
_diffrn_radiation_wavelength.wt           1.0 
# 
_diffrn_source.diffrn_id                   1 
_diffrn_source.source                      SYNCHROTRON 
_diffrn_source.type                        'DIAMOND BEAMLINE I04-1' 
_diffrn_source.pdbx_wavelength_list        0.91587 
_diffrn_source.pdbx_synchrotron_site       Diamond 
_diffrn_source.pdbx_synchrotron_beamline   I04-1 
_diffrn_source.pdbx_wavelength             ? 
# 
_reflns.entry_id                     5QSG 
_reflns.pdbx_diffrn_id               1 
_reflns.pdbx_ordinal                 1 
_reflns.observed_criterion_sigma_I   ? 
_reflns.observed_criterion_sigma_F   ? 
_reflns.d_resolution_low             49.840 
_reflns.d_resolution_high            1.870 
_reflns.number_obs                   15933 
_reflns.number_all                   ? 
_reflns.percent_possible_obs         100.000 
_reflns.pdbx_Rmerge_I_obs            0.227 
_reflns.pdbx_Rsym_value              ? 
_reflns.pdbx_netI_over_sigmaI        5.200 
_reflns.B_iso_Wilson_estimate        ? 
_reflns.pdbx_redundancy              9.600 
_reflns.pdbx_Rrim_I_all              0.240 
_reflns.pdbx_Rpim_I_all              0.077 
_reflns.pdbx_CC_half                 0.990 
_reflns.pdbx_netI_over_av_sigmaI     ? 
_reflns.pdbx_number_measured_all     152792 
_reflns.pdbx_scaling_rejects         785 
_reflns.pdbx_chi_squared             ? 
_reflns.Rmerge_F_all                 ? 
_reflns.Rmerge_F_obs                 ? 
_reflns.observed_criterion_F_max     ? 
_reflns.observed_criterion_F_min     ? 
_reflns.observed_criterion_I_max     ? 
_reflns.observed_criterion_I_min     ? 
_reflns.pdbx_d_res_high_opt          ? 
_reflns.pdbx_d_res_low_opt           ? 
_reflns.details                      ? 
# 
loop_
_reflns_shell.pdbx_diffrn_id 
_reflns_shell.pdbx_ordinal 
_reflns_shell.d_res_high 
_reflns_shell.d_res_low 
_reflns_shell.number_measured_obs 
_reflns_shell.number_measured_all 
_reflns_shell.number_unique_obs 
_reflns_shell.pdbx_rejects 
_reflns_shell.Rmerge_I_obs 
_reflns_shell.meanI_over_sigI_obs 
_reflns_shell.pdbx_Rsym_value 
_reflns_shell.pdbx_chi_squared 
_reflns_shell.pdbx_redundancy 
_reflns_shell.percent_possible_obs 
_reflns_shell.pdbx_netI_over_sigmaI_obs 
_reflns_shell.number_possible 
_reflns_shell.number_unique_all 
_reflns_shell.Rmerge_F_all 
_reflns_shell.Rmerge_F_obs 
_reflns_shell.Rmerge_I_all 
_reflns_shell.meanI_over_sigI_all 
_reflns_shell.percent_possible_all 
_reflns_shell.pdbx_Rrim_I_all 
_reflns_shell.pdbx_Rpim_I_all 
_reflns_shell.pdbx_CC_half 
1 1 1.870 1.920  ? 11513 ? ? 1.348 ? ? ? 9.900 ? 1.000  ? 1162 ? ? ? ? 100.000 1.421 0.447 0.901 
1 2 8.360 49.840 ? 1859  ? ? 0.111 ? ? ? 9.200 ? 15.000 ? 203  ? ? ? ? 99.600  0.118 0.039 0.994 
# 
_refine.entry_id                                 5QSG 
_refine.pdbx_refine_id                           'X-RAY DIFFRACTION' 
_refine.ls_d_res_high                            1.8700 
_refine.ls_d_res_low                             49.8400 
_refine.pdbx_ls_sigma_F                          0.000 
_refine.pdbx_data_cutoff_high_absF               ? 
_refine.pdbx_data_cutoff_low_absF                ? 
_refine.ls_percent_reflns_obs                    97.3300 
_refine.ls_number_reflns_obs                     14733 
_refine.ls_number_reflns_all                     ? 
_refine.pdbx_ls_cross_valid_method               THROUGHOUT 
_refine.ls_matrix_type                           ? 
_refine.pdbx_R_Free_selection_details            RANDOM 
_refine.details                                  
'HYDROGENS HAVE BEEN ADDED IN THE RIDING POSITIONS U VALUES      : REFINED INDIVIDUALLY' 
_refine.ls_R_factor_all                          ? 
_refine.ls_R_factor_obs                          0.2281 
_refine.ls_R_factor_R_work                       0.2256 
_refine.ls_wR_factor_R_work                      ? 
_refine.ls_R_factor_R_free                       0.2729 
_refine.ls_wR_factor_R_free                      ? 
_refine.ls_percent_reflns_R_free                 5.1000 
_refine.ls_number_reflns_R_free                  797 
_refine.ls_number_reflns_R_work                  ? 
_refine.ls_R_factor_R_free_error                 ? 
_refine.B_iso_mean                               30.2580 
_refine.solvent_model_param_bsol                 ? 
_refine.solvent_model_param_ksol                 ? 
_refine.pdbx_isotropic_thermal_model             ? 
_refine.aniso_B[1][1]                            -0.9100 
_refine.aniso_B[2][2]                            -0.9100 
_refine.aniso_B[3][3]                            2.9500 
_refine.aniso_B[1][2]                            -0.4500 
_refine.aniso_B[1][3]                            -0.0000 
_refine.aniso_B[2][3]                            -0.0000 
_refine.correlation_coeff_Fo_to_Fc               0.9440 
_refine.correlation_coeff_Fo_to_Fc_free          0.9160 
_refine.overall_SU_R_Cruickshank_DPI             ? 
_refine.pdbx_overall_SU_R_free_Cruickshank_DPI   ? 
_refine.pdbx_overall_SU_R_Blow_DPI               ? 
_refine.pdbx_overall_SU_R_free_Blow_DPI          ? 
_refine.overall_SU_R_free                        ? 
_refine.pdbx_overall_ESU_R                       0.2040 
_refine.pdbx_overall_ESU_R_Free                  0.1800 
_refine.overall_SU_ML                            0.1720 
_refine.overall_SU_B                             6.3590 
_refine.solvent_model_details                    MASK 
_refine.pdbx_solvent_vdw_probe_radii             1.2000 
_refine.pdbx_solvent_ion_probe_radii             0.8000 
_refine.pdbx_solvent_shrinkage_radii             0.8000 
_refine.ls_number_parameters                     ? 
_refine.ls_number_restraints                     ? 
_refine.pdbx_starting_model                      6f58 
_refine.pdbx_method_to_determine_struct          'FOURIER SYNTHESIS' 
_refine.pdbx_stereochemistry_target_values       'MAXIMUM LIKELIHOOD' 
_refine.pdbx_stereochem_target_val_spec_case     ? 
_refine.overall_FOM_work_R_set                   ? 
_refine.B_iso_max                                83.870 
_refine.B_iso_min                                19.380 
_refine.pdbx_overall_phase_error                 ? 
_refine.occupancy_max                            ? 
_refine.occupancy_min                            ? 
_refine.pdbx_diffrn_id                           1 
_refine.pdbx_TLS_residual_ADP_flag               ? 
_refine.pdbx_ls_sigma_I                          ? 
_refine.pdbx_data_cutoff_high_rms_absF           ? 
_refine.ls_R_factor_R_free_error_details         ? 
# 
_refine_hist.cycle_id                         final 
_refine_hist.pdbx_refine_id                   'X-RAY DIFFRACTION' 
_refine_hist.d_res_high                       1.8700 
_refine_hist.d_res_low                        49.8400 
_refine_hist.pdbx_number_atoms_ligand         17 
_refine_hist.number_atoms_solvent             177 
_refine_hist.number_atoms_total               1574 
_refine_hist.pdbx_number_residues_total       171 
_refine_hist.pdbx_B_iso_mean_ligand           59.39 
_refine_hist.pdbx_B_iso_mean_solvent          38.23 
_refine_hist.pdbx_number_atoms_protein        1380 
_refine_hist.pdbx_number_atoms_nucleic_acid   0 
# 
loop_
_refine_ls_restr.pdbx_refine_id 
_refine_ls_restr.type 
_refine_ls_restr.number 
_refine_ls_restr.dev_ideal 
_refine_ls_restr.dev_ideal_target 
_refine_ls_restr.weight 
_refine_ls_restr.pdbx_restraint_function 
'X-RAY DIFFRACTION' r_bond_refined_d       1704 0.011  0.014  ? ? 
'X-RAY DIFFRACTION' r_bond_other_d         1488 0.001  0.017  ? ? 
'X-RAY DIFFRACTION' r_angle_refined_deg    2174 1.595  1.674  ? ? 
'X-RAY DIFFRACTION' r_angle_other_deg      3472 1.259  1.607  ? ? 
'X-RAY DIFFRACTION' r_dihedral_angle_1_deg 197  7.535  5.000  ? ? 
'X-RAY DIFFRACTION' r_dihedral_angle_2_deg 74   30.295 22.432 ? ? 
'X-RAY DIFFRACTION' r_dihedral_angle_3_deg 279  15.903 15.000 ? ? 
'X-RAY DIFFRACTION' r_dihedral_angle_4_deg 8    13.472 15.000 ? ? 
'X-RAY DIFFRACTION' r_chiral_restr         202  0.074  0.200  ? ? 
'X-RAY DIFFRACTION' r_gen_planes_refined   1881 0.007  0.020  ? ? 
'X-RAY DIFFRACTION' r_gen_planes_other     335  0.002  0.020  ? ? 
'X-RAY DIFFRACTION' r_mcbond_it            819  2.056  2.928  ? ? 
'X-RAY DIFFRACTION' r_mcbond_other         817  2.059  2.934  ? ? 
'X-RAY DIFFRACTION' r_mcangle_it           969  3.228  4.401  ? ? 
# 
_refine_ls_shell.d_res_high                       1.8690 
_refine_ls_shell.d_res_low                        1.9170 
_refine_ls_shell.pdbx_total_number_of_bins_used   20 
_refine_ls_shell.percent_reflns_obs               87.6300 
_refine_ls_shell.number_reflns_R_work             979 
_refine_ls_shell.R_factor_all                     ? 
_refine_ls_shell.R_factor_R_work                  0.5510 
_refine_ls_shell.R_factor_R_free                  0.5310 
_refine_ls_shell.percent_reflns_R_free            ? 
_refine_ls_shell.number_reflns_R_free             41 
_refine_ls_shell.R_factor_R_free_error            ? 
_refine_ls_shell.number_reflns_all                1020 
_refine_ls_shell.number_reflns_obs                ? 
_refine_ls_shell.pdbx_refine_id                   'X-RAY DIFFRACTION' 
# 
_struct.entry_id                  5QSG 
_struct.title                     
'PanDDA analysis group deposition -- Crystal Structure of human Brachyury G177D variant in complex with Z2856434903' 
_struct.pdbx_model_details        ? 
_struct.pdbx_CASP_flag            ? 
_struct.pdbx_model_type_details   ? 
# 
_struct_keywords.entry_id        5QSG 
_struct_keywords.text            'SGC - Diamond I04-1 fragment screening, PanDDA, XChemExplorer, TRANSCRIPTION' 
_struct_keywords.pdbx_keywords   TRANSCRIPTION 
# 
loop_
_struct_asym.id 
_struct_asym.pdbx_blank_PDB_chainid_flag 
_struct_asym.pdbx_modified 
_struct_asym.entity_id 
_struct_asym.details 
A N N 1 ? 
B N N 2 ? 
C N N 3 ? 
# 
_struct_ref.id                         1 
_struct_ref.db_name                    UNP 
_struct_ref.db_code                    TBXT_HUMAN 
_struct_ref.pdbx_db_accession          O15178 
_struct_ref.pdbx_db_isoform            ? 
_struct_ref.entity_id                  1 
_struct_ref.pdbx_seq_one_letter_code   
;ELRVGLEESELWLRFKELTNEMIVTKNGRRMFPVLKVNVSGLDPNAMYSFLLDFVAADNHRWKYVNGEWVPGGKPEPQAP
SCVYIHPDSPNFGAHWMKAPVSFSKVKLTNKLNGGGQIMLNSLHKYEPRIHIVRVGGPQRMITSHCFPETQFIAVTAYQN
EEITALKIKYN
;
_struct_ref.pdbx_align_begin           41 
# 
_struct_ref_seq.align_id                      1 
_struct_ref_seq.ref_id                        1 
_struct_ref_seq.pdbx_PDB_id_code              5QSG 
_struct_ref_seq.pdbx_strand_id                A 
_struct_ref_seq.seq_align_beg                 2 
_struct_ref_seq.pdbx_seq_align_beg_ins_code   ? 
_struct_ref_seq.seq_align_end                 172 
_struct_ref_seq.pdbx_seq_align_end_ins_code   ? 
_struct_ref_seq.pdbx_db_accession             O15178 
_struct_ref_seq.db_align_beg                  41 
_struct_ref_seq.pdbx_db_align_beg_ins_code    ? 
_struct_ref_seq.db_align_end                  211 
_struct_ref_seq.pdbx_db_align_end_ins_code    ? 
_struct_ref_seq.pdbx_auth_seq_align_beg       41 
_struct_ref_seq.pdbx_auth_seq_align_end       211 
# 
loop_
_struct_ref_seq_dif.align_id 
_struct_ref_seq_dif.pdbx_pdb_id_code 
_struct_ref_seq_dif.mon_id 
_struct_ref_seq_dif.pdbx_pdb_strand_id 
_struct_ref_seq_dif.seq_num 
_struct_ref_seq_dif.pdbx_pdb_ins_code 
_struct_ref_seq_dif.pdbx_seq_db_name 
_struct_ref_seq_dif.pdbx_seq_db_accession_code 
_struct_ref_seq_dif.db_mon_id 
_struct_ref_seq_dif.pdbx_seq_db_seq_num 
_struct_ref_seq_dif.details 
_struct_ref_seq_dif.pdbx_auth_seq_num 
_struct_ref_seq_dif.pdbx_ordinal 
1 5QSG GLY A 1   ? UNP O15178 ?   ?   'expression tag'      40  1 
1 5QSG ASP A 138 ? UNP O15178 GLY 177 'engineered mutation' 177 2 
# 
_pdbx_struct_assembly.id                   1 
_pdbx_struct_assembly.details              author_and_software_defined_assembly 
_pdbx_struct_assembly.method_details       PISA 
_pdbx_struct_assembly.oligomeric_details   monomeric 
_pdbx_struct_assembly.oligomeric_count     1 
# 
_pdbx_struct_assembly_gen.assembly_id       1 
_pdbx_struct_assembly_gen.oper_expression   1 
_pdbx_struct_assembly_gen.asym_id_list      A,B,C 
# 
_pdbx_struct_oper_list.id                   1 
_pdbx_struct_oper_list.type                 'identity operation' 
_pdbx_struct_oper_list.name                 1_555 
_pdbx_struct_oper_list.symmetry_operation   x,y,z 
_pdbx_struct_oper_list.matrix[1][1]         1.0000000000 
_pdbx_struct_oper_list.matrix[1][2]         0.0000000000 
_pdbx_struct_oper_list.matrix[1][3]         0.0000000000 
_pdbx_struct_oper_list.vector[1]            0.0000000000 
_pdbx_struct_oper_list.matrix[2][1]         0.0000000000 
_pdbx_struct_oper_list.matrix[2][2]         1.0000000000 
_pdbx_struct_oper_list.matrix[2][3]         0.0000000000 
_pdbx_struct_oper_list.vector[2]            0.0000000000 
_pdbx_struct_oper_list.matrix[3][1]         0.0000000000 
_pdbx_struct_oper_list.matrix[3][2]         0.0000000000 
_pdbx_struct_oper_list.matrix[3][3]         1.0000000000 
_pdbx_struct_oper_list.vector[3]            0.0000000000 
# 
loop_
_struct_conf.conf_type_id 
_struct_conf.id 
_struct_conf.pdbx_PDB_helix_id 
_struct_conf.beg_label_comp_id 
_struct_conf.beg_label_asym_id 
_struct_conf.beg_label_seq_id 
_struct_conf.pdbx_beg_PDB_ins_code 
_struct_conf.end_label_comp_id 
_struct_conf.end_label_asym_id 
_struct_conf.end_label_seq_id 
_struct_conf.pdbx_end_PDB_ins_code 
_struct_conf.beg_auth_comp_id 
_struct_conf.beg_auth_asym_id 
_struct_conf.beg_auth_seq_id 
_struct_conf.end_auth_comp_id 
_struct_conf.end_auth_asym_id 
_struct_conf.end_auth_seq_id 
_struct_conf.pdbx_PDB_helix_class 
_struct_conf.details 
_struct_conf.pdbx_PDB_helix_length 
HELX_P HELX_P1 AA1 GLU A 9   ? GLU A 18  ? GLU A 48  GLU A 57  1 ? 10 
HELX_P HELX_P2 AA2 GLY A 94  ? ALA A 100 ? GLY A 133 ALA A 139 1 ? 7  
HELX_P HELX_P3 AA3 PRO A 149 ? GLN A 152 ? PRO A 188 GLN A 191 5 ? 4  
HELX_P HELX_P4 AA4 ASN A 161 ? TYR A 171 ? ASN A 200 TYR A 210 1 ? 11 
# 
_struct_conf_type.id          HELX_P 
_struct_conf_type.criteria    ? 
_struct_conf_type.reference   ? 
# 
loop_
_struct_mon_prot_cis.pdbx_id 
_struct_mon_prot_cis.label_comp_id 
_struct_mon_prot_cis.label_seq_id 
_struct_mon_prot_cis.label_asym_id 
_struct_mon_prot_cis.label_alt_id 
_struct_mon_prot_cis.pdbx_PDB_ins_code 
_struct_mon_prot_cis.auth_comp_id 
_struct_mon_prot_cis.auth_seq_id 
_struct_mon_prot_cis.auth_asym_id 
_struct_mon_prot_cis.pdbx_label_comp_id_2 
_struct_mon_prot_cis.pdbx_label_seq_id_2 
_struct_mon_prot_cis.pdbx_label_asym_id_2 
_struct_mon_prot_cis.pdbx_PDB_ins_code_2 
_struct_mon_prot_cis.pdbx_auth_comp_id_2 
_struct_mon_prot_cis.pdbx_auth_seq_id_2 
_struct_mon_prot_cis.pdbx_auth_asym_id_2 
_struct_mon_prot_cis.pdbx_PDB_model_num 
_struct_mon_prot_cis.pdbx_omega_angle 
1 PHE 33 A . ? PHE 72  A PRO 34 A ? PRO 73  A 1 -4.12  
2 SER 90 A . ? SER 129 A PRO 91 A ? PRO 130 A 1 -12.35 
# 
loop_
_struct_sheet.id 
_struct_sheet.type 
_struct_sheet.number_strands 
_struct_sheet.details 
AA1 ? 3 ? 
AA2 ? 5 ? 
AA3 ? 4 ? 
AA4 ? 3 ? 
AA5 ? 2 ? 
# 
loop_
_struct_sheet_order.sheet_id 
_struct_sheet_order.range_id_1 
_struct_sheet_order.range_id_2 
_struct_sheet_order.offset 
_struct_sheet_order.sense 
AA1 1 2 ? anti-parallel 
AA1 2 3 ? anti-parallel 
AA2 1 2 ? parallel      
AA2 2 3 ? anti-parallel 
AA2 3 4 ? anti-parallel 
AA2 4 5 ? anti-parallel 
AA3 1 2 ? anti-parallel 
AA3 2 3 ? anti-parallel 
AA3 3 4 ? anti-parallel 
AA4 1 2 ? anti-parallel 
AA4 2 3 ? parallel      
AA5 1 2 ? anti-parallel 
# 
loop_
_struct_sheet_range.sheet_id 
_struct_sheet_range.id 
_struct_sheet_range.beg_label_comp_id 
_struct_sheet_range.beg_label_asym_id 
_struct_sheet_range.beg_label_seq_id 
_struct_sheet_range.pdbx_beg_PDB_ins_code 
_struct_sheet_range.end_label_comp_id 
_struct_sheet_range.end_label_asym_id 
_struct_sheet_range.end_label_seq_id 
_struct_sheet_range.pdbx_end_PDB_ins_code 
_struct_sheet_range.beg_auth_comp_id 
_struct_sheet_range.beg_auth_asym_id 
_struct_sheet_range.beg_auth_seq_id 
_struct_sheet_range.end_auth_comp_id 
_struct_sheet_range.end_auth_asym_id 
_struct_sheet_range.end_auth_seq_id 
AA1 1 ARG A 4   ? LEU A 7   ? ARG A 43  LEU A 46  
AA1 2 LYS A 37  ? SER A 41  ? LYS A 76  SER A 80  
AA1 3 VAL A 102 ? SER A 103 ? VAL A 141 SER A 142 
AA2 1 GLU A 22  ? ILE A 24  ? GLU A 61  ILE A 63  
AA2 2 PHE A 153 ? VAL A 156 ? PHE A 192 VAL A 195 
AA2 3 LYS A 126 ? ARG A 135 ? LYS A 165 ARG A 174 
AA2 4 MET A 48  ? ALA A 57  ? MET A 87  ALA A 96  
AA2 5 ASN A 92  ? PHE A 93  ? ASN A 131 PHE A 132 
AA3 1 TYR A 85  ? ILE A 86  ? TYR A 124 ILE A 125 
AA3 2 MET A 48  ? ALA A 57  ? MET A 87  ALA A 96  
AA3 3 LYS A 126 ? ARG A 135 ? LYS A 165 ARG A 174 
AA3 4 ILE A 143 ? CYS A 147 ? ILE A 182 CYS A 186 
AA4 1 ARG A 30  ? ARG A 31  ? ARG A 69  ARG A 70  
AA4 2 LYS A 108 ? THR A 110 ? LYS A 147 THR A 149 
AA4 3 ILE A 119 ? MET A 120 ? ILE A 158 MET A 159 
AA5 1 ARG A 62  ? VAL A 66  ? ARG A 101 VAL A 105 
AA5 2 GLU A 69  ? GLY A 74  ? GLU A 108 GLY A 113 
# 
loop_
_pdbx_struct_sheet_hbond.sheet_id 
_pdbx_struct_sheet_hbond.range_id_1 
_pdbx_struct_sheet_hbond.range_id_2 
_pdbx_struct_sheet_hbond.range_1_label_atom_id 
_pdbx_struct_sheet_hbond.range_1_label_comp_id 
_pdbx_struct_sheet_hbond.range_1_label_asym_id 
_pdbx_struct_sheet_hbond.range_1_label_seq_id 
_pdbx_struct_sheet_hbond.range_1_PDB_ins_code 
_pdbx_struct_sheet_hbond.range_1_auth_atom_id 
_pdbx_struct_sheet_hbond.range_1_auth_comp_id 
_pdbx_struct_sheet_hbond.range_1_auth_asym_id 
_pdbx_struct_sheet_hbond.range_1_auth_seq_id 
_pdbx_struct_sheet_hbond.range_2_label_atom_id 
_pdbx_struct_sheet_hbond.range_2_label_comp_id 
_pdbx_struct_sheet_hbond.range_2_label_asym_id 
_pdbx_struct_sheet_hbond.range_2_label_seq_id 
_pdbx_struct_sheet_hbond.range_2_PDB_ins_code 
_pdbx_struct_sheet_hbond.range_2_auth_atom_id 
_pdbx_struct_sheet_hbond.range_2_auth_comp_id 
_pdbx_struct_sheet_hbond.range_2_auth_asym_id 
_pdbx_struct_sheet_hbond.range_2_auth_seq_id 
AA1 1 2 N GLY A 6   ? N GLY A 45  O ASN A 39  ? O ASN A 78  
AA1 2 3 N VAL A 38  ? N VAL A 77  O VAL A 102 ? O VAL A 141 
AA2 1 2 N MET A 23  ? N MET A 62  O VAL A 156 ? O VAL A 195 
AA2 2 3 O PHE A 153 ? O PHE A 192 N TYR A 127 ? N TYR A 166 
AA2 3 4 O HIS A 132 ? O HIS A 171 N LEU A 52  ? N LEU A 91  
AA2 4 5 N TYR A 49  ? N TYR A 88  O ASN A 92  ? O ASN A 131 
AA3 1 2 O TYR A 85  ? O TYR A 124 N LEU A 53  ? N LEU A 92  
AA3 2 3 N LEU A 52  ? N LEU A 91  O HIS A 132 ? O HIS A 171 
AA3 3 4 N ILE A 131 ? N ILE A 170 O HIS A 146 ? O HIS A 185 
AA4 1 2 N ARG A 30  ? N ARG A 69  O LEU A 109 ? O LEU A 148 
AA4 2 3 N THR A 110 ? N THR A 149 O ILE A 119 ? O ILE A 158 
AA5 1 2 N VAL A 66  ? N VAL A 105 O GLU A 69  ? O GLU A 108 
# 
_struct_site.id                   AC1 
_struct_site.pdbx_evidence_code   Software 
_struct_site.pdbx_auth_asym_id    A 
_struct_site.pdbx_auth_comp_id    O1A 
_struct_site.pdbx_auth_seq_id     301 
_struct_site.pdbx_auth_ins_code   ? 
_struct_site.pdbx_num_residues    6 
_struct_site.details              'binding site for residue O1A A 301' 
# 
loop_
_struct_site_gen.id 
_struct_site_gen.site_id 
_struct_site_gen.pdbx_num_res 
_struct_site_gen.label_comp_id 
_struct_site_gen.label_asym_id 
_struct_site_gen.label_seq_id 
_struct_site_gen.pdbx_auth_ins_code 
_struct_site_gen.auth_comp_id 
_struct_site_gen.auth_asym_id 
_struct_site_gen.auth_seq_id 
_struct_site_gen.label_atom_id 
_struct_site_gen.label_alt_id 
_struct_site_gen.symmetry 
_struct_site_gen.details 
1 AC1 6 GLU A 9   ? GLU A 48  . ? 4_555 ? 
2 AC1 6 GLU A 9   ? GLU A 48  . ? 1_555 ? 
3 AC1 6 LEU A 12  ? LEU A 51  . ? 1_555 ? 
4 AC1 6 ARG A 15  ? ARG A 54  . ? 1_555 ? 
5 AC1 6 TYR A 171 ? TYR A 210 . ? 1_555 ? 
6 AC1 6 TYR A 171 ? TYR A 210 . ? 4_555 ? 
# 
_pdbx_validate_close_contact.id               1 
_pdbx_validate_close_contact.PDB_model_num    1 
_pdbx_validate_close_contact.auth_atom_id_1   NH1 
_pdbx_validate_close_contact.auth_asym_id_1   A 
_pdbx_validate_close_contact.auth_comp_id_1   ARG 
_pdbx_validate_close_contact.auth_seq_id_1    43 
_pdbx_validate_close_contact.PDB_ins_code_1   ? 
_pdbx_validate_close_contact.label_alt_id_1   ? 
_pdbx_validate_close_contact.auth_atom_id_2   O 
_pdbx_validate_close_contact.auth_asym_id_2   A 
_pdbx_validate_close_contact.auth_comp_id_2   HOH 
_pdbx_validate_close_contact.auth_seq_id_2    401 
_pdbx_validate_close_contact.PDB_ins_code_2   ? 
_pdbx_validate_close_contact.label_alt_id_2   ? 
_pdbx_validate_close_contact.dist             1.95 
# 
loop_
_pdbx_validate_torsion.id 
_pdbx_validate_torsion.PDB_model_num 
_pdbx_validate_torsion.auth_comp_id 
_pdbx_validate_torsion.auth_asym_id 
_pdbx_validate_torsion.auth_seq_id 
_pdbx_validate_torsion.PDB_ins_code 
_pdbx_validate_torsion.label_alt_id 
_pdbx_validate_torsion.phi 
_pdbx_validate_torsion.psi 
1 1 THR A 59  ? ? 74.61   115.94 
2 1 PHE A 143 ? ? -100.47 52.34  
3 1 PHE A 143 ? ? -98.49  52.34  
4 1 LEU A 152 ? ? -48.78  73.97  
# 
_pdbx_struct_special_symmetry.id              1 
_pdbx_struct_special_symmetry.PDB_model_num   1 
_pdbx_struct_special_symmetry.auth_asym_id    A 
_pdbx_struct_special_symmetry.auth_comp_id    HOH 
_pdbx_struct_special_symmetry.auth_seq_id     527 
_pdbx_struct_special_symmetry.PDB_ins_code    ? 
_pdbx_struct_special_symmetry.label_asym_id   C 
_pdbx_struct_special_symmetry.label_comp_id   HOH 
_pdbx_struct_special_symmetry.label_seq_id    . 
# 
_phasing.method   MR 
# 
_pdbx_entry_details.entry_id                 5QSG 
_pdbx_entry_details.has_ligand_of_interest   Y 
_pdbx_entry_details.compound_details         ? 
_pdbx_entry_details.source_details           ? 
_pdbx_entry_details.nonpolymer_details       ? 
_pdbx_entry_details.sequence_details         ? 
# 
_pdbx_unobs_or_zero_occ_residues.id               1 
_pdbx_unobs_or_zero_occ_residues.PDB_model_num    1 
_pdbx_unobs_or_zero_occ_residues.polymer_flag     Y 
_pdbx_unobs_or_zero_occ_residues.occupancy_flag   1 
_pdbx_unobs_or_zero_occ_residues.auth_asym_id     A 
_pdbx_unobs_or_zero_occ_residues.auth_comp_id     GLY 
_pdbx_unobs_or_zero_occ_residues.auth_seq_id      40 
_pdbx_unobs_or_zero_occ_residues.PDB_ins_code     ? 
_pdbx_unobs_or_zero_occ_residues.label_asym_id    A 
_pdbx_unobs_or_zero_occ_residues.label_comp_id    GLY 
_pdbx_unobs_or_zero_occ_residues.label_seq_id     1 
# 
loop_
_chem_comp_atom.comp_id 
_chem_comp_atom.atom_id 
_chem_comp_atom.type_symbol 
_chem_comp_atom.pdbx_aromatic_flag 
_chem_comp_atom.pdbx_stereo_config 
_chem_comp_atom.pdbx_ordinal 
ALA N    N N N 1   
ALA CA   C N S 2   
ALA C    C N N 3   
ALA O    O N N 4   
ALA CB   C N N 5   
ALA OXT  O N N 6   
ALA H    H N N 7   
ALA H2   H N N 8   
ALA HA   H N N 9   
ALA HB1  H N N 10  
ALA HB2  H N N 11  
ALA HB3  H N N 12  
ALA HXT  H N N 13  
ARG N    N N N 14  
ARG CA   C N S 15  
ARG C    C N N 16  
ARG O    O N N 17  
ARG CB   C N N 18  
ARG CG   C N N 19  
ARG CD   C N N 20  
ARG NE   N N N 21  
ARG CZ   C N N 22  
ARG NH1  N N N 23  
ARG NH2  N N N 24  
ARG OXT  O N N 25  
ARG H    H N N 26  
ARG H2   H N N 27  
ARG HA   H N N 28  
ARG HB2  H N N 29  
ARG HB3  H N N 30  
ARG HG2  H N N 31  
ARG HG3  H N N 32  
ARG HD2  H N N 33  
ARG HD3  H N N 34  
ARG HE   H N N 35  
ARG HH11 H N N 36  
ARG HH12 H N N 37  
ARG HH21 H N N 38  
ARG HH22 H N N 39  
ARG HXT  H N N 40  
ASN N    N N N 41  
ASN CA   C N S 42  
ASN C    C N N 43  
ASN O    O N N 44  
ASN CB   C N N 45  
ASN CG   C N N 46  
ASN OD1  O N N 47  
ASN ND2  N N N 48  
ASN OXT  O N N 49  
ASN H    H N N 50  
ASN H2   H N N 51  
ASN HA   H N N 52  
ASN HB2  H N N 53  
ASN HB3  H N N 54  
ASN HD21 H N N 55  
ASN HD22 H N N 56  
ASN HXT  H N N 57  
ASP N    N N N 58  
ASP CA   C N S 59  
ASP C    C N N 60  
ASP O    O N N 61  
ASP CB   C N N 62  
ASP CG   C N N 63  
ASP OD1  O N N 64  
ASP OD2  O N N 65  
ASP OXT  O N N 66  
ASP H    H N N 67  
ASP H2   H N N 68  
ASP HA   H N N 69  
ASP HB2  H N N 70  
ASP HB3  H N N 71  
ASP HD2  H N N 72  
ASP HXT  H N N 73  
CYS N    N N N 74  
CYS CA   C N R 75  
CYS C    C N N 76  
CYS O    O N N 77  
CYS CB   C N N 78  
CYS SG   S N N 79  
CYS OXT  O N N 80  
CYS H    H N N 81  
CYS H2   H N N 82  
CYS HA   H N N 83  
CYS HB2  H N N 84  
CYS HB3  H N N 85  
CYS HG   H N N 86  
CYS HXT  H N N 87  
GLN N    N N N 88  
GLN CA   C N S 89  
GLN C    C N N 90  
GLN O    O N N 91  
GLN CB   C N N 92  
GLN CG   C N N 93  
GLN CD   C N N 94  
GLN OE1  O N N 95  
GLN NE2  N N N 96  
GLN OXT  O N N 97  
GLN H    H N N 98  
GLN H2   H N N 99  
GLN HA   H N N 100 
GLN HB2  H N N 101 
GLN HB3  H N N 102 
GLN HG2  H N N 103 
GLN HG3  H N N 104 
GLN HE21 H N N 105 
GLN HE22 H N N 106 
GLN HXT  H N N 107 
GLU N    N N N 108 
GLU CA   C N S 109 
GLU C    C N N 110 
GLU O    O N N 111 
GLU CB   C N N 112 
GLU CG   C N N 113 
GLU CD   C N N 114 
GLU OE1  O N N 115 
GLU OE2  O N N 116 
GLU OXT  O N N 117 
GLU H    H N N 118 
GLU H2   H N N 119 
GLU HA   H N N 120 
GLU HB2  H N N 121 
GLU HB3  H N N 122 
GLU HG2  H N N 123 
GLU HG3  H N N 124 
GLU HE2  H N N 125 
GLU HXT  H N N 126 
GLY N    N N N 127 
GLY CA   C N N 128 
GLY C    C N N 129 
GLY O    O N N 130 
GLY OXT  O N N 131 
GLY H    H N N 132 
GLY H2   H N N 133 
GLY HA2  H N N 134 
GLY HA3  H N N 135 
GLY HXT  H N N 136 
HIS N    N N N 137 
HIS CA   C N S 138 
HIS C    C N N 139 
HIS O    O N N 140 
HIS CB   C N N 141 
HIS CG   C Y N 142 
HIS ND1  N Y N 143 
HIS CD2  C Y N 144 
HIS CE1  C Y N 145 
HIS NE2  N Y N 146 
HIS OXT  O N N 147 
HIS H    H N N 148 
HIS H2   H N N 149 
HIS HA   H N N 150 
HIS HB2  H N N 151 
HIS HB3  H N N 152 
HIS HD1  H N N 153 
HIS HD2  H N N 154 
HIS HE1  H N N 155 
HIS HE2  H N N 156 
HIS HXT  H N N 157 
HOH O    O N N 158 
HOH H1   H N N 159 
HOH H2   H N N 160 
ILE N    N N N 161 
ILE CA   C N S 162 
ILE C    C N N 163 
ILE O    O N N 164 
ILE CB   C N S 165 
ILE CG1  C N N 166 
ILE CG2  C N N 167 
ILE CD1  C N N 168 
ILE OXT  O N N 169 
ILE H    H N N 170 
ILE H2   H N N 171 
ILE HA   H N N 172 
ILE HB   H N N 173 
ILE HG12 H N N 174 
ILE HG13 H N N 175 
ILE HG21 H N N 176 
ILE HG22 H N N 177 
ILE HG23 H N N 178 
ILE HD11 H N N 179 
ILE HD12 H N N 180 
ILE HD13 H N N 181 
ILE HXT  H N N 182 
LEU N    N N N 183 
LEU CA   C N S 184 
LEU C    C N N 185 
LEU O    O N N 186 
LEU CB   C N N 187 
LEU CG   C N N 188 
LEU CD1  C N N 189 
LEU CD2  C N N 190 
LEU OXT  O N N 191 
LEU H    H N N 192 
LEU H2   H N N 193 
LEU HA   H N N 194 
LEU HB2  H N N 195 
LEU HB3  H N N 196 
LEU HG   H N N 197 
LEU HD11 H N N 198 
LEU HD12 H N N 199 
LEU HD13 H N N 200 
LEU HD21 H N N 201 
LEU HD22 H N N 202 
LEU HD23 H N N 203 
LEU HXT  H N N 204 
LYS N    N N N 205 
LYS CA   C N S 206 
LYS C    C N N 207 
LYS O    O N N 208 
LYS CB   C N N 209 
LYS CG   C N N 210 
LYS CD   C N N 211 
LYS CE   C N N 212 
LYS NZ   N N N 213 
LYS OXT  O N N 214 
LYS H    H N N 215 
LYS H2   H N N 216 
LYS HA   H N N 217 
LYS HB2  H N N 218 
LYS HB3  H N N 219 
LYS HG2  H N N 220 
LYS HG3  H N N 221 
LYS HD2  H N N 222 
LYS HD3  H N N 223 
LYS HE2  H N N 224 
LYS HE3  H N N 225 
LYS HZ1  H N N 226 
LYS HZ2  H N N 227 
LYS HZ3  H N N 228 
LYS HXT  H N N 229 
MET N    N N N 230 
MET CA   C N S 231 
MET C    C N N 232 
MET O    O N N 233 
MET CB   C N N 234 
MET CG   C N N 235 
MET SD   S N N 236 
MET CE   C N N 237 
MET OXT  O N N 238 
MET H    H N N 239 
MET H2   H N N 240 
MET HA   H N N 241 
MET HB2  H N N 242 
MET HB3  H N N 243 
MET HG2  H N N 244 
MET HG3  H N N 245 
MET HE1  H N N 246 
MET HE2  H N N 247 
MET HE3  H N N 248 
MET HXT  H N N 249 
O1A N1   N N N 250 
O1A C4   C N N 251 
O1A C5   C Y N 252 
O1A C6   C Y N 253 
O1A C7   C Y N 254 
O1A C8   C Y N 255 
O1A C10  C N N 256 
O1A N    N N N 257 
O1A C    C N N 258 
O1A O    O N N 259 
O1A C1   C N N 260 
O1A C11  C Y N 261 
O1A C12  C Y N 262 
O1A C2   C N N 263 
O1A C3   C N N 264 
O1A C9   C N N 265 
O1A N2   N N N 266 
O1A H1   H N N 267 
O1A H2   H N N 268 
O1A H3   H N N 269 
O1A H4   H N N 270 
O1A H5   H N N 271 
O1A H6   H N N 272 
O1A H7   H N N 273 
O1A H9   H N N 274 
O1A H10  H N N 275 
O1A H11  H N N 276 
O1A H12  H N N 277 
O1A H13  H N N 278 
O1A H14  H N N 279 
O1A H15  H N N 280 
O1A H16  H N N 281 
O1A H17  H N N 282 
O1A H18  H N N 283 
O1A H19  H N N 284 
O1A H20  H N N 285 
PHE N    N N N 286 
PHE CA   C N S 287 
PHE C    C N N 288 
PHE O    O N N 289 
PHE CB   C N N 290 
PHE CG   C Y N 291 
PHE CD1  C Y N 292 
PHE CD2  C Y N 293 
PHE CE1  C Y N 294 
PHE CE2  C Y N 295 
PHE CZ   C Y N 296 
PHE OXT  O N N 297 
PHE H    H N N 298 
PHE H2   H N N 299 
PHE HA   H N N 300 
PHE HB2  H N N 301 
PHE HB3  H N N 302 
PHE HD1  H N N 303 
PHE HD2  H N N 304 
PHE HE1  H N N 305 
PHE HE2  H N N 306 
PHE HZ   H N N 307 
PHE HXT  H N N 308 
PRO N    N N N 309 
PRO CA   C N S 310 
PRO C    C N N 311 
PRO O    O N N 312 
PRO CB   C N N 313 
PRO CG   C N N 314 
PRO CD   C N N 315 
PRO OXT  O N N 316 
PRO H    H N N 317 
PRO HA   H N N 318 
PRO HB2  H N N 319 
PRO HB3  H N N 320 
PRO HG2  H N N 321 
PRO HG3  H N N 322 
PRO HD2  H N N 323 
PRO HD3  H N N 324 
PRO HXT  H N N 325 
SER N    N N N 326 
SER CA   C N S 327 
SER C    C N N 328 
SER O    O N N 329 
SER CB   C N N 330 
SER OG   O N N 331 
SER OXT  O N N 332 
SER H    H N N 333 
SER H2   H N N 334 
SER HA   H N N 335 
SER HB2  H N N 336 
SER HB3  H N N 337 
SER HG   H N N 338 
SER HXT  H N N 339 
THR N    N N N 340 
THR CA   C N S 341 
THR C    C N N 342 
THR O    O N N 343 
THR CB   C N R 344 
THR OG1  O N N 345 
THR CG2  C N N 346 
THR OXT  O N N 347 
THR H    H N N 348 
THR H2   H N N 349 
THR HA   H N N 350 
THR HB   H N N 351 
THR HG1  H N N 352 
THR HG21 H N N 353 
THR HG22 H N N 354 
THR HG23 H N N 355 
THR HXT  H N N 356 
TRP N    N N N 357 
TRP CA   C N S 358 
TRP C    C N N 359 
TRP O    O N N 360 
TRP CB   C N N 361 
TRP CG   C Y N 362 
TRP CD1  C Y N 363 
TRP CD2  C Y N 364 
TRP NE1  N Y N 365 
TRP CE2  C Y N 366 
TRP CE3  C Y N 367 
TRP CZ2  C Y N 368 
TRP CZ3  C Y N 369 
TRP CH2  C Y N 370 
TRP OXT  O N N 371 
TRP H    H N N 372 
TRP H2   H N N 373 
TRP HA   H N N 374 
TRP HB2  H N N 375 
TRP HB3  H N N 376 
TRP HD1  H N N 377 
TRP HE1  H N N 378 
TRP HE3  H N N 379 
TRP HZ2  H N N 380 
TRP HZ3  H N N 381 
TRP HH2  H N N 382 
TRP HXT  H N N 383 
TYR N    N N N 384 
TYR CA   C N S 385 
TYR C    C N N 386 
TYR O    O N N 387 
TYR CB   C N N 388 
TYR CG   C Y N 389 
TYR CD1  C Y N 390 
TYR CD2  C Y N 391 
TYR CE1  C Y N 392 
TYR CE2  C Y N 393 
TYR CZ   C Y N 394 
TYR OH   O N N 395 
TYR OXT  O N N 396 
TYR H    H N N 397 
TYR H2   H N N 398 
TYR HA   H N N 399 
TYR HB2  H N N 400 
TYR HB3  H N N 401 
TYR HD1  H N N 402 
TYR HD2  H N N 403 
TYR HE1  H N N 404 
TYR HE2  H N N 405 
TYR HH   H N N 406 
TYR HXT  H N N 407 
VAL N    N N N 408 
VAL CA   C N S 409 
VAL C    C N N 410 
VAL O    O N N 411 
VAL CB   C N N 412 
VAL CG1  C N N 413 
VAL CG2  C N N 414 
VAL OXT  O N N 415 
VAL H    H N N 416 
VAL H2   H N N 417 
VAL HA   H N N 418 
VAL HB   H N N 419 
VAL HG11 H N N 420 
VAL HG12 H N N 421 
VAL HG13 H N N 422 
VAL HG21 H N N 423 
VAL HG22 H N N 424 
VAL HG23 H N N 425 
VAL HXT  H N N 426 
# 
loop_
_chem_comp_bond.comp_id 
_chem_comp_bond.atom_id_1 
_chem_comp_bond.atom_id_2 
_chem_comp_bond.value_order 
_chem_comp_bond.pdbx_aromatic_flag 
_chem_comp_bond.pdbx_stereo_config 
_chem_comp_bond.pdbx_ordinal 
ALA N   CA   sing N N 1   
ALA N   H    sing N N 2   
ALA N   H2   sing N N 3   
ALA CA  C    sing N N 4   
ALA CA  CB   sing N N 5   
ALA CA  HA   sing N N 6   
ALA C   O    doub N N 7   
ALA C   OXT  sing N N 8   
ALA CB  HB1  sing N N 9   
ALA CB  HB2  sing N N 10  
ALA CB  HB3  sing N N 11  
ALA OXT HXT  sing N N 12  
ARG N   CA   sing N N 13  
ARG N   H    sing N N 14  
ARG N   H2   sing N N 15  
ARG CA  C    sing N N 16  
ARG CA  CB   sing N N 17  
ARG CA  HA   sing N N 18  
ARG C   O    doub N N 19  
ARG C   OXT  sing N N 20  
ARG CB  CG   sing N N 21  
ARG CB  HB2  sing N N 22  
ARG CB  HB3  sing N N 23  
ARG CG  CD   sing N N 24  
ARG CG  HG2  sing N N 25  
ARG CG  HG3  sing N N 26  
ARG CD  NE   sing N N 27  
ARG CD  HD2  sing N N 28  
ARG CD  HD3  sing N N 29  
ARG NE  CZ   sing N N 30  
ARG NE  HE   sing N N 31  
ARG CZ  NH1  sing N N 32  
ARG CZ  NH2  doub N N 33  
ARG NH1 HH11 sing N N 34  
ARG NH1 HH12 sing N N 35  
ARG NH2 HH21 sing N N 36  
ARG NH2 HH22 sing N N 37  
ARG OXT HXT  sing N N 38  
ASN N   CA   sing N N 39  
ASN N   H    sing N N 40  
ASN N   H2   sing N N 41  
ASN CA  C    sing N N 42  
ASN CA  CB   sing N N 43  
ASN CA  HA   sing N N 44  
ASN C   O    doub N N 45  
ASN C   OXT  sing N N 46  
ASN CB  CG   sing N N 47  
ASN CB  HB2  sing N N 48  
ASN CB  HB3  sing N N 49  
ASN CG  OD1  doub N N 50  
ASN CG  ND2  sing N N 51  
ASN ND2 HD21 sing N N 52  
ASN ND2 HD22 sing N N 53  
ASN OXT HXT  sing N N 54  
ASP N   CA   sing N N 55  
ASP N   H    sing N N 56  
ASP N   H2   sing N N 57  
ASP CA  C    sing N N 58  
ASP CA  CB   sing N N 59  
ASP CA  HA   sing N N 60  
ASP C   O    doub N N 61  
ASP C   OXT  sing N N 62  
ASP CB  CG   sing N N 63  
ASP CB  HB2  sing N N 64  
ASP CB  HB3  sing N N 65  
ASP CG  OD1  doub N N 66  
ASP CG  OD2  sing N N 67  
ASP OD2 HD2  sing N N 68  
ASP OXT HXT  sing N N 69  
CYS N   CA   sing N N 70  
CYS N   H    sing N N 71  
CYS N   H2   sing N N 72  
CYS CA  C    sing N N 73  
CYS CA  CB   sing N N 74  
CYS CA  HA   sing N N 75  
CYS C   O    doub N N 76  
CYS C   OXT  sing N N 77  
CYS CB  SG   sing N N 78  
CYS CB  HB2  sing N N 79  
CYS CB  HB3  sing N N 80  
CYS SG  HG   sing N N 81  
CYS OXT HXT  sing N N 82  
GLN N   CA   sing N N 83  
GLN N   H    sing N N 84  
GLN N   H2   sing N N 85  
GLN CA  C    sing N N 86  
GLN CA  CB   sing N N 87  
GLN CA  HA   sing N N 88  
GLN C   O    doub N N 89  
GLN C   OXT  sing N N 90  
GLN CB  CG   sing N N 91  
GLN CB  HB2  sing N N 92  
GLN CB  HB3  sing N N 93  
GLN CG  CD   sing N N 94  
GLN CG  HG2  sing N N 95  
GLN CG  HG3  sing N N 96  
GLN CD  OE1  doub N N 97  
GLN CD  NE2  sing N N 98  
GLN NE2 HE21 sing N N 99  
GLN NE2 HE22 sing N N 100 
GLN OXT HXT  sing N N 101 
GLU N   CA   sing N N 102 
GLU N   H    sing N N 103 
GLU N   H2   sing N N 104 
GLU CA  C    sing N N 105 
GLU CA  CB   sing N N 106 
GLU CA  HA   sing N N 107 
GLU C   O    doub N N 108 
GLU C   OXT  sing N N 109 
GLU CB  CG   sing N N 110 
GLU CB  HB2  sing N N 111 
GLU CB  HB3  sing N N 112 
GLU CG  CD   sing N N 113 
GLU CG  HG2  sing N N 114 
GLU CG  HG3  sing N N 115 
GLU CD  OE1  doub N N 116 
GLU CD  OE2  sing N N 117 
GLU OE2 HE2  sing N N 118 
GLU OXT HXT  sing N N 119 
GLY N   CA   sing N N 120 
GLY N   H    sing N N 121 
GLY N   H2   sing N N 122 
GLY CA  C    sing N N 123 
GLY CA  HA2  sing N N 124 
GLY CA  HA3  sing N N 125 
GLY C   O    doub N N 126 
GLY C   OXT  sing N N 127 
GLY OXT HXT  sing N N 128 
HIS N   CA   sing N N 129 
HIS N   H    sing N N 130 
HIS N   H2   sing N N 131 
HIS CA  C    sing N N 132 
HIS CA  CB   sing N N 133 
HIS CA  HA   sing N N 134 
HIS C   O    doub N N 135 
HIS C   OXT  sing N N 136 
HIS CB  CG   sing N N 137 
HIS CB  HB2  sing N N 138 
HIS CB  HB3  sing N N 139 
HIS CG  ND1  sing Y N 140 
HIS CG  CD2  doub Y N 141 
HIS ND1 CE1  doub Y N 142 
HIS ND1 HD1  sing N N 143 
HIS CD2 NE2  sing Y N 144 
HIS CD2 HD2  sing N N 145 
HIS CE1 NE2  sing Y N 146 
HIS CE1 HE1  sing N N 147 
HIS NE2 HE2  sing N N 148 
HIS OXT HXT  sing N N 149 
HOH O   H1   sing N N 150 
HOH O   H2   sing N N 151 
ILE N   CA   sing N N 152 
ILE N   H    sing N N 153 
ILE N   H2   sing N N 154 
ILE CA  C    sing N N 155 
ILE CA  CB   sing N N 156 
ILE CA  HA   sing N N 157 
ILE C   O    doub N N 158 
ILE C   OXT  sing N N 159 
ILE CB  CG1  sing N N 160 
ILE CB  CG2  sing N N 161 
ILE CB  HB   sing N N 162 
ILE CG1 CD1  sing N N 163 
ILE CG1 HG12 sing N N 164 
ILE CG1 HG13 sing N N 165 
ILE CG2 HG21 sing N N 166 
ILE CG2 HG22 sing N N 167 
ILE CG2 HG23 sing N N 168 
ILE CD1 HD11 sing N N 169 
ILE CD1 HD12 sing N N 170 
ILE CD1 HD13 sing N N 171 
ILE OXT HXT  sing N N 172 
LEU N   CA   sing N N 173 
LEU N   H    sing N N 174 
LEU N   H2   sing N N 175 
LEU CA  C    sing N N 176 
LEU CA  CB   sing N N 177 
LEU CA  HA   sing N N 178 
LEU C   O    doub N N 179 
LEU C   OXT  sing N N 180 
LEU CB  CG   sing N N 181 
LEU CB  HB2  sing N N 182 
LEU CB  HB3  sing N N 183 
LEU CG  CD1  sing N N 184 
LEU CG  CD2  sing N N 185 
LEU CG  HG   sing N N 186 
LEU CD1 HD11 sing N N 187 
LEU CD1 HD12 sing N N 188 
LEU CD1 HD13 sing N N 189 
LEU CD2 HD21 sing N N 190 
LEU CD2 HD22 sing N N 191 
LEU CD2 HD23 sing N N 192 
LEU OXT HXT  sing N N 193 
LYS N   CA   sing N N 194 
LYS N   H    sing N N 195 
LYS N   H2   sing N N 196 
LYS CA  C    sing N N 197 
LYS CA  CB   sing N N 198 
LYS CA  HA   sing N N 199 
LYS C   O    doub N N 200 
LYS C   OXT  sing N N 201 
LYS CB  CG   sing N N 202 
LYS CB  HB2  sing N N 203 
LYS CB  HB3  sing N N 204 
LYS CG  CD   sing N N 205 
LYS CG  HG2  sing N N 206 
LYS CG  HG3  sing N N 207 
LYS CD  CE   sing N N 208 
LYS CD  HD2  sing N N 209 
LYS CD  HD3  sing N N 210 
LYS CE  NZ   sing N N 211 
LYS CE  HE2  sing N N 212 
LYS CE  HE3  sing N N 213 
LYS NZ  HZ1  sing N N 214 
LYS NZ  HZ2  sing N N 215 
LYS NZ  HZ3  sing N N 216 
LYS OXT HXT  sing N N 217 
MET N   CA   sing N N 218 
MET N   H    sing N N 219 
MET N   H2   sing N N 220 
MET CA  C    sing N N 221 
MET CA  CB   sing N N 222 
MET CA  HA   sing N N 223 
MET C   O    doub N N 224 
MET C   OXT  sing N N 225 
MET CB  CG   sing N N 226 
MET CB  HB2  sing N N 227 
MET CB  HB3  sing N N 228 
MET CG  SD   sing N N 229 
MET CG  HG2  sing N N 230 
MET CG  HG3  sing N N 231 
MET SD  CE   sing N N 232 
MET CE  HE1  sing N N 233 
MET CE  HE2  sing N N 234 
MET CE  HE3  sing N N 235 
MET OXT HXT  sing N N 236 
O1A O   C9   doub N N 237 
O1A C9  C10  sing N N 238 
O1A C9  N2   sing N N 239 
O1A N2  C8   sing N N 240 
O1A C8  C11  doub Y N 241 
O1A C8  C7   sing Y N 242 
O1A C11 C12  sing Y N 243 
O1A C7  C6   doub Y N 244 
O1A C12 C5   doub Y N 245 
O1A C6  C5   sing Y N 246 
O1A C5  N1   sing N N 247 
O1A N1  C2   sing N N 248 
O1A N1  C3   sing N N 249 
O1A C2  C1   sing N N 250 
O1A C3  C4   sing N N 251 
O1A C1  N    sing N N 252 
O1A C4  N    sing N N 253 
O1A N   C    sing N N 254 
O1A C4  H1   sing N N 255 
O1A C4  H2   sing N N 256 
O1A C6  H3   sing N N 257 
O1A C7  H4   sing N N 258 
O1A C10 H5   sing N N 259 
O1A C10 H6   sing N N 260 
O1A C10 H7   sing N N 261 
O1A C   H9   sing N N 262 
O1A C   H10  sing N N 263 
O1A C   H11  sing N N 264 
O1A C1  H12  sing N N 265 
O1A C1  H13  sing N N 266 
O1A C11 H14  sing N N 267 
O1A C12 H15  sing N N 268 
O1A C2  H16  sing N N 269 
O1A C2  H17  sing N N 270 
O1A C3  H18  sing N N 271 
O1A C3  H19  sing N N 272 
O1A N2  H20  sing N N 273 
PHE N   CA   sing N N 274 
PHE N   H    sing N N 275 
PHE N   H2   sing N N 276 
PHE CA  C    sing N N 277 
PHE CA  CB   sing N N 278 
PHE CA  HA   sing N N 279 
PHE C   O    doub N N 280 
PHE C   OXT  sing N N 281 
PHE CB  CG   sing N N 282 
PHE CB  HB2  sing N N 283 
PHE CB  HB3  sing N N 284 
PHE CG  CD1  doub Y N 285 
PHE CG  CD2  sing Y N 286 
PHE CD1 CE1  sing Y N 287 
PHE CD1 HD1  sing N N 288 
PHE CD2 CE2  doub Y N 289 
PHE CD2 HD2  sing N N 290 
PHE CE1 CZ   doub Y N 291 
PHE CE1 HE1  sing N N 292 
PHE CE2 CZ   sing Y N 293 
PHE CE2 HE2  sing N N 294 
PHE CZ  HZ   sing N N 295 
PHE OXT HXT  sing N N 296 
PRO N   CA   sing N N 297 
PRO N   CD   sing N N 298 
PRO N   H    sing N N 299 
PRO CA  C    sing N N 300 
PRO CA  CB   sing N N 301 
PRO CA  HA   sing N N 302 
PRO C   O    doub N N 303 
PRO C   OXT  sing N N 304 
PRO CB  CG   sing N N 305 
PRO CB  HB2  sing N N 306 
PRO CB  HB3  sing N N 307 
PRO CG  CD   sing N N 308 
PRO CG  HG2  sing N N 309 
PRO CG  HG3  sing N N 310 
PRO CD  HD2  sing N N 311 
PRO CD  HD3  sing N N 312 
PRO OXT HXT  sing N N 313 
SER N   CA   sing N N 314 
SER N   H    sing N N 315 
SER N   H2   sing N N 316 
SER CA  C    sing N N 317 
SER CA  CB   sing N N 318 
SER CA  HA   sing N N 319 
SER C   O    doub N N 320 
SER C   OXT  sing N N 321 
SER CB  OG   sing N N 322 
SER CB  HB2  sing N N 323 
SER CB  HB3  sing N N 324 
SER OG  HG   sing N N 325 
SER OXT HXT  sing N N 326 
THR N   CA   sing N N 327 
THR N   H    sing N N 328 
THR N   H2   sing N N 329 
THR CA  C    sing N N 330 
THR CA  CB   sing N N 331 
THR CA  HA   sing N N 332 
THR C   O    doub N N 333 
THR C   OXT  sing N N 334 
THR CB  OG1  sing N N 335 
THR CB  CG2  sing N N 336 
THR CB  HB   sing N N 337 
THR OG1 HG1  sing N N 338 
THR CG2 HG21 sing N N 339 
THR CG2 HG22 sing N N 340 
THR CG2 HG23 sing N N 341 
THR OXT HXT  sing N N 342 
TRP N   CA   sing N N 343 
TRP N   H    sing N N 344 
TRP N   H2   sing N N 345 
TRP CA  C    sing N N 346 
TRP CA  CB   sing N N 347 
TRP CA  HA   sing N N 348 
TRP C   O    doub N N 349 
TRP C   OXT  sing N N 350 
TRP CB  CG   sing N N 351 
TRP CB  HB2  sing N N 352 
TRP CB  HB3  sing N N 353 
TRP CG  CD1  doub Y N 354 
TRP CG  CD2  sing Y N 355 
TRP CD1 NE1  sing Y N 356 
TRP CD1 HD1  sing N N 357 
TRP CD2 CE2  doub Y N 358 
TRP CD2 CE3  sing Y N 359 
TRP NE1 CE2  sing Y N 360 
TRP NE1 HE1  sing N N 361 
TRP CE2 CZ2  sing Y N 362 
TRP CE3 CZ3  doub Y N 363 
TRP CE3 HE3  sing N N 364 
TRP CZ2 CH2  doub Y N 365 
TRP CZ2 HZ2  sing N N 366 
TRP CZ3 CH2  sing Y N 367 
TRP CZ3 HZ3  sing N N 368 
TRP CH2 HH2  sing N N 369 
TRP OXT HXT  sing N N 370 
TYR N   CA   sing N N 371 
TYR N   H    sing N N 372 
TYR N   H2   sing N N 373 
TYR CA  C    sing N N 374 
TYR CA  CB   sing N N 375 
TYR CA  HA   sing N N 376 
TYR C   O    doub N N 377 
TYR C   OXT  sing N N 378 
TYR CB  CG   sing N N 379 
TYR CB  HB2  sing N N 380 
TYR CB  HB3  sing N N 381 
TYR CG  CD1  doub Y N 382 
TYR CG  CD2  sing Y N 383 
TYR CD1 CE1  sing Y N 384 
TYR CD1 HD1  sing N N 385 
TYR CD2 CE2  doub Y N 386 
TYR CD2 HD2  sing N N 387 
TYR CE1 CZ   doub Y N 388 
TYR CE1 HE1  sing N N 389 
TYR CE2 CZ   sing Y N 390 
TYR CE2 HE2  sing N N 391 
TYR CZ  OH   sing N N 392 
TYR OH  HH   sing N N 393 
TYR OXT HXT  sing N N 394 
VAL N   CA   sing N N 395 
VAL N   H    sing N N 396 
VAL N   H2   sing N N 397 
VAL CA  C    sing N N 398 
VAL CA  CB   sing N N 399 
VAL CA  HA   sing N N 400 
VAL C   O    doub N N 401 
VAL C   OXT  sing N N 402 
VAL CB  CG1  sing N N 403 
VAL CB  CG2  sing N N 404 
VAL CB  HB   sing N N 405 
VAL CG1 HG11 sing N N 406 
VAL CG1 HG12 sing N N 407 
VAL CG1 HG13 sing N N 408 
VAL CG2 HG21 sing N N 409 
VAL CG2 HG22 sing N N 410 
VAL CG2 HG23 sing N N 411 
VAL OXT HXT  sing N N 412 
# 
_pdbx_deposit_group.group_id            G_1002081 
_pdbx_deposit_group.group_description   
;Human Brachyury G177D variant screened against the DSI-poised Fragment Library by X-ray Crystallography at the XChem facility of Diamond Light Source beamline I04-1
;
_pdbx_deposit_group.group_title         'PanDDA analysis group deposition' 
_pdbx_deposit_group.group_type          'changed state' 
# 
_pdbx_entity_instance_feature.ordinal        1 
_pdbx_entity_instance_feature.comp_id        O1A 
_pdbx_entity_instance_feature.asym_id        ? 
_pdbx_entity_instance_feature.seq_num        ? 
_pdbx_entity_instance_feature.auth_comp_id   O1A 
_pdbx_entity_instance_feature.auth_asym_id   ? 
_pdbx_entity_instance_feature.auth_seq_num   ? 
_pdbx_entity_instance_feature.feature_type   'SUBJECT OF INVESTIGATION' 
_pdbx_entity_instance_feature.details        ? 
# 
_atom_sites.entry_id                    5QSG 
_atom_sites.fract_transf_matrix[1][1]   0.00632644 
_atom_sites.fract_transf_matrix[1][2]   0.00177691 
_atom_sites.fract_transf_matrix[1][3]   -0.00953976 
_atom_sites.fract_transf_matrix[2][1]   0.00771948 
_atom_sites.fract_transf_matrix[2][2]   0.00863163 
_atom_sites.fract_transf_matrix[2][3]   -0.00030610 
_atom_sites.fract_transf_matrix[3][1]   0.00706567 
_atom_sites.fract_transf_matrix[3][2]   -0.00619375 
_atom_sites.fract_transf_matrix[3][3]   0.00353204 
_atom_sites.fract_transf_vector[1]      -0.177200 
_atom_sites.fract_transf_vector[2]      -0.363091 
_atom_sites.fract_transf_vector[3]      -0.017594 
# 
loop_
_atom_type.symbol 
C 
N 
O 
S 
# 
loop_
_atom_site.group_PDB 
_atom_site.id 
_atom_site.type_symbol 
_atom_site.label_atom_id 
_atom_site.label_alt_id 
_atom_site.label_comp_id 
_atom_site.label_asym_id 
_atom_site.label_entity_id 
_atom_site.label_seq_id 
_atom_site.pdbx_PDB_ins_code 
_atom_site.Cartn_x 
_atom_site.Cartn_y 
_atom_site.Cartn_z 
_atom_site.occupancy 
_atom_site.B_iso_or_equiv 
_atom_site.pdbx_formal_charge 
_atom_site.auth_seq_id 
_atom_site.auth_comp_id 
_atom_site.auth_asym_id 
_atom_site.auth_atom_id 
_atom_site.pdbx_PDB_model_num 
ATOM   1    N N   . GLU A 1 2   ? 18.352  16.146  0.499   1.00 42.73 ? 41  GLU A N   1 
ATOM   2    C CA  . GLU A 1 2   ? 18.070  14.758  0.050   1.00 43.52 ? 41  GLU A CA  1 
ATOM   3    C C   . GLU A 1 2   ? 16.566  14.443  0.148   1.00 36.50 ? 41  GLU A C   1 
ATOM   4    O O   . GLU A 1 2   ? 15.983  14.728  1.218   1.00 36.98 ? 41  GLU A O   1 
ATOM   5    C CB  . GLU A 1 2   ? 18.827  13.788  0.952   1.00 52.75 ? 41  GLU A CB  1 
ATOM   6    C CG  . GLU A 1 2   ? 19.164  12.474  0.281   1.00 60.24 ? 41  GLU A CG  1 
ATOM   7    C CD  . GLU A 1 2   ? 20.443  12.520  -0.535  1.00 64.67 ? 41  GLU A CD  1 
ATOM   8    O OE1 . GLU A 1 2   ? 20.538  11.763  -1.528  1.00 67.99 ? 41  GLU A OE1 1 
ATOM   9    O OE2 . GLU A 1 2   ? 21.345  13.313  -0.169  1.00 72.42 ? 41  GLU A OE2 1 
ATOM   10   N N   . LEU A 1 3   ? 15.978  13.802  -0.875  1.00 28.69 ? 42  LEU A N   1 
ATOM   11   C CA  . LEU A 1 3   ? 14.592  13.257  -0.811  1.00 28.73 ? 42  LEU A CA  1 
ATOM   12   C C   . LEU A 1 3   ? 14.535  12.180  0.285   1.00 29.35 ? 42  LEU A C   1 
ATOM   13   O O   . LEU A 1 3   ? 15.240  11.169  0.171   1.00 29.85 ? 42  LEU A O   1 
ATOM   14   C CB  . LEU A 1 3   ? 14.153  12.676  -2.160  1.00 25.71 ? 42  LEU A CB  1 
ATOM   15   C CG  . LEU A 1 3   ? 12.746  12.070  -2.165  1.00 28.37 ? 42  LEU A CG  1 
ATOM   16   C CD1 . LEU A 1 3   ? 11.716  13.018  -1.581  1.00 29.11 ? 42  LEU A CD1 1 
ATOM   17   C CD2 . LEU A 1 3   ? 12.329  11.635  -3.546  1.00 28.35 ? 42  LEU A CD2 1 
ATOM   18   N N   . ARG A 1 4   ? 13.716  12.396  1.311   1.00 30.07 ? 43  ARG A N   1 
ATOM   19   C CA  . ARG A 1 4   ? 13.400  11.391  2.362   1.00 31.16 ? 43  ARG A CA  1 
ATOM   20   C C   . ARG A 1 4   ? 11.884  11.199  2.375   1.00 28.47 ? 43  ARG A C   1 
ATOM   21   O O   . ARG A 1 4   ? 11.172  12.231  2.393   1.00 28.16 ? 43  ARG A O   1 
ATOM   22   C CB  . ARG A 1 4   ? 13.927  11.857  3.725   1.00 35.63 ? 43  ARG A CB  1 
ATOM   23   C CG  . ARG A 1 4   ? 15.433  11.713  3.908   1.00 40.74 ? 43  ARG A CG  1 
ATOM   24   C CD  . ARG A 1 4   ? 16.027  12.662  4.946   1.00 46.94 ? 43  ARG A CD  1 
ATOM   25   N NE  . ARG A 1 4   ? 15.471  12.490  6.291   1.00 50.70 ? 43  ARG A NE  1 
ATOM   26   C CZ  . ARG A 1 4   ? 16.048  11.833  7.302   1.00 57.57 ? 43  ARG A CZ  1 
ATOM   27   N NH1 . ARG A 1 4   ? 15.438  11.762  8.473   1.00 55.44 ? 43  ARG A NH1 1 
ATOM   28   N NH2 . ARG A 1 4   ? 17.221  11.237  7.157   1.00 63.53 ? 43  ARG A NH2 1 
ATOM   29   N N   . VAL A 1 5   ? 11.419  9.945   2.319   1.00 25.67 ? 44  VAL A N   1 
ATOM   30   C CA  . VAL A 1 5   ? 9.982   9.571   2.439   1.00 24.65 ? 44  VAL A CA  1 
ATOM   31   C C   . VAL A 1 5   ? 9.861   8.641   3.642   1.00 27.01 ? 44  VAL A C   1 
ATOM   32   O O   . VAL A 1 5   ? 10.352  7.520   3.581   1.00 28.59 ? 44  VAL A O   1 
ATOM   33   C CB  . VAL A 1 5   ? 9.433   8.913   1.164   1.00 24.16 ? 44  VAL A CB  1 
ATOM   34   C CG1 . VAL A 1 5   ? 7.938   8.647   1.277   1.00 25.19 ? 44  VAL A CG1 1 
ATOM   35   C CG2 . VAL A 1 5   ? 9.719   9.746   -0.079  1.00 22.83 ? 44  VAL A CG2 1 
ATOM   36   N N   . GLY A 1 6   ? 9.268   9.130   4.720   1.00 25.23 ? 45  GLY A N   1 
ATOM   37   C CA  . GLY A 1 6   ? 9.223   8.413   6.001   1.00 24.44 ? 45  GLY A CA  1 
ATOM   38   C C   . GLY A 1 6   ? 7.840   7.864   6.283   1.00 22.96 ? 45  GLY A C   1 
ATOM   39   O O   . GLY A 1 6   ? 6.846   8.567   6.047   1.00 20.10 ? 45  GLY A O   1 
ATOM   40   N N   . LEU A 1 7   ? 7.786   6.636   6.781   1.00 22.02 ? 46  LEU A N   1 
ATOM   41   C CA  . LEU A 1 7   ? 6.514   5.979   7.142   1.00 21.99 ? 46  LEU A CA  1 
ATOM   42   C C   . LEU A 1 7   ? 6.063   6.571   8.476   1.00 21.67 ? 46  LEU A C   1 
ATOM   43   O O   . LEU A 1 7   ? 6.863   6.584   9.430   1.00 22.44 ? 46  LEU A O   1 
ATOM   44   C CB  . LEU A 1 7   ? 6.714   4.469   7.250   1.00 22.05 ? 46  LEU A CB  1 
ATOM   45   C CG  . LEU A 1 7   ? 5.483   3.676   7.660   1.00 21.22 ? 46  LEU A CG  1 
ATOM   46   C CD1 . LEU A 1 7   ? 4.381   3.743   6.618   1.00 20.76 ? 46  LEU A CD1 1 
ATOM   47   C CD2 . LEU A 1 7   ? 5.869   2.238   7.939   1.00 21.47 ? 46  LEU A CD2 1 
ATOM   48   N N   . GLU A 1 8   ? 4.844   7.083   8.466   1.00 22.42 ? 47  GLU A N   1 
ATOM   49   C CA  . GLU A 1 8   ? 4.091   7.568   9.637   1.00 24.67 ? 47  GLU A CA  1 
ATOM   50   C C   . GLU A 1 8   ? 3.472   6.351   10.333  1.00 23.26 ? 47  GLU A C   1 
ATOM   51   O O   . GLU A 1 8   ? 3.144   5.361   9.635   1.00 23.21 ? 47  GLU A O   1 
ATOM   52   C CB  . GLU A 1 8   ? 3.018   8.550   9.177   1.00 25.30 ? 47  GLU A CB  1 
ATOM   53   C CG  . GLU A 1 8   ? 3.601   9.834   8.643   1.00 25.07 ? 47  GLU A CG  1 
ATOM   54   C CD  . GLU A 1 8   ? 3.870   10.878  9.703   1.00 25.13 ? 47  GLU A CD  1 
ATOM   55   O OE1 . GLU A 1 8   ? 4.713   11.757  9.459   1.00 27.99 ? 47  GLU A OE1 1 
ATOM   56   O OE2 . GLU A 1 8   ? 3.215   10.818  10.763  1.00 27.71 ? 47  GLU A OE2 1 
ATOM   57   N N   . GLU A 1 9   ? 3.368   6.435   11.661  1.00 26.12 ? 48  GLU A N   1 
ATOM   58   C CA  . GLU A 1 9   ? 2.733   5.415   12.526  1.00 25.41 ? 48  GLU A CA  1 
ATOM   59   C C   . GLU A 1 9   ? 3.390   4.060   12.260  1.00 24.76 ? 48  GLU A C   1 
ATOM   60   O O   . GLU A 1 9   ? 2.666   3.041   12.217  1.00 23.67 ? 48  GLU A O   1 
ATOM   61   C CB  . GLU A 1 9   ? 1.229   5.410   12.250  1.00 26.31 ? 48  GLU A CB  1 
ATOM   62   C CG  . GLU A 1 9   ? 0.607   6.779   12.429  1.00 23.74 ? 48  GLU A CG  1 
ATOM   63   C CD  . GLU A 1 9   ? -0.898  6.859   12.294  1.00 26.57 ? 48  GLU A CD  1 
ATOM   64   O OE1 . GLU A 1 9   ? -1.502  5.928   11.741  1.00 22.17 ? 48  GLU A OE1 1 
ATOM   65   O OE2 . GLU A 1 9   ? -1.455  7.882   12.723  1.00 25.65 ? 48  GLU A OE2 1 
ATOM   66   N N   . SER A 1 10  ? 4.705   4.061   12.047  1.00 24.28 ? 49  SER A N   1 
ATOM   67   C CA  . SER A 1 10  ? 5.497   2.840   11.762  1.00 25.64 ? 49  SER A CA  1 
ATOM   68   C C   . SER A 1 10  ? 5.284   1.819   12.889  1.00 26.92 ? 49  SER A C   1 
ATOM   69   O O   . SER A 1 10  ? 5.187   0.601   12.631  1.00 27.21 ? 49  SER A O   1 
ATOM   70   C CB  . SER A 1 10  ? 6.950   3.189   11.585  1.00 25.03 ? 49  SER A CB  1 
ATOM   71   O OG  . SER A 1 10  ? 7.440   3.938   12.681  1.00 24.46 ? 49  SER A OG  1 
ATOM   72   N N   . GLU A 1 11  ? 5.138   2.327   14.103  1.00 26.95 ? 50  GLU A N   1 
ATOM   73   C CA  . GLU A 1 11  ? 5.047   1.532   15.342  1.00 27.59 ? 50  GLU A CA  1 
ATOM   74   C C   . GLU A 1 11  ? 3.670   0.831   15.356  1.00 25.96 ? 50  GLU A C   1 
ATOM   75   O O   . GLU A 1 11  ? 3.600   -0.272  15.881  1.00 25.64 ? 50  GLU A O   1 
ATOM   76   C CB  . GLU A 1 11  ? 5.387   2.521   16.456  1.00 33.49 ? 50  GLU A CB  1 
ATOM   77   C CG  . GLU A 1 11  ? 6.365   2.005   17.483  1.00 38.41 ? 50  GLU A CG  1 
ATOM   78   C CD  . GLU A 1 11  ? 6.900   3.076   18.420  1.00 40.95 ? 50  GLU A CD  1 
ATOM   79   O OE1 . GLU A 1 11  ? 7.968   3.633   18.121  1.00 38.08 ? 50  GLU A OE1 1 
ATOM   80   O OE2 . GLU A 1 11  ? 6.238   3.355   19.444  1.00 48.11 ? 50  GLU A OE2 1 
ATOM   81   N N   . LEU A 1 12  ? 2.628   1.442   14.790  1.00 22.80 ? 51  LEU A N   1 
ATOM   82   C CA  . LEU A 1 12  ? 1.275   0.824   14.607  1.00 24.02 ? 51  LEU A CA  1 
ATOM   83   C C   . LEU A 1 12  ? 1.296   -0.272  13.558  1.00 22.81 ? 51  LEU A C   1 
ATOM   84   O O   . LEU A 1 12  ? 0.666   -1.318  13.792  1.00 22.29 ? 51  LEU A O   1 
ATOM   85   C CB  . LEU A 1 12  ? 0.241   1.867   14.207  1.00 25.29 ? 51  LEU A CB  1 
ATOM   86   C CG  . LEU A 1 12  ? -1.147  1.320   13.868  1.00 24.77 ? 51  LEU A CG  1 
ATOM   87   C CD1 . LEU A 1 12  ? -1.844  0.787   15.112  1.00 26.29 ? 51  LEU A CD1 1 
ATOM   88   C CD2 . LEU A 1 12  ? -2.016  2.351   13.179  1.00 26.11 ? 51  LEU A CD2 1 
ATOM   89   N N   . TRP A 1 13  ? 1.961   -0.021  12.439  1.00 22.37 ? 52  TRP A N   1 
ATOM   90   C CA  . TRP A 1 13  ? 2.147   -1.015  11.365  1.00 22.15 ? 52  TRP A CA  1 
ATOM   91   C C   . TRP A 1 13  ? 2.889   -2.206  11.971  1.00 22.61 ? 52  TRP A C   1 
ATOM   92   O O   . TRP A 1 13  ? 2.490   -3.331  11.696  1.00 22.96 ? 52  TRP A O   1 
ATOM   93   C CB  . TRP A 1 13  ? 2.905   -0.402  10.185  1.00 23.00 ? 52  TRP A CB  1 
ATOM   94   C CG  . TRP A 1 13  ? 2.047   0.403   9.258   1.00 22.94 ? 52  TRP A CG  1 
ATOM   95   C CD1 . TRP A 1 13  ? 1.990   1.765   9.152   1.00 24.11 ? 52  TRP A CD1 1 
ATOM   96   C CD2 . TRP A 1 13  ? 1.176   -0.118  8.236   1.00 23.91 ? 52  TRP A CD2 1 
ATOM   97   N NE1 . TRP A 1 13  ? 1.100   2.134   8.173   1.00 23.71 ? 52  TRP A NE1 1 
ATOM   98   C CE2 . TRP A 1 13  ? 0.580   0.995   7.600   1.00 23.58 ? 52  TRP A CE2 1 
ATOM   99   C CE3 . TRP A 1 13  ? 0.803   -1.411  7.838   1.00 21.95 ? 52  TRP A CE3 1 
ATOM   100  C CZ2 . TRP A 1 13  ? -0.353  0.845   6.575   1.00 25.04 ? 52  TRP A CZ2 1 
ATOM   101  C CZ3 . TRP A 1 13  ? -0.100  -1.548  6.810   1.00 22.68 ? 52  TRP A CZ3 1 
ATOM   102  C CH2 . TRP A 1 13  ? -0.682  -0.433  6.197   1.00 23.22 ? 52  TRP A CH2 1 
ATOM   103  N N   . LEU A 1 14  ? 3.934   -1.947  12.761  1.00 25.40 ? 53  LEU A N   1 
ATOM   104  C CA  . LEU A 1 14  ? 4.800   -3.026  13.305  1.00 28.89 ? 53  LEU A CA  1 
ATOM   105  C C   . LEU A 1 14  ? 3.967   -3.945  14.224  1.00 26.89 ? 53  LEU A C   1 
ATOM   106  O O   . LEU A 1 14  ? 4.272   -5.115  14.252  1.00 24.21 ? 53  LEU A O   1 
ATOM   107  C CB  . LEU A 1 14  ? 6.039   -2.446  14.010  1.00 30.96 ? 53  LEU A CB  1 
ATOM   108  C CG  . LEU A 1 14  ? 7.326   -2.280  13.172  1.00 34.15 ? 53  LEU A CG  1 
ATOM   109  C CD1 . LEU A 1 14  ? 7.514   -3.375  12.118  1.00 33.70 ? 53  LEU A CD1 1 
ATOM   110  C CD2 . LEU A 1 14  ? 7.367   -0.939  12.477  1.00 36.34 ? 53  LEU A CD2 1 
ATOM   111  N N   . ARG A 1 15  ? 2.964   -3.450  14.952  1.00 29.49 ? 54  ARG A N   1 
ATOM   112  C CA  . ARG A 1 15  ? 2.082   -4.308  15.789  1.00 30.70 ? 54  ARG A CA  1 
ATOM   113  C C   . ARG A 1 15  ? 1.330   -5.303  14.910  1.00 26.97 ? 54  ARG A C   1 
ATOM   114  O O   . ARG A 1 15  ? 1.060   -6.396  15.393  1.00 24.20 ? 54  ARG A O   1 
ATOM   115  C CB  . ARG A 1 15  ? 1.056   -3.495  16.585  1.00 37.21 ? 54  ARG A CB  1 
ATOM   116  C CG  . ARG A 1 15  ? 1.609   -2.980  17.904  1.00 45.87 ? 54  ARG A CG  1 
ATOM   117  C CD  . ARG A 1 15  ? 0.694   -3.192  19.108  1.00 61.23 ? 54  ARG A CD  1 
ATOM   118  N NE  . ARG A 1 15  ? 1.060   -2.322  20.229  1.00 69.47 ? 54  ARG A NE  1 
ATOM   119  C CZ  . ARG A 1 15  ? 2.153   -2.448  20.982  1.00 74.31 ? 54  ARG A CZ  1 
ATOM   120  N NH1 . ARG A 1 15  ? 3.014   -3.432  20.775  1.00 77.17 ? 54  ARG A NH1 1 
ATOM   121  N NH2 . ARG A 1 15  ? 2.386   -1.581  21.951  1.00 80.88 ? 54  ARG A NH2 1 
ATOM   122  N N   . PHE A 1 16  ? 0.920   -4.895  13.710  1.00 25.34 ? 55  PHE A N   1 
ATOM   123  C CA  . PHE A 1 16  ? 0.128   -5.757  12.795  1.00 26.22 ? 55  PHE A CA  1 
ATOM   124  C C   . PHE A 1 16  ? 1.098   -6.722  12.138  1.00 26.62 ? 55  PHE A C   1 
ATOM   125  O O   . PHE A 1 16  ? 0.766   -7.937  12.043  1.00 23.84 ? 55  PHE A O   1 
ATOM   126  C CB  . PHE A 1 16  ? -0.653  -4.955  11.759  1.00 25.04 ? 55  PHE A CB  1 
ATOM   127  C CG  . PHE A 1 16  ? -1.885  -4.285  12.295  1.00 26.17 ? 55  PHE A CG  1 
ATOM   128  C CD1 . PHE A 1 16  ? -3.121  -4.912  12.232  1.00 26.77 ? 55  PHE A CD1 1 
ATOM   129  C CD2 . PHE A 1 16  ? -1.817  -3.027  12.865  1.00 25.27 ? 55  PHE A CD2 1 
ATOM   130  C CE1 . PHE A 1 16  ? -4.267  -4.282  12.704  1.00 26.92 ? 55  PHE A CE1 1 
ATOM   131  C CE2 . PHE A 1 16  ? -2.965  -2.390  13.328  1.00 26.82 ? 55  PHE A CE2 1 
ATOM   132  C CZ  . PHE A 1 16  ? -4.183  -3.035  13.283  1.00 25.34 ? 55  PHE A CZ  1 
ATOM   133  N N   . LYS A 1 17  ? 2.286   -6.204  11.785  1.00 24.18 ? 56  LYS A N   1 
ATOM   134  C CA  . LYS A 1 17  ? 3.275   -6.991  11.020  1.00 26.72 ? 56  LYS A CA  1 
ATOM   135  C C   . LYS A 1 17  ? 3.790   -8.130  11.902  1.00 25.81 ? 56  LYS A C   1 
ATOM   136  O O   . LYS A 1 17  ? 4.071   -9.176  11.346  1.00 22.47 ? 56  LYS A O   1 
ATOM   137  C CB  . LYS A 1 17  ? 4.442   -6.154  10.490  1.00 27.97 ? 56  LYS A CB  1 
ATOM   138  C CG  . LYS A 1 17  ? 5.573   -6.994  9.906   1.00 32.64 ? 56  LYS A CG  1 
ATOM   139  C CD  . LYS A 1 17  ? 6.460   -6.275  8.906   1.00 34.67 ? 56  LYS A CD  1 
ATOM   140  C CE  . LYS A 1 17  ? 7.500   -7.205  8.312   1.00 33.83 ? 56  LYS A CE  1 
ATOM   141  N NZ  . LYS A 1 17  ? 8.448   -6.469  7.445   1.00 36.93 ? 56  LYS A NZ  1 
ATOM   142  N N   . GLU A 1 18  ? 3.896   -7.967  13.217  1.00 29.12 ? 57  GLU A N   1 
ATOM   143  C CA  . GLU A 1 18  ? 4.484   -9.060  14.035  1.00 33.06 ? 57  GLU A CA  1 
ATOM   144  C C   . GLU A 1 18  ? 3.465   -10.199 14.170  1.00 32.15 ? 57  GLU A C   1 
ATOM   145  O O   . GLU A 1 18  ? 3.901   -11.281 14.556  1.00 30.59 ? 57  GLU A O   1 
ATOM   146  C CB  . GLU A 1 18  ? 5.037   -8.548  15.365  1.00 40.17 ? 57  GLU A CB  1 
ATOM   147  C CG  . GLU A 1 18  ? 3.995   -8.277  16.415  1.00 46.09 ? 57  GLU A CG  1 
ATOM   148  C CD  . GLU A 1 18  ? 4.517   -7.444  17.581  1.00 56.75 ? 57  GLU A CD  1 
ATOM   149  O OE1 . GLU A 1 18  ? 5.692   -6.977  17.508  1.00 61.45 ? 57  GLU A OE1 1 
ATOM   150  O OE2 . GLU A 1 18  ? 3.743   -7.240  18.553  1.00 54.28 ? 57  GLU A OE2 1 
ATOM   151  N N   . LEU A 1 19  ? 2.180   -9.967  13.864  1.00 25.25 ? 58  LEU A N   1 
ATOM   152  C CA  . LEU A 1 19  ? 1.112   -11.004 13.836  1.00 27.64 ? 58  LEU A CA  1 
ATOM   153  C C   . LEU A 1 19  ? 0.955   -11.521 12.410  1.00 26.38 ? 58  LEU A C   1 
ATOM   154  O O   . LEU A 1 19  ? 0.172   -12.462 12.199  1.00 27.78 ? 58  LEU A O   1 
ATOM   155  C CB  . LEU A 1 19  ? -0.230  -10.390 14.266  1.00 27.85 ? 58  LEU A CB  1 
ATOM   156  C CG  . LEU A 1 19  ? -0.301  -9.873  15.696  1.00 30.42 ? 58  LEU A CG  1 
ATOM   157  C CD1 . LEU A 1 19  ? -1.732  -9.473  16.040  1.00 30.97 ? 58  LEU A CD1 1 
ATOM   158  C CD2 . LEU A 1 19  ? 0.231   -10.914 16.657  1.00 30.88 ? 58  LEU A CD2 1 
ATOM   159  N N   . THR A 1 20  ? 1.618   -10.857 11.470  1.00 24.44 ? 59  THR A N   1 
ATOM   160  C CA  . THR A 1 20  ? 1.370   -10.980 10.027  1.00 23.67 ? 59  THR A CA  1 
ATOM   161  C C   . THR A 1 20  ? 0.085   -10.243 9.721   1.00 23.36 ? 59  THR A C   1 
ATOM   162  O O   . THR A 1 20  ? -0.994  -10.681 10.183  1.00 22.50 ? 59  THR A O   1 
ATOM   163  C CB  . THR A 1 20  ? 1.319   -12.434 9.550   1.00 25.31 ? 59  THR A CB  1 
ATOM   164  O OG1 . THR A 1 20  ? 2.543   -13.039 9.954   1.00 25.63 ? 59  THR A OG1 1 
ATOM   165  C CG2 . THR A 1 20  ? 1.131   -12.529 8.056   1.00 24.93 ? 59  THR A CG2 1 
ATOM   166  N N   . ASN A 1 21  ? 0.225   -9.189  8.923   1.00 23.14 ? 60  ASN A N   1 
ATOM   167  C CA  . ASN A 1 21  ? -0.848  -8.198  8.674   1.00 20.98 ? 60  ASN A CA  1 
ATOM   168  C C   . ASN A 1 21  ? -1.771  -8.808  7.622   1.00 21.76 ? 60  ASN A C   1 
ATOM   169  O O   . ASN A 1 21  ? -1.257  -9.564  6.761   1.00 23.06 ? 60  ASN A O   1 
ATOM   170  C CB  . ASN A 1 21  ? -0.244  -6.834  8.319   1.00 20.71 ? 60  ASN A CB  1 
ATOM   171  C CG  . ASN A 1 21  ? -1.226  -5.698  8.514   1.00 20.03 ? 60  ASN A CG  1 
ATOM   172  O OD1 . ASN A 1 21  ? -2.376  -5.952  8.839   1.00 19.42 ? 60  ASN A OD1 1 
ATOM   173  N ND2 . ASN A 1 21  ? -0.802  -4.466  8.282   1.00 20.16 ? 60  ASN A ND2 1 
ATOM   174  N N   . GLU A 1 22  ? -3.083  -8.561  7.746   1.00 23.24 ? 61  GLU A N   1 
ATOM   175  C CA  . GLU A 1 22  ? -4.134  -9.003  6.785   1.00 24.35 ? 61  GLU A CA  1 
ATOM   176  C C   . GLU A 1 22  ? -4.945  -7.791  6.324   1.00 24.98 ? 61  GLU A C   1 
ATOM   177  O O   . GLU A 1 22  ? -5.300  -6.941  7.167   1.00 24.25 ? 61  GLU A O   1 
ATOM   178  C CB  . GLU A 1 22  ? -5.057  -10.066 7.392   1.00 22.36 ? 61  GLU A CB  1 
ATOM   179  C CG  . GLU A 1 22  ? -4.314  -11.262 7.941   1.00 23.54 ? 61  GLU A CG  1 
ATOM   180  C CD  . GLU A 1 22  ? -5.209  -12.306 8.586   1.00 25.08 ? 61  GLU A CD  1 
ATOM   181  O OE1 . GLU A 1 22  ? -4.804  -12.867 9.616   1.00 26.32 ? 61  GLU A OE1 1 
ATOM   182  O OE2 . GLU A 1 22  ? -6.303  -12.555 8.056   1.00 24.87 ? 61  GLU A OE2 1 
ATOM   183  N N   . MET A 1 23  ? -5.195  -7.683  5.021   1.00 25.92 ? 62  MET A N   1 
ATOM   184  C CA  . MET A 1 23  ? -6.127  -6.654  4.497   1.00 25.85 ? 62  MET A CA  1 
ATOM   185  C C   . MET A 1 23  ? -7.285  -7.364  3.790   1.00 24.19 ? 62  MET A C   1 
ATOM   186  O O   . MET A 1 23  ? -7.035  -8.227  2.973   1.00 26.69 ? 62  MET A O   1 
ATOM   187  C CB  . MET A 1 23  ? -5.445  -5.653  3.563   1.00 26.72 ? 62  MET A CB  1 
ATOM   188  C CG  . MET A 1 23  ? -4.370  -4.809  4.246   1.00 25.89 ? 62  MET A CG  1 
ATOM   189  S SD  . MET A 1 23  ? -5.003  -3.517  5.376   1.00 23.90 ? 62  MET A SD  1 
ATOM   190  C CE  . MET A 1 23  ? -3.420  -2.953  5.988   1.00 23.27 ? 62  MET A CE  1 
ATOM   191  N N   . ILE A 1 24  ? -8.509  -6.987  4.134   1.00 25.95 ? 63  ILE A N   1 
ATOM   192  C CA  . ILE A 1 24  ? -9.767  -7.495  3.512   1.00 26.43 ? 63  ILE A CA  1 
ATOM   193  C C   . ILE A 1 24  ? -9.824  -7.009  2.069   1.00 25.56 ? 63  ILE A C   1 
ATOM   194  O O   . ILE A 1 24  ? -9.614  -5.821  1.873   1.00 28.68 ? 63  ILE A O   1 
ATOM   195  C CB  . ILE A 1 24  ? -11.018 -7.012  4.260   1.00 30.09 ? 63  ILE A CB  1 
ATOM   196  C CG1 . ILE A 1 24  ? -11.064 -7.434  5.732   1.00 31.44 ? 63  ILE A CG1 1 
ATOM   197  C CG2 . ILE A 1 24  ? -12.262 -7.449  3.489   1.00 30.90 ? 63  ILE A CG2 1 
ATOM   198  C CD1 . ILE A 1 24  ? -11.108 -8.915  5.945   1.00 32.69 ? 63  ILE A CD1 1 
ATOM   199  N N   . VAL A 1 25  ? -10.088 -7.904  1.107   1.00 27.14 ? 64  VAL A N   1 
ATOM   200  C CA  . VAL A 1 25  ? -10.511 -7.540  -0.276  1.00 28.61 ? 64  VAL A CA  1 
ATOM   201  C C   . VAL A 1 25  ? -11.976 -7.939  -0.447  1.00 30.46 ? 64  VAL A C   1 
ATOM   202  O O   . VAL A 1 25  ? -12.374 -8.974  0.092   1.00 29.13 ? 64  VAL A O   1 
ATOM   203  C CB  . VAL A 1 25  ? -9.613  -8.156  -1.360  1.00 29.64 ? 64  VAL A CB  1 
ATOM   204  C CG1 . VAL A 1 25  ? -8.252  -7.496  -1.381  1.00 30.85 ? 64  VAL A CG1 1 
ATOM   205  C CG2 . VAL A 1 25  ? -9.482  -9.670  -1.238  1.00 31.44 ? 64  VAL A CG2 1 
ATOM   206  N N   . THR A 1 26  ? -12.746 -7.138  -1.177  1.00 31.30 ? 65  THR A N   1 
ATOM   207  C CA  . THR A 1 26  ? -14.187 -7.370  -1.446  1.00 31.70 ? 65  THR A CA  1 
ATOM   208  C C   . THR A 1 26  ? -14.476 -7.033  -2.908  1.00 35.16 ? 65  THR A C   1 
ATOM   209  O O   . THR A 1 26  ? -13.621 -6.401  -3.583  1.00 30.65 ? 65  THR A O   1 
ATOM   210  C CB  . THR A 1 26  ? -15.100 -6.568  -0.504  1.00 29.69 ? 65  THR A CB  1 
ATOM   211  O OG1 . THR A 1 26  ? -14.966 -5.155  -0.720  1.00 31.28 ? 65  THR A OG1 1 
ATOM   212  C CG2 . THR A 1 26  ? -14.822 -6.872  0.950   1.00 30.34 ? 65  THR A CG2 1 
ATOM   213  N N   . LYS A 1 27  ? -15.640 -7.461  -3.383  1.00 37.87 ? 66  LYS A N   1 
ATOM   214  C CA  . LYS A 1 27  ? -16.149 -7.143  -4.736  1.00 40.89 ? 66  LYS A CA  1 
ATOM   215  C C   . LYS A 1 27  ? -16.024 -5.630  -4.962  1.00 38.30 ? 66  LYS A C   1 
ATOM   216  O O   . LYS A 1 27  ? -15.438 -5.217  -5.990  1.00 35.53 ? 66  LYS A O   1 
ATOM   217  C CB  . LYS A 1 27  ? -17.600 -7.627  -4.843  1.00 45.44 ? 66  LYS A CB  1 
ATOM   218  C CG  . LYS A 1 27  ? -18.321 -7.284  -6.138  1.00 54.17 ? 66  LYS A CG  1 
ATOM   219  C CD  . LYS A 1 27  ? -19.792 -7.629  -6.116  1.00 57.90 ? 66  LYS A CD  1 
ATOM   220  C CE  . LYS A 1 27  ? -20.538 -7.035  -7.294  1.00 66.16 ? 66  LYS A CE  1 
ATOM   221  N NZ  . LYS A 1 27  ? -21.927 -7.547  -7.370  1.00 69.85 ? 66  LYS A NZ  1 
ATOM   222  N N   . ASN A 1 28  ? -16.561 -4.840  -4.035  1.00 38.00 ? 67  ASN A N   1 
ATOM   223  C CA  . ASN A 1 28  ? -16.730 -3.376  -4.211  1.00 43.44 ? 67  ASN A CA  1 
ATOM   224  C C   . ASN A 1 28  ? -15.512 -2.617  -3.654  1.00 44.07 ? 67  ASN A C   1 
ATOM   225  O O   . ASN A 1 28  ? -15.429 -1.388  -3.863  1.00 44.70 ? 67  ASN A O   1 
ATOM   226  C CB  . ASN A 1 28  ? -18.062 -2.927  -3.614  1.00 46.06 ? 67  ASN A CB  1 
ATOM   227  C CG  . ASN A 1 28  ? -19.243 -3.531  -4.344  1.00 44.35 ? 67  ASN A CG  1 
ATOM   228  O OD1 . ASN A 1 28  ? -19.158 -3.868  -5.528  1.00 43.81 ? 67  ASN A OD1 1 
ATOM   229  N ND2 . ASN A 1 28  ? -20.353 -3.669  -3.639  1.00 46.42 ? 67  ASN A ND2 1 
ATOM   230  N N   . GLY A 1 29  ? -14.581 -3.321  -3.005  1.00 39.13 ? 68  GLY A N   1 
ATOM   231  C CA  . GLY A 1 29  ? -13.291 -2.754  -2.572  1.00 39.93 ? 68  GLY A CA  1 
ATOM   232  C C   . GLY A 1 29  ? -13.381 -2.218  -1.161  1.00 35.18 ? 68  GLY A C   1 
ATOM   233  O O   . GLY A 1 29  ? -14.426 -1.664  -0.824  1.00 34.56 ? 68  GLY A O   1 
ATOM   234  N N   . ARG A 1 30  ? -12.326 -2.403  -0.368  1.00 32.31 ? 69  ARG A N   1 
ATOM   235  C CA  . ARG A 1 30  ? -12.286 -2.065  1.067   1.00 32.36 ? 69  ARG A CA  1 
ATOM   236  C C   . ARG A 1 30  ? -11.079 -1.168  1.349   1.00 33.01 ? 69  ARG A C   1 
ATOM   237  O O   . ARG A 1 30  ? -9.940  -1.507  0.925   1.00 28.68 ? 69  ARG A O   1 
ATOM   238  C CB  . ARG A 1 30  ? -12.230 -3.344  1.898   1.00 36.01 ? 69  ARG A CB  1 
ATOM   239  C CG  . ARG A 1 30  ? -12.353 -3.095  3.391   1.00 40.92 ? 69  ARG A CG  1 
ATOM   240  C CD  . ARG A 1 30  ? -13.744 -2.639  3.802   1.00 42.16 ? 69  ARG A CD  1 
ATOM   241  N NE  . ARG A 1 30  ? -14.764 -3.661  3.575   1.00 41.86 ? 69  ARG A NE  1 
ATOM   242  C CZ  . ARG A 1 30  ? -14.952 -4.736  4.342   1.00 44.38 ? 69  ARG A CZ  1 
ATOM   243  N NH1 . ARG A 1 30  ? -15.924 -5.587  4.051   1.00 44.59 ? 69  ARG A NH1 1 
ATOM   244  N NH2 . ARG A 1 30  ? -14.165 -4.973  5.382   1.00 44.83 ? 69  ARG A NH2 1 
ATOM   245  N N   . ARG A 1 31  ? -11.316 -0.078  2.081   1.00 32.88 ? 70  ARG A N   1 
ATOM   246  C CA  . ARG A 1 31  ? -10.246 0.827   2.564   1.00 31.97 ? 70  ARG A CA  1 
ATOM   247  C C   . ARG A 1 31  ? -9.336  0.025   3.492   1.00 29.53 ? 70  ARG A C   1 
ATOM   248  O O   . ARG A 1 31  ? -9.808  -0.965  4.120   1.00 27.91 ? 70  ARG A O   1 
ATOM   249  C CB  . ARG A 1 31  ? -10.835 2.081   3.218   1.00 32.54 ? 70  ARG A CB  1 
ATOM   250  C CG  . ARG A 1 31  ? -11.134 3.192   2.220   1.00 37.08 ? 70  ARG A CG  1 
ATOM   251  C CD  . ARG A 1 31  ? -11.766 4.451   2.811   1.00 40.49 ? 70  ARG A CD  1 
ATOM   252  N NE  . ARG A 1 31  ? -12.994 4.167   3.539   1.00 42.63 ? 70  ARG A NE  1 
ATOM   253  C CZ  . ARG A 1 31  ? -14.212 4.077   2.997   1.00 49.72 ? 70  ARG A CZ  1 
ATOM   254  N NH1 . ARG A 1 31  ? -14.391 4.260   1.700   1.00 52.63 ? 70  ARG A NH1 1 
ATOM   255  N NH2 . ARG A 1 31  ? -15.259 3.806   3.757   1.00 52.10 ? 70  ARG A NH2 1 
ATOM   256  N N   . MET A 1 32  ? -8.078  0.448   3.575   1.00 27.17 ? 71  MET A N   1 
ATOM   257  C CA  . MET A 1 32  ? -7.037  -0.207  4.407   1.00 27.49 ? 71  MET A CA  1 
ATOM   258  C C   . MET A 1 32  ? -7.105  0.321   5.828   1.00 26.86 ? 71  MET A C   1 
ATOM   259  O O   . MET A 1 32  ? -7.426  1.503   6.008   1.00 26.03 ? 71  MET A O   1 
ATOM   260  C CB  . MET A 1 32  ? -5.641  0.085   3.863   1.00 26.51 ? 71  MET A CB  1 
ATOM   261  C CG  . MET A 1 32  ? -5.460  -0.406  2.447   1.00 28.44 ? 71  MET A CG  1 
ATOM   262  S SD  . MET A 1 32  ? -3.854  0.075   1.813   1.00 27.59 ? 71  MET A SD  1 
ATOM   263  C CE  . MET A 1 32  ? -2.783  -0.833  2.921   1.00 26.71 ? 71  MET A CE  1 
ATOM   264  N N   . PHE A 1 33  ? -6.773  -0.537  6.788   1.00 25.82 ? 72  PHE A N   1 
ATOM   265  C CA  . PHE A 1 33  ? -6.365  -0.104  8.138   1.00 27.01 ? 72  PHE A CA  1 
ATOM   266  C C   . PHE A 1 33  ? -5.181  -0.941  8.592   1.00 26.69 ? 72  PHE A C   1 
ATOM   267  O O   . PHE A 1 33  ? -5.262  -2.156  8.558   1.00 27.26 ? 72  PHE A O   1 
ATOM   268  C CB  . PHE A 1 33  ? -7.505  -0.194  9.148   1.00 27.93 ? 72  PHE A CB  1 
ATOM   269  C CG  . PHE A 1 33  ? -7.081  0.416   10.451  1.00 27.55 ? 72  PHE A CG  1 
ATOM   270  C CD1 . PHE A 1 33  ? -7.176  1.783   10.655  1.00 27.69 ? 72  PHE A CD1 1 
ATOM   271  C CD2 . PHE A 1 33  ? -6.492  -0.364  11.424  1.00 27.23 ? 72  PHE A CD2 1 
ATOM   272  C CE1 . PHE A 1 33  ? -6.743  2.351   11.836  1.00 28.24 ? 72  PHE A CE1 1 
ATOM   273  C CE2 . PHE A 1 33  ? -6.018  0.210   12.586  1.00 29.03 ? 72  PHE A CE2 1 
ATOM   274  C CZ  . PHE A 1 33  ? -6.146  1.562   12.794  1.00 29.99 ? 72  PHE A CZ  1 
ATOM   275  N N   . PRO A 1 34  ? -4.061  -0.335  9.034   1.00 26.96 ? 73  PRO A N   1 
ATOM   276  C CA  . PRO A 1 34  ? -3.896  1.119   9.017   1.00 28.72 ? 73  PRO A CA  1 
ATOM   277  C C   . PRO A 1 34  ? -3.871  1.735   7.605   1.00 27.81 ? 73  PRO A C   1 
ATOM   278  O O   . PRO A 1 34  ? -3.697  1.041   6.616   1.00 25.58 ? 73  PRO A O   1 
ATOM   279  C CB  . PRO A 1 34  ? -2.537  1.334   9.716   1.00 28.93 ? 73  PRO A CB  1 
ATOM   280  C CG  . PRO A 1 34  ? -2.273  0.042   10.483  1.00 29.89 ? 73  PRO A CG  1 
ATOM   281  C CD  . PRO A 1 34  ? -2.911  -1.032  9.629   1.00 27.66 ? 73  PRO A CD  1 
ATOM   282  N N   . VAL A 1 35  ? -4.058  3.052   7.538   1.00 30.66 ? 74  VAL A N   1 
ATOM   283  C CA  . VAL A 1 35  ? -3.877  3.827   6.282   1.00 31.85 ? 74  VAL A CA  1 
ATOM   284  C C   . VAL A 1 35  ? -2.385  4.123   6.122   1.00 31.88 ? 74  VAL A C   1 
ATOM   285  O O   . VAL A 1 35  ? -1.715  4.539   7.126   1.00 29.69 ? 74  VAL A O   1 
ATOM   286  C CB  . VAL A 1 35  ? -4.714  5.117   6.278   1.00 38.84 ? 74  VAL A CB  1 
ATOM   287  C CG1 . VAL A 1 35  ? -4.369  5.995   5.078   1.00 43.32 ? 74  VAL A CG1 1 
ATOM   288  C CG2 . VAL A 1 35  ? -6.206  4.812   6.324   1.00 43.16 ? 74  VAL A CG2 1 
ATOM   289  N N   . LEU A 1 36  ? -1.898  3.968   4.895   1.00 29.27 ? 75  LEU A N   1 
ATOM   290  C CA  . LEU A 1 36  ? -0.518  4.314   4.512   1.00 29.01 ? 75  LEU A CA  1 
ATOM   291  C C   . LEU A 1 36  ? -0.392  5.834   4.519   1.00 27.05 ? 75  LEU A C   1 
ATOM   292  O O   . LEU A 1 36  ? -1.092  6.518   3.733   1.00 27.44 ? 75  LEU A O   1 
ATOM   293  C CB  . LEU A 1 36  ? -0.206  3.717   3.145   1.00 30.33 ? 75  LEU A CB  1 
ATOM   294  C CG  . LEU A 1 36  ? 1.213   3.969   2.654   1.00 34.99 ? 75  LEU A CG  1 
ATOM   295  C CD1 . LEU A 1 36  ? 2.240   3.279   3.540   1.00 37.55 ? 75  LEU A CD1 1 
ATOM   296  C CD2 . LEU A 1 36  ? 1.356   3.529   1.204   1.00 38.92 ? 75  LEU A CD2 1 
ATOM   297  N N   . LYS A 1 37  ? 0.417   6.353   5.431   1.00 26.59 ? 76  LYS A N   1 
ATOM   298  C CA  . LYS A 1 37  ? 0.723   7.800   5.505   1.00 27.94 ? 76  LYS A CA  1 
ATOM   299  C C   . LYS A 1 37  ? 2.238   7.964   5.459   1.00 24.03 ? 76  LYS A C   1 
ATOM   300  O O   . LYS A 1 37  ? 2.930   7.193   6.112   1.00 21.81 ? 76  LYS A O   1 
ATOM   301  C CB  . LYS A 1 37  ? 0.171   8.393   6.797   1.00 29.16 ? 76  LYS A CB  1 
ATOM   302  C CG  . LYS A 1 37  ? -1.294  8.100   7.067   1.00 32.09 ? 76  LYS A CG  1 
ATOM   303  C CD  . LYS A 1 37  ? -1.824  8.926   8.212   1.00 35.18 ? 76  LYS A CD  1 
ATOM   304  C CE  . LYS A 1 37  ? -3.029  8.282   8.847   1.00 39.94 ? 76  LYS A CE  1 
ATOM   305  N NZ  . LYS A 1 37  ? -2.648  7.050   9.556   1.00 43.78 ? 76  LYS A NZ  1 
ATOM   306  N N   . VAL A 1 38  ? 2.730   8.965   4.746   1.00 24.35 ? 77  VAL A N   1 
ATOM   307  C CA  . VAL A 1 38  ? 4.200   9.204   4.691   1.00 25.76 ? 77  VAL A CA  1 
ATOM   308  C C   . VAL A 1 38  ? 4.456   10.700  4.854   1.00 24.68 ? 77  VAL A C   1 
ATOM   309  O O   . VAL A 1 38  ? 3.569   11.536  4.529   1.00 25.21 ? 77  VAL A O   1 
ATOM   310  C CB  . VAL A 1 38  ? 4.848   8.576   3.437   1.00 24.23 ? 77  VAL A CB  1 
ATOM   311  C CG1 . VAL A 1 38  ? 4.657   7.071   3.408   1.00 23.98 ? 77  VAL A CG1 1 
ATOM   312  C CG2 . VAL A 1 38  ? 4.345   9.166   2.140   1.00 24.57 ? 77  VAL A CG2 1 
ATOM   313  N N   . ASN A 1 39  ? 5.583   11.002  5.470   1.00 22.99 ? 78  ASN A N   1 
ATOM   314  C CA  . ASN A 1 39  ? 6.153   12.369  5.535   1.00 25.31 ? 78  ASN A CA  1 
ATOM   315  C C   . ASN A 1 39  ? 7.222   12.453  4.437   1.00 25.19 ? 78  ASN A C   1 
ATOM   316  O O   . ASN A 1 39  ? 7.893   11.417  4.134   1.00 23.55 ? 78  ASN A O   1 
ATOM   317  C CB  . ASN A 1 39  ? 6.628   12.684  6.953   1.00 27.32 ? 78  ASN A CB  1 
ATOM   318  C CG  . ASN A 1 39  ? 7.713   11.745  7.427   1.00 29.03 ? 78  ASN A CG  1 
ATOM   319  O OD1 . ASN A 1 39  ? 8.794   11.736  6.843   1.00 30.48 ? 78  ASN A OD1 1 
ATOM   320  N ND2 . ASN A 1 39  ? 7.426   10.947  8.455   1.00 29.70 ? 78  ASN A ND2 1 
ATOM   321  N N   . VAL A 1 40  ? 7.320   13.617  3.800   1.00 24.97 ? 79  VAL A N   1 
ATOM   322  C CA  . VAL A 1 40  ? 8.257   13.851  2.667   1.00 24.35 ? 79  VAL A CA  1 
ATOM   323  C C   . VAL A 1 40  ? 9.079   15.090  2.978   1.00 24.67 ? 79  VAL A C   1 
ATOM   324  O O   . VAL A 1 40  ? 8.494   16.096  3.389   1.00 26.87 ? 79  VAL A O   1 
ATOM   325  C CB  . VAL A 1 40  ? 7.492   14.033  1.351   1.00 24.25 ? 79  VAL A CB  1 
ATOM   326  C CG1 . VAL A 1 40  ? 8.441   14.227  0.172   1.00 24.85 ? 79  VAL A CG1 1 
ATOM   327  C CG2 . VAL A 1 40  ? 6.511   12.898  1.113   1.00 27.18 ? 79  VAL A CG2 1 
ATOM   328  N N   . SER A 1 41  ? 10.388  15.014  2.773   1.00 23.91 ? 80  SER A N   1 
ATOM   329  C CA  . SER A 1 41  ? 11.272  16.203  2.714   1.00 24.58 ? 80  SER A CA  1 
ATOM   330  C C   . SER A 1 41  ? 12.228  16.072  1.513   1.00 21.94 ? 80  SER A C   1 
ATOM   331  O O   . SER A 1 41  ? 12.409  14.959  1.059   1.00 20.04 ? 80  SER A O   1 
ATOM   332  C CB  . SER A 1 41  ? 11.994  16.345  4.014   1.00 22.93 ? 80  SER A CB  1 
ATOM   333  O OG  . SER A 1 41  ? 12.919  15.285  4.138   1.00 28.27 ? 80  SER A OG  1 
ATOM   334  N N   . GLY A 1 42  ? 12.791  17.184  1.019   1.00 24.14 ? 81  GLY A N   1 
ATOM   335  C CA  . GLY A 1 42  ? 13.827  17.203  -0.037  1.00 23.29 ? 81  GLY A CA  1 
ATOM   336  C C   . GLY A 1 42  ? 13.257  17.216  -1.452  1.00 26.66 ? 81  GLY A C   1 
ATOM   337  O O   . GLY A 1 42  ? 14.041  17.078  -2.425  1.00 24.41 ? 81  GLY A O   1 
ATOM   338  N N   . LEU A 1 43  ? 11.945  17.357  -1.595  1.00 27.06 ? 82  LEU A N   1 
ATOM   339  C CA  . LEU A 1 43  ? 11.339  17.781  -2.879  1.00 28.28 ? 82  LEU A CA  1 
ATOM   340  C C   . LEU A 1 43  ? 11.687  19.251  -3.120  1.00 27.12 ? 82  LEU A C   1 
ATOM   341  O O   . LEU A 1 43  ? 11.976  19.979  -2.156  1.00 26.75 ? 82  LEU A O   1 
ATOM   342  C CB  . LEU A 1 43  ? 9.818   17.612  -2.856  1.00 29.96 ? 82  LEU A CB  1 
ATOM   343  C CG  . LEU A 1 43  ? 9.308   16.176  -2.839  1.00 30.34 ? 82  LEU A CG  1 
ATOM   344  C CD1 . LEU A 1 43  ? 7.793   16.177  -2.816  1.00 32.21 ? 82  LEU A CD1 1 
ATOM   345  C CD2 . LEU A 1 43  ? 9.837   15.376  -4.016  1.00 31.04 ? 82  LEU A CD2 1 
ATOM   346  N N   . ASP A 1 44  ? 11.649  19.667  -4.378  1.00 27.77 ? 83  ASP A N   1 
ATOM   347  C CA  . ASP A 1 44  ? 11.670  21.099  -4.741  1.00 27.50 ? 83  ASP A CA  1 
ATOM   348  C C   . ASP A 1 44  ? 10.303  21.669  -4.374  1.00 24.15 ? 83  ASP A C   1 
ATOM   349  O O   . ASP A 1 44  ? 9.303   21.221  -4.930  1.00 26.36 ? 83  ASP A O   1 
ATOM   350  C CB  . ASP A 1 44  ? 12.027  21.223  -6.214  1.00 26.50 ? 83  ASP A CB  1 
ATOM   351  C CG  . ASP A 1 44  ? 12.155  22.641  -6.714  1.00 27.32 ? 83  ASP A CG  1 
ATOM   352  O OD1 . ASP A 1 44  ? 11.701  23.593  -6.009  1.00 26.42 ? 83  ASP A OD1 1 
ATOM   353  O OD2 . ASP A 1 44  ? 12.731  22.779  -7.798  1.00 28.62 ? 83  ASP A OD2 1 
ATOM   354  N N   . PRO A 1 45  ? 10.196  22.612  -3.407  1.00 25.17 ? 84  PRO A N   1 
ATOM   355  C CA  . PRO A 1 45  ? 8.887   23.127  -3.008  1.00 25.87 ? 84  PRO A CA  1 
ATOM   356  C C   . PRO A 1 45  ? 8.168   23.803  -4.179  1.00 26.46 ? 84  PRO A C   1 
ATOM   357  O O   . PRO A 1 45  ? 6.945   23.830  -4.161  1.00 27.74 ? 84  PRO A O   1 
ATOM   358  C CB  . PRO A 1 45  ? 9.151   24.126  -1.870  1.00 26.55 ? 84  PRO A CB  1 
ATOM   359  C CG  . PRO A 1 45  ? 10.649  24.358  -1.883  1.00 26.72 ? 84  PRO A CG  1 
ATOM   360  C CD  . PRO A 1 45  ? 11.286  23.166  -2.588  1.00 25.34 ? 84  PRO A CD  1 
ATOM   361  N N   . ASN A 1 46  ? 8.939   24.308  -5.149  1.00 27.69 ? 85  ASN A N   1 
ATOM   362  C CA  . ASN A 1 46  ? 8.419   25.064  -6.324  1.00 26.85 ? 85  ASN A CA  1 
ATOM   363  C C   . ASN A 1 46  ? 7.908   24.125  -7.421  1.00 26.98 ? 85  ASN A C   1 
ATOM   364  O O   . ASN A 1 46  ? 7.063   24.553  -8.224  1.00 28.40 ? 85  ASN A O   1 
ATOM   365  C CB  . ASN A 1 46  ? 9.496   25.964  -6.919  1.00 29.64 ? 85  ASN A CB  1 
ATOM   366  C CG  . ASN A 1 46  ? 10.125  26.884  -5.895  1.00 32.77 ? 85  ASN A CG  1 
ATOM   367  O OD1 . ASN A 1 46  ? 9.427   27.522  -5.113  1.00 32.42 ? 85  ASN A OD1 1 
ATOM   368  N ND2 . ASN A 1 46  ? 11.448  26.914  -5.869  1.00 39.95 ? 85  ASN A ND2 1 
ATOM   369  N N   . ALA A 1 47  ? 8.407   22.893  -7.477  1.00 24.28 ? 86  ALA A N   1 
ATOM   370  C CA  . ALA A 1 47  ? 8.115   21.958  -8.579  1.00 23.22 ? 86  ALA A CA  1 
ATOM   371  C C   . ALA A 1 47  ? 6.763   21.302  -8.312  1.00 24.06 ? 86  ALA A C   1 
ATOM   372  O O   . ALA A 1 47  ? 6.290   21.330  -7.138  1.00 23.90 ? 86  ALA A O   1 
ATOM   373  C CB  . ALA A 1 47  ? 9.256   20.976  -8.743  1.00 21.33 ? 86  ALA A CB  1 
ATOM   374  N N   . MET A 1 48  ? 6.124   20.788  -9.361  1.00 22.77 ? 87  MET A N   1 
ATOM   375  C CA  . MET A 1 48  ? 4.863   20.019  -9.208  1.00 23.79 ? 87  MET A CA  1 
ATOM   376  C C   . MET A 1 48  ? 5.115   18.523  -9.409  1.00 23.46 ? 87  MET A C   1 
ATOM   377  O O   . MET A 1 48  ? 5.972   18.163  -10.241 1.00 24.86 ? 87  MET A O   1 
ATOM   378  C CB  . MET A 1 48  ? 3.818   20.531  -10.182 1.00 25.21 ? 87  MET A CB  1 
ATOM   379  C CG  . MET A 1 48  ? 3.409   21.961  -9.898  1.00 26.04 ? 87  MET A CG  1 
ATOM   380  S SD  . MET A 1 48  ? 1.870   22.321  -10.741 1.00 29.93 ? 87  MET A SD  1 
ATOM   381  C CE  . MET A 1 48  ? 0.741   21.486  -9.622  1.00 30.05 ? 87  MET A CE  1 
ATOM   382  N N   . TYR A 1 49  ? 4.443   17.705  -8.592  1.00 23.60 ? 88  TYR A N   1 
ATOM   383  C CA  . TYR A 1 49  ? 4.585   16.233  -8.524  1.00 24.90 ? 88  TYR A CA  1 
ATOM   384  C C   . TYR A 1 49  ? 3.211   15.595  -8.338  1.00 23.12 ? 88  TYR A C   1 
ATOM   385  O O   . TYR A 1 49  ? 2.287   16.178  -7.724  1.00 22.20 ? 88  TYR A O   1 
ATOM   386  C CB  . TYR A 1 49  ? 5.466   15.765  -7.356  1.00 24.67 ? 88  TYR A CB  1 
ATOM   387  C CG  . TYR A 1 49  ? 6.813   16.424  -7.222  1.00 26.31 ? 88  TYR A CG  1 
ATOM   388  C CD1 . TYR A 1 49  ? 7.959   15.839  -7.746  1.00 23.43 ? 88  TYR A CD1 1 
ATOM   389  C CD2 . TYR A 1 49  ? 6.952   17.631  -6.557  1.00 26.08 ? 88  TYR A CD2 1 
ATOM   390  C CE1 . TYR A 1 49  ? 9.193   16.458  -7.637  1.00 24.88 ? 88  TYR A CE1 1 
ATOM   391  C CE2 . TYR A 1 49  ? 8.177   18.260  -6.441  1.00 25.24 ? 88  TYR A CE2 1 
ATOM   392  C CZ  . TYR A 1 49  ? 9.310   17.653  -6.948  1.00 26.85 ? 88  TYR A CZ  1 
ATOM   393  O OH  . TYR A 1 49  ? 10.517  18.272  -6.804  1.00 28.70 ? 88  TYR A OH  1 
ATOM   394  N N   . SER A 1 50  ? 3.118   14.369  -8.836  1.00 24.39 ? 89  SER A N   1 
ATOM   395  C CA  . SER A 1 50  ? 2.040   13.410  -8.536  1.00 24.13 ? 89  SER A CA  1 
ATOM   396  C C   . SER A 1 50  ? 2.591   12.276  -7.671  1.00 24.38 ? 89  SER A C   1 
ATOM   397  O O   . SER A 1 50  ? 3.782   11.925  -7.820  1.00 23.91 ? 89  SER A O   1 
ATOM   398  C CB  . SER A 1 50  ? 1.435   12.929  -9.795  1.00 26.32 ? 89  SER A CB  1 
ATOM   399  O OG  . SER A 1 50  ? 0.917   14.029  -10.504 1.00 28.14 ? 89  SER A OG  1 
ATOM   400  N N   . PHE A 1 51  ? 1.731   11.755  -6.801  1.00 24.67 ? 90  PHE A N   1 
ATOM   401  C CA  . PHE A 1 51  ? 2.022   10.657  -5.856  1.00 24.94 ? 90  PHE A CA  1 
ATOM   402  C C   . PHE A 1 51  ? 1.190   9.465   -6.322  1.00 25.70 ? 90  PHE A C   1 
ATOM   403  O O   . PHE A 1 51  ? -0.035  9.579   -6.446  1.00 26.21 ? 90  PHE A O   1 
ATOM   404  C CB  . PHE A 1 51  ? 1.737   11.100  -4.424  1.00 23.57 ? 90  PHE A CB  1 
ATOM   405  C CG  . PHE A 1 51  ? 2.917   11.720  -3.717  1.00 22.37 ? 90  PHE A CG  1 
ATOM   406  C CD1 . PHE A 1 51  ? 3.386   11.196  -2.527  1.00 23.01 ? 90  PHE A CD1 1 
ATOM   407  C CD2 . PHE A 1 51  ? 3.572   12.819  -4.258  1.00 22.53 ? 90  PHE A CD2 1 
ATOM   408  C CE1 . PHE A 1 51  ? 4.474   11.764  -1.880  1.00 23.90 ? 90  PHE A CE1 1 
ATOM   409  C CE2 . PHE A 1 51  ? 4.648   13.390  -3.607  1.00 22.62 ? 90  PHE A CE2 1 
ATOM   410  C CZ  . PHE A 1 51  ? 5.112   12.849  -2.431  1.00 23.46 ? 90  PHE A CZ  1 
ATOM   411  N N   . LEU A 1 52  ? 1.863   8.352   -6.594  1.00 28.22 ? 91  LEU A N   1 
ATOM   412  C CA  . LEU A 1 52  ? 1.219   7.108   -7.070  1.00 27.44 ? 91  LEU A CA  1 
ATOM   413  C C   . LEU A 1 52  ? 1.457   6.019   -6.033  1.00 26.95 ? 91  LEU A C   1 
ATOM   414  O O   . LEU A 1 52  ? 2.493   6.038   -5.367  1.00 23.95 ? 91  LEU A O   1 
ATOM   415  C CB  . LEU A 1 52  ? 1.832   6.690   -8.404  1.00 29.60 ? 91  LEU A CB  1 
ATOM   416  C CG  . LEU A 1 52  ? 1.273   7.328   -9.669  1.00 34.13 ? 91  LEU A CG  1 
ATOM   417  C CD1 . LEU A 1 52  ? 1.052   8.818   -9.523  1.00 33.14 ? 91  LEU A CD1 1 
ATOM   418  C CD2 . LEU A 1 52  ? 2.225   7.022   -10.820 1.00 35.45 ? 91  LEU A CD2 1 
ATOM   419  N N   . LEU A 1 53  ? 0.517   5.100   -5.925  1.00 25.59 ? 92  LEU A N   1 
ATOM   420  C CA  . LEU A 1 53  ? 0.649   3.935   -5.024  1.00 24.10 ? 92  LEU A CA  1 
ATOM   421  C C   . LEU A 1 53  ? 0.351   2.650   -5.778  1.00 23.53 ? 92  LEU A C   1 
ATOM   422  O O   . LEU A 1 53  ? -0.715  2.533   -6.392  1.00 23.40 ? 92  LEU A O   1 
ATOM   423  C CB  . LEU A 1 53  ? -0.309  4.111   -3.854  1.00 23.87 ? 92  LEU A CB  1 
ATOM   424  C CG  . LEU A 1 53  ? -0.533  2.852   -3.028  1.00 22.93 ? 92  LEU A CG  1 
ATOM   425  C CD1 . LEU A 1 53  ? 0.709   2.542   -2.196  1.00 22.67 ? 92  LEU A CD1 1 
ATOM   426  C CD2 . LEU A 1 53  ? -1.764  3.020   -2.167  1.00 23.74 ? 92  LEU A CD2 1 
ATOM   427  N N   . ASP A 1 54  ? 1.236   1.671   -5.646  1.00 23.08 ? 93  ASP A N   1 
ATOM   428  C CA  . ASP A 1 54  ? 0.933   0.308   -6.133  1.00 22.81 ? 93  ASP A CA  1 
ATOM   429  C C   . ASP A 1 54  ? 1.451   -0.673  -5.090  1.00 22.21 ? 93  ASP A C   1 
ATOM   430  O O   . ASP A 1 54  ? 1.936   -0.235  -4.050  1.00 21.72 ? 93  ASP A O   1 
ATOM   431  C CB  . ASP A 1 54  ? 1.447   0.057   -7.560  1.00 23.32 ? 93  ASP A CB  1 
ATOM   432  C CG  . ASP A 1 54  ? 2.963   -0.007  -7.733  1.00 27.76 ? 93  ASP A CG  1 
ATOM   433  O OD1 . ASP A 1 54  ? 3.711   0.217   -6.751  1.00 27.96 ? 93  ASP A OD1 1 
ATOM   434  O OD2 . ASP A 1 54  ? 3.390   -0.292  -8.862  1.00 33.13 ? 93  ASP A OD2 1 
ATOM   435  N N   . PHE A 1 55  ? 1.203   -1.949  -5.354  1.00 23.54 ? 94  PHE A N   1 
ATOM   436  C CA  . PHE A 1 55  ? 1.374   -3.085  -4.419  1.00 23.10 ? 94  PHE A CA  1 
ATOM   437  C C   . PHE A 1 55  ? 2.194   -4.114  -5.193  1.00 25.47 ? 94  PHE A C   1 
ATOM   438  O O   . PHE A 1 55  ? 1.833   -4.474  -6.335  1.00 25.11 ? 94  PHE A O   1 
ATOM   439  C CB  . PHE A 1 55  ? -0.018  -3.546  -3.990  1.00 26.29 ? 94  PHE A CB  1 
ATOM   440  C CG  . PHE A 1 55  ? -0.799  -2.563  -3.141  1.00 25.68 ? 94  PHE A CG  1 
ATOM   441  C CD1 . PHE A 1 55  ? -0.745  -2.628  -1.752  1.00 26.54 ? 94  PHE A CD1 1 
ATOM   442  C CD2 . PHE A 1 55  ? -1.566  -1.557  -3.713  1.00 25.17 ? 94  PHE A CD2 1 
ATOM   443  C CE1 . PHE A 1 55  ? -1.438  -1.723  -0.962  1.00 26.65 ? 94  PHE A CE1 1 
ATOM   444  C CE2 . PHE A 1 55  ? -2.255  -0.649  -2.924  1.00 25.43 ? 94  PHE A CE2 1 
ATOM   445  C CZ  . PHE A 1 55  ? -2.212  -0.748  -1.551  1.00 27.57 ? 94  PHE A CZ  1 
ATOM   446  N N   . VAL A 1 56  ? 3.330   -4.507  -4.644  1.00 24.43 ? 95  VAL A N   1 
ATOM   447  C CA  . VAL A 1 56  ? 4.260   -5.441  -5.325  1.00 26.09 ? 95  VAL A CA  1 
ATOM   448  C C   . VAL A 1 56  ? 4.063   -6.791  -4.662  1.00 25.33 ? 95  VAL A C   1 
ATOM   449  O O   . VAL A 1 56  ? 3.938   -6.801  -3.444  1.00 23.20 ? 95  VAL A O   1 
ATOM   450  C CB  . VAL A 1 56  ? 5.706   -4.941  -5.178  1.00 25.90 ? 95  VAL A CB  1 
ATOM   451  C CG1 . VAL A 1 56  ? 6.695   -5.916  -5.766  1.00 25.56 ? 95  VAL A CG1 1 
ATOM   452  C CG2 . VAL A 1 56  ? 5.851   -3.563  -5.809  1.00 25.05 ? 95  VAL A CG2 1 
ATOM   453  N N   . ALA A 1 57  ? 3.983   -7.846  -5.452  1.00 27.83 ? 96  ALA A N   1 
ATOM   454  C CA  . ALA A 1 57  ? 3.839   -9.229  -4.966  1.00 28.81 ? 96  ALA A CA  1 
ATOM   455  C C   . ALA A 1 57  ? 5.160   -9.615  -4.324  1.00 30.51 ? 96  ALA A C   1 
ATOM   456  O O   . ALA A 1 57  ? 6.181   -9.374  -4.956  1.00 31.07 ? 96  ALA A O   1 
ATOM   457  C CB  . ALA A 1 57  ? 3.461   -10.145 -6.099  1.00 29.20 ? 96  ALA A CB  1 
ATOM   458  N N   . ALA A 1 58  ? 5.132   -10.151 -3.097  1.00 29.62 ? 97  ALA A N   1 
ATOM   459  C CA  . ALA A 1 58  ? 6.339   -10.352 -2.273  1.00 30.07 ? 97  ALA A CA  1 
ATOM   460  C C   . ALA A 1 58  ? 6.916   -11.747 -2.531  1.00 32.31 ? 97  ALA A C   1 
ATOM   461  O O   . ALA A 1 58  ? 8.117   -11.923 -2.251  1.00 35.88 ? 97  ALA A O   1 
ATOM   462  C CB  . ALA A 1 58  ? 6.028   -10.121 -0.824  1.00 30.21 ? 97  ALA A CB  1 
ATOM   463  N N   . ASP A 1 59  ? 6.135   -12.690 -3.082  1.00 32.58 ? 98  ASP A N   1 
ATOM   464  C CA  . ASP A 1 59  ? 6.528   -14.126 -3.085  1.00 34.73 ? 98  ASP A CA  1 
ATOM   465  C C   . ASP A 1 59  ? 6.154   -14.825 -4.385  1.00 36.54 ? 98  ASP A C   1 
ATOM   466  O O   . ASP A 1 59  ? 5.160   -14.427 -5.034  1.00 35.25 ? 98  ASP A O   1 
ATOM   467  C CB  . ASP A 1 59  ? 5.831   -14.921 -1.985  1.00 34.66 ? 98  ASP A CB  1 
ATOM   468  C CG  . ASP A 1 59  ? 5.890   -14.227 -0.652  1.00 33.97 ? 98  ASP A CG  1 
ATOM   469  O OD1 . ASP A 1 59  ? 4.826   -13.852 -0.165  1.00 35.23 ? 98  ASP A OD1 1 
ATOM   470  O OD2 . ASP A 1 59  ? 6.997   -14.039 -0.156  1.00 39.74 ? 98  ASP A OD2 1 
ATOM   471  N N   . ASN A 1 60  ? 6.871   -15.916 -4.658  1.00 38.31 ? 99  ASN A N   1 
ATOM   472  C CA  . ASN A 1 60  ? 6.617   -16.843 -5.789  1.00 42.49 ? 99  ASN A CA  1 
ATOM   473  C C   . ASN A 1 60  ? 5.661   -17.962 -5.327  1.00 40.50 ? 99  ASN A C   1 
ATOM   474  O O   . ASN A 1 60  ? 5.683   -19.058 -5.932  1.00 42.97 ? 99  ASN A O   1 
ATOM   475  C CB  . ASN A 1 60  ? 7.959   -17.348 -6.340  1.00 48.86 ? 99  ASN A CB  1 
ATOM   476  C CG  . ASN A 1 60  ? 8.561   -18.512 -5.569  1.00 54.27 ? 99  ASN A CG  1 
ATOM   477  O OD1 . ASN A 1 60  ? 8.380   -18.632 -4.356  1.00 63.66 ? 99  ASN A OD1 1 
ATOM   478  N ND2 . ASN A 1 60  ? 9.306   -19.368 -6.254  1.00 57.12 ? 99  ASN A ND2 1 
ATOM   479  N N   . HIS A 1 61  ? 4.853   -17.713 -4.290  1.00 35.42 ? 100 HIS A N   1 
ATOM   480  C CA  . HIS A 1 61  ? 3.914   -18.709 -3.706  1.00 34.52 ? 100 HIS A CA  1 
ATOM   481  C C   . HIS A 1 61  ? 2.795   -18.004 -2.932  1.00 29.76 ? 100 HIS A C   1 
ATOM   482  O O   . HIS A 1 61  ? 2.927   -16.802 -2.623  1.00 29.99 ? 100 HIS A O   1 
ATOM   483  C CB  . HIS A 1 61  ? 4.682   -19.703 -2.827  1.00 31.09 ? 100 HIS A CB  1 
ATOM   484  C CG  . HIS A 1 61  ? 5.214   -19.094 -1.575  1.00 33.01 ? 100 HIS A CG  1 
ATOM   485  N ND1 . HIS A 1 61  ? 6.538   -18.728 -1.429  1.00 29.02 ? 100 HIS A ND1 1 
ATOM   486  C CD2 . HIS A 1 61  ? 4.607   -18.778 -0.412  1.00 31.38 ? 100 HIS A CD2 1 
ATOM   487  C CE1 . HIS A 1 61  ? 6.717   -18.228 -0.231  1.00 28.27 ? 100 HIS A CE1 1 
ATOM   488  N NE2 . HIS A 1 61  ? 5.552   -18.233 0.408   1.00 29.17 ? 100 HIS A NE2 1 
ATOM   489  N N   . ARG A 1 62  ? 1.716   -18.716 -2.637  1.00 29.97 ? 101 ARG A N   1 
ATOM   490  C CA  . ARG A 1 62  ? 0.626   -18.139 -1.815  1.00 31.02 ? 101 ARG A CA  1 
ATOM   491  C C   . ARG A 1 62  ? 0.769   -18.667 -0.394  1.00 26.08 ? 101 ARG A C   1 
ATOM   492  O O   . ARG A 1 62  ? 1.660   -19.490 -0.119  1.00 24.63 ? 101 ARG A O   1 
ATOM   493  C CB  . ARG A 1 62  ? -0.738  -18.391 -2.452  1.00 36.84 ? 101 ARG A CB  1 
ATOM   494  C CG  . ARG A 1 62  ? -1.086  -19.852 -2.658  1.00 41.64 ? 101 ARG A CG  1 
ATOM   495  C CD  . ARG A 1 62  ? -2.437  -19.952 -3.329  1.00 45.63 ? 101 ARG A CD  1 
ATOM   496  N NE  . ARG A 1 62  ? -2.876  -21.332 -3.370  1.00 51.02 ? 101 ARG A NE  1 
ATOM   497  C CZ  . ARG A 1 62  ? -4.014  -21.742 -3.912  1.00 54.56 ? 101 ARG A CZ  1 
ATOM   498  N NH1 . ARG A 1 62  ? -4.324  -23.030 -3.906  1.00 52.62 ? 101 ARG A NH1 1 
ATOM   499  N NH2 . ARG A 1 62  ? -4.837  -20.855 -4.447  1.00 54.93 ? 101 ARG A NH2 1 
ATOM   500  N N   . TRP A 1 63  ? -0.063  -18.163 0.493   1.00 24.31 ? 102 TRP A N   1 
ATOM   501  C CA  . TRP A 1 63  ? 0.036   -18.442 1.940   1.00 27.48 ? 102 TRP A CA  1 
ATOM   502  C C   . TRP A 1 63  ? -1.293  -19.066 2.359   1.00 28.83 ? 102 TRP A C   1 
ATOM   503  O O   . TRP A 1 63  ? -2.317  -18.855 1.681   1.00 28.07 ? 102 TRP A O   1 
ATOM   504  C CB  . TRP A 1 63  ? 0.333   -17.151 2.726   1.00 26.00 ? 102 TRP A CB  1 
ATOM   505  C CG  . TRP A 1 63  ? 1.689   -16.566 2.476   1.00 25.76 ? 102 TRP A CG  1 
ATOM   506  C CD1 . TRP A 1 63  ? 2.041   -15.662 1.515   1.00 25.12 ? 102 TRP A CD1 1 
ATOM   507  C CD2 . TRP A 1 63  ? 2.890   -16.856 3.206   1.00 24.48 ? 102 TRP A CD2 1 
ATOM   508  N NE1 . TRP A 1 63  ? 3.379   -15.390 1.586   1.00 24.44 ? 102 TRP A NE1 1 
ATOM   509  C CE2 . TRP A 1 63  ? 3.924   -16.088 2.626   1.00 23.99 ? 102 TRP A CE2 1 
ATOM   510  C CE3 . TRP A 1 63  ? 3.182   -17.670 4.303   1.00 24.43 ? 102 TRP A CE3 1 
ATOM   511  C CZ2 . TRP A 1 63  ? 5.234   -16.122 3.098   1.00 22.56 ? 102 TRP A CZ2 1 
ATOM   512  C CZ3 . TRP A 1 63  ? 4.480   -17.708 4.769   1.00 25.75 ? 102 TRP A CZ3 1 
ATOM   513  C CH2 . TRP A 1 63  ? 5.496   -16.965 4.156   1.00 23.43 ? 102 TRP A CH2 1 
ATOM   514  N N   A LYS A 1 64  ? -1.271  -19.836 3.451   0.25 29.52 ? 103 LYS A N   1 
ATOM   515  N N   B LYS A 1 64  ? -1.288  -19.837 3.445   0.25 28.73 ? 103 LYS A N   1 
ATOM   516  C CA  A LYS A 1 64  ? -2.496  -20.331 4.132   0.25 30.41 ? 103 LYS A CA  1 
ATOM   517  C CA  B LYS A 1 64  ? -2.543  -20.240 4.130   0.25 29.09 ? 103 LYS A CA  1 
ATOM   518  C C   A LYS A 1 64  ? -2.252  -20.282 5.639   0.25 28.44 ? 103 LYS A C   1 
ATOM   519  C C   B LYS A 1 64  ? -2.265  -20.298 5.630   0.25 27.75 ? 103 LYS A C   1 
ATOM   520  O O   A LYS A 1 64  ? -1.072  -20.325 6.041   0.25 27.07 ? 103 LYS A O   1 
ATOM   521  O O   B LYS A 1 64  ? -1.084  -20.419 6.013   0.25 26.58 ? 103 LYS A O   1 
ATOM   522  C CB  A LYS A 1 64  ? -2.886  -21.729 3.640   0.25 33.18 ? 103 LYS A CB  1 
ATOM   523  C CB  B LYS A 1 64  ? -3.124  -21.536 3.553   0.25 30.61 ? 103 LYS A CB  1 
ATOM   524  C CG  A LYS A 1 64  ? -1.831  -22.815 3.797   0.25 35.33 ? 103 LYS A CG  1 
ATOM   525  C CG  B LYS A 1 64  ? -2.313  -22.805 3.773   0.25 31.65 ? 103 LYS A CG  1 
ATOM   526  C CD  A LYS A 1 64  ? -2.379  -24.209 3.517   0.25 37.95 ? 103 LYS A CD  1 
ATOM   527  C CD  B LYS A 1 64  ? -3.054  -24.068 3.351   0.25 32.42 ? 103 LYS A CD  1 
ATOM   528  C CE  A LYS A 1 64  ? -1.394  -25.159 2.860   0.25 38.93 ? 103 LYS A CE  1 
ATOM   529  C CE  B LYS A 1 64  ? -2.210  -25.322 3.474   0.25 33.48 ? 103 LYS A CE  1 
ATOM   530  N NZ  A LYS A 1 64  ? -0.082  -25.187 3.549   0.25 40.34 ? 103 LYS A NZ  1 
ATOM   531  N NZ  B LYS A 1 64  ? -2.653  -26.391 2.546   0.25 32.49 ? 103 LYS A NZ  1 
ATOM   532  N N   . TYR A 1 65  ? -3.333  -20.158 6.416   1.00 26.45 ? 104 TYR A N   1 
ATOM   533  C CA  . TYR A 1 65  ? -3.294  -20.019 7.889   1.00 27.12 ? 104 TYR A CA  1 
ATOM   534  C C   . TYR A 1 65  ? -3.598  -21.395 8.452   1.00 25.62 ? 104 TYR A C   1 
ATOM   535  O O   . TYR A 1 65  ? -4.706  -21.846 8.264   1.00 26.72 ? 104 TYR A O   1 
ATOM   536  C CB  . TYR A 1 65  ? -4.325  -18.980 8.344   1.00 28.42 ? 104 TYR A CB  1 
ATOM   537  C CG  . TYR A 1 65  ? -4.110  -18.494 9.752   1.00 28.41 ? 104 TYR A CG  1 
ATOM   538  C CD1 . TYR A 1 65  ? -2.930  -17.858 10.094  1.00 27.65 ? 104 TYR A CD1 1 
ATOM   539  C CD2 . TYR A 1 65  ? -5.049  -18.685 10.759  1.00 29.06 ? 104 TYR A CD2 1 
ATOM   540  C CE1 . TYR A 1 65  ? -2.691  -17.396 11.374  1.00 28.85 ? 104 TYR A CE1 1 
ATOM   541  C CE2 . TYR A 1 65  ? -4.820  -18.227 12.051  1.00 28.85 ? 104 TYR A CE2 1 
ATOM   542  C CZ  . TYR A 1 65  ? -3.636  -17.579 12.364  1.00 30.60 ? 104 TYR A CZ  1 
ATOM   543  O OH  . TYR A 1 65  ? -3.332  -17.102 13.617  1.00 26.70 ? 104 TYR A OH  1 
ATOM   544  N N   . VAL A 1 66  ? -2.608  -22.059 9.034   1.00 27.16 ? 105 VAL A N   1 
ATOM   545  C CA  . VAL A 1 66  ? -2.752  -23.463 9.507   1.00 27.69 ? 105 VAL A CA  1 
ATOM   546  C C   . VAL A 1 66  ? -2.279  -23.513 10.950  1.00 26.71 ? 105 VAL A C   1 
ATOM   547  O O   . VAL A 1 66  ? -1.113  -23.144 11.200  1.00 27.15 ? 105 VAL A O   1 
ATOM   548  C CB  . VAL A 1 66  ? -1.991  -24.463 8.619   1.00 27.27 ? 105 VAL A CB  1 
ATOM   549  C CG1 . VAL A 1 66  ? -2.202  -25.898 9.090   1.00 26.84 ? 105 VAL A CG1 1 
ATOM   550  C CG2 . VAL A 1 66  ? -2.397  -24.322 7.164   1.00 28.17 ? 105 VAL A CG2 1 
ATOM   551  N N   . ASN A 1 67  ? -3.157  -23.954 11.854  1.00 26.50 ? 106 ASN A N   1 
ATOM   552  C CA  . ASN A 1 67  ? -2.782  -24.180 13.268  1.00 26.61 ? 106 ASN A CA  1 
ATOM   553  C C   . ASN A 1 67  ? -2.219  -22.869 13.804  1.00 28.14 ? 106 ASN A C   1 
ATOM   554  O O   . ASN A 1 67  ? -1.212  -22.914 14.554  1.00 24.74 ? 106 ASN A O   1 
ATOM   555  C CB  . ASN A 1 67  ? -1.777  -25.324 13.414  1.00 28.20 ? 106 ASN A CB  1 
ATOM   556  C CG  . ASN A 1 67  ? -2.354  -26.636 12.944  1.00 26.89 ? 106 ASN A CG  1 
ATOM   557  O OD1 . ASN A 1 67  ? -3.574  -26.795 12.924  1.00 30.36 ? 106 ASN A OD1 1 
ATOM   558  N ND2 . ASN A 1 67  ? -1.488  -27.581 12.616  1.00 26.25 ? 106 ASN A ND2 1 
ATOM   559  N N   . GLY A 1 68  ? -2.865  -21.756 13.430  1.00 28.94 ? 107 GLY A N   1 
ATOM   560  C CA  . GLY A 1 68  ? -2.534  -20.387 13.862  1.00 31.45 ? 107 GLY A CA  1 
ATOM   561  C C   . GLY A 1 68  ? -1.177  -19.892 13.383  1.00 33.14 ? 107 GLY A C   1 
ATOM   562  O O   . GLY A 1 68  ? -0.668  -18.945 14.000  1.00 32.98 ? 107 GLY A O   1 
ATOM   563  N N   . GLU A 1 69  ? -0.589  -20.500 12.344  1.00 35.10 ? 108 GLU A N   1 
ATOM   564  C CA  . GLU A 1 69  ? 0.612   -19.969 11.632  1.00 36.49 ? 108 GLU A CA  1 
ATOM   565  C C   . GLU A 1 69  ? 0.277   -19.731 10.155  1.00 32.98 ? 108 GLU A C   1 
ATOM   566  O O   . GLU A 1 69  ? -0.458  -20.538 9.544   1.00 28.11 ? 108 GLU A O   1 
ATOM   567  C CB  . GLU A 1 69  ? 1.806   -20.931 11.618  1.00 41.14 ? 108 GLU A CB  1 
ATOM   568  C CG  . GLU A 1 69  ? 2.159   -21.542 12.946  1.00 47.81 ? 108 GLU A CG  1 
ATOM   569  C CD  . GLU A 1 69  ? 1.953   -20.624 14.135  1.00 56.80 ? 108 GLU A CD  1 
ATOM   570  O OE1 . GLU A 1 69  ? 2.229   -19.402 14.004  1.00 54.75 ? 108 GLU A OE1 1 
ATOM   571  O OE2 . GLU A 1 69  ? 1.505   -21.135 15.193  1.00 63.50 ? 108 GLU A OE2 1 
ATOM   572  N N   . TRP A 1 70  ? 0.866   -18.696 9.577   1.00 28.78 ? 109 TRP A N   1 
ATOM   573  C CA  . TRP A 1 70  ? 0.888   -18.531 8.108   1.00 29.05 ? 109 TRP A CA  1 
ATOM   574  C C   . TRP A 1 70  ? 1.982   -19.421 7.506   1.00 29.24 ? 109 TRP A C   1 
ATOM   575  O O   . TRP A 1 70  ? 3.175   -19.255 7.876   1.00 27.98 ? 109 TRP A O   1 
ATOM   576  C CB  . TRP A 1 70  ? 1.104   -17.070 7.760   1.00 29.23 ? 109 TRP A CB  1 
ATOM   577  C CG  . TRP A 1 70  ? -0.134  -16.267 7.931   1.00 25.24 ? 109 TRP A CG  1 
ATOM   578  C CD1 . TRP A 1 70  ? -0.445  -15.420 8.954   1.00 26.20 ? 109 TRP A CD1 1 
ATOM   579  C CD2 . TRP A 1 70  ? -1.241  -16.252 7.028   1.00 25.26 ? 109 TRP A CD2 1 
ATOM   580  N NE1 . TRP A 1 70  ? -1.677  -14.869 8.723   1.00 23.95 ? 109 TRP A NE1 1 
ATOM   581  C CE2 . TRP A 1 70  ? -2.184  -15.348 7.550   1.00 25.20 ? 109 TRP A CE2 1 
ATOM   582  C CE3 . TRP A 1 70  ? -1.509  -16.895 5.818   1.00 26.06 ? 109 TRP A CE3 1 
ATOM   583  C CZ2 . TRP A 1 70  ? -3.379  -15.069 6.900   1.00 25.78 ? 109 TRP A CZ2 1 
ATOM   584  C CZ3 . TRP A 1 70  ? -2.682  -16.600 5.165   1.00 26.34 ? 109 TRP A CZ3 1 
ATOM   585  C CH2 . TRP A 1 70  ? -3.609  -15.715 5.709   1.00 25.91 ? 109 TRP A CH2 1 
ATOM   586  N N   . VAL A 1 71  ? 1.610   -20.327 6.614   1.00 26.52 ? 110 VAL A N   1 
ATOM   587  C CA  . VAL A 1 71  ? 2.609   -21.177 5.900   1.00 26.42 ? 110 VAL A CA  1 
ATOM   588  C C   . VAL A 1 71  ? 2.450   -21.045 4.394   1.00 25.53 ? 110 VAL A C   1 
ATOM   589  O O   . VAL A 1 71  ? 1.383   -20.689 3.878   1.00 25.05 ? 110 VAL A O   1 
ATOM   590  C CB  . VAL A 1 71  ? 2.518   -22.639 6.352   1.00 27.44 ? 110 VAL A CB  1 
ATOM   591  C CG1 . VAL A 1 71  ? 2.938   -22.751 7.802   1.00 26.95 ? 110 VAL A CG1 1 
ATOM   592  C CG2 . VAL A 1 71  ? 1.124   -23.195 6.138   1.00 28.53 ? 110 VAL A CG2 1 
ATOM   593  N N   . PRO A 1 72  ? 3.534   -21.322 3.645   1.00 25.55 ? 111 PRO A N   1 
ATOM   594  C CA  . PRO A 1 72  ? 3.429   -21.477 2.197   1.00 27.67 ? 111 PRO A CA  1 
ATOM   595  C C   . PRO A 1 72  ? 2.235   -22.386 1.866   1.00 27.01 ? 111 PRO A C   1 
ATOM   596  O O   . PRO A 1 72  ? 2.096   -23.459 2.469   1.00 27.37 ? 111 PRO A O   1 
ATOM   597  C CB  . PRO A 1 72  ? 4.804   -22.048 1.819   1.00 28.42 ? 111 PRO A CB  1 
ATOM   598  C CG  . PRO A 1 72  ? 5.753   -21.547 2.899   1.00 27.51 ? 111 PRO A CG  1 
ATOM   599  C CD  . PRO A 1 72  ? 4.906   -21.481 4.151   1.00 28.68 ? 111 PRO A CD  1 
ATOM   600  N N   . GLY A 1 73  ? 1.356   -21.918 0.976   1.00 27.22 ? 112 GLY A N   1 
ATOM   601  C CA  . GLY A 1 73  ? 0.006   -22.475 0.775   1.00 28.85 ? 112 GLY A CA  1 
ATOM   602  C C   . GLY A 1 73  ? -0.273  -22.914 -0.650  1.00 29.46 ? 112 GLY A C   1 
ATOM   603  O O   . GLY A 1 73  ? -1.460  -23.219 -0.967  1.00 33.99 ? 112 GLY A O   1 
ATOM   604  N N   . GLY A 1 74  ? 0.761   -22.971 -1.483  1.00 28.08 ? 113 GLY A N   1 
ATOM   605  C CA  . GLY A 1 74  ? 0.646   -23.509 -2.842  1.00 30.82 ? 113 GLY A CA  1 
ATOM   606  C C   . GLY A 1 74  ? 1.242   -22.571 -3.855  1.00 30.71 ? 113 GLY A C   1 
ATOM   607  O O   . GLY A 1 74  ? 1.840   -21.529 -3.463  1.00 28.93 ? 113 GLY A O   1 
ATOM   608  N N   . LYS A 1 75  ? 1.082   -22.912 -5.127  1.00 34.81 ? 114 LYS A N   1 
ATOM   609  C CA  . LYS A 1 75  ? 1.660   -22.103 -6.222  1.00 36.17 ? 114 LYS A CA  1 
ATOM   610  C C   . LYS A 1 75  ? 0.827   -20.833 -6.317  1.00 37.50 ? 114 LYS A C   1 
ATOM   611  O O   . LYS A 1 75  ? -0.351  -20.827 -5.960  1.00 40.65 ? 114 LYS A O   1 
ATOM   612  C CB  . LYS A 1 75  ? 1.777   -22.938 -7.503  1.00 40.69 ? 114 LYS A CB  1 
ATOM   613  C CG  . LYS A 1 75  ? 2.922   -23.952 -7.496  1.00 43.01 ? 114 LYS A CG  1 
ATOM   614  C CD  . LYS A 1 75  ? 3.396   -24.395 -8.870  1.00 44.31 ? 114 LYS A CD  1 
ATOM   615  C CE  . LYS A 1 75  ? 4.831   -24.867 -8.867  1.00 45.31 ? 114 LYS A CE  1 
ATOM   616  N NZ  . LYS A 1 75  ? 5.493   -24.719 -10.185 1.00 52.64 ? 114 LYS A NZ  1 
ATOM   617  N N   . PRO A 1 76  ? 1.427   -19.719 -6.777  1.00 36.11 ? 115 PRO A N   1 
ATOM   618  C CA  . PRO A 1 76  ? 0.706   -18.459 -6.917  1.00 37.80 ? 115 PRO A CA  1 
ATOM   619  C C   . PRO A 1 76  ? -0.307  -18.509 -8.065  1.00 40.36 ? 115 PRO A C   1 
ATOM   620  O O   . PRO A 1 76  ? -0.179  -19.336 -8.958  1.00 40.51 ? 115 PRO A O   1 
ATOM   621  C CB  . PRO A 1 76  ? 1.807   -17.433 -7.230  1.00 36.78 ? 115 PRO A CB  1 
ATOM   622  C CG  . PRO A 1 76  ? 2.886   -18.253 -7.903  1.00 36.86 ? 115 PRO A CG  1 
ATOM   623  C CD  . PRO A 1 76  ? 2.814   -19.626 -7.260  1.00 36.80 ? 115 PRO A CD  1 
ATOM   624  N N   . GLU A 1 77  ? -1.305  -17.632 -7.996  1.00 37.92 ? 116 GLU A N   1 
ATOM   625  C CA  . GLU A 1 77  ? -2.159  -17.297 -9.152  1.00 44.19 ? 116 GLU A CA  1 
ATOM   626  C C   . GLU A 1 77  ? -1.319  -16.412 -10.070 1.00 44.19 ? 116 GLU A C   1 
ATOM   627  O O   . GLU A 1 77  ? -0.292  -15.867 -9.657  1.00 42.11 ? 116 GLU A O   1 
ATOM   628  C CB  . GLU A 1 77  ? -3.468  -16.670 -8.665  1.00 48.23 ? 116 GLU A CB  1 
ATOM   629  C CG  . GLU A 1 77  ? -4.358  -17.650 -7.910  1.00 50.96 ? 116 GLU A CG  1 
ATOM   630  C CD  . GLU A 1 77  ? -5.523  -17.040 -7.144  1.00 56.30 ? 116 GLU A CD  1 
ATOM   631  O OE1 . GLU A 1 77  ? -6.053  -15.983 -7.564  1.00 55.09 ? 116 GLU A OE1 1 
ATOM   632  O OE2 . GLU A 1 77  ? -5.906  -17.626 -6.118  1.00 62.96 ? 116 GLU A OE2 1 
ATOM   633  N N   . PRO A 1 78  ? -1.700  -16.287 -11.361 1.00 40.57 ? 117 PRO A N   1 
ATOM   634  C CA  . PRO A 1 78  ? -1.127  -15.274 -12.236 1.00 42.88 ? 117 PRO A CA  1 
ATOM   635  C C   . PRO A 1 78  ? -1.201  -13.904 -11.544 1.00 42.09 ? 117 PRO A C   1 
ATOM   636  O O   . PRO A 1 78  ? -2.205  -13.631 -10.898 1.00 39.58 ? 117 PRO A O   1 
ATOM   637  C CB  . PRO A 1 78  ? -2.035  -15.265 -13.481 1.00 41.87 ? 117 PRO A CB  1 
ATOM   638  C CG  . PRO A 1 78  ? -2.806  -16.573 -13.441 1.00 44.81 ? 117 PRO A CG  1 
ATOM   639  C CD  . PRO A 1 78  ? -2.755  -17.078 -12.012 1.00 44.45 ? 117 PRO A CD  1 
ATOM   640  N N   . GLN A 1 79  ? -0.160  -13.085 -11.693 1.00 45.10 ? 118 GLN A N   1 
ATOM   641  C CA  . GLN A 1 79  ? -0.103  -11.715 -11.123 1.00 51.05 ? 118 GLN A CA  1 
ATOM   642  C C   . GLN A 1 79  ? -1.370  -10.951 -11.498 1.00 54.28 ? 118 GLN A C   1 
ATOM   643  O O   . GLN A 1 79  ? -1.668  -10.867 -12.702 1.00 49.26 ? 118 GLN A O   1 
ATOM   644  C CB  . GLN A 1 79  ? 1.116   -10.961 -11.635 1.00 54.85 ? 118 GLN A CB  1 
ATOM   645  C CG  . GLN A 1 79  ? 2.394   -11.342 -10.908 1.00 63.13 ? 118 GLN A CG  1 
ATOM   646  C CD  . GLN A 1 79  ? 3.167   -10.107 -10.519 1.00 67.90 ? 118 GLN A CD  1 
ATOM   647  O OE1 . GLN A 1 79  ? 3.542   -9.297  -11.366 1.00 64.84 ? 118 GLN A OE1 1 
ATOM   648  N NE2 . GLN A 1 79  ? 3.384   -9.948  -9.222  1.00 65.66 ? 118 GLN A NE2 1 
ATOM   649  N N   . ALA A 1 80  ? -2.068  -10.419 -10.487 1.00 57.77 ? 119 ALA A N   1 
ATOM   650  C CA  . ALA A 1 80  ? -3.184  -9.453  -10.615 1.00 60.73 ? 119 ALA A CA  1 
ATOM   651  C C   . ALA A 1 80  ? -2.762  -8.340  -11.573 1.00 65.20 ? 119 ALA A C   1 
ATOM   652  O O   . ALA A 1 80  ? -1.574  -8.025  -11.651 1.00 65.89 ? 119 ALA A O   1 
ATOM   653  C CB  . ALA A 1 80  ? -3.530  -8.917  -9.245  1.00 59.54 ? 119 ALA A CB  1 
ATOM   654  N N   . PRO A 1 81  ? -3.682  -7.726  -12.358 1.00 68.37 ? 120 PRO A N   1 
ATOM   655  C CA  . PRO A 1 81  ? -3.318  -6.582  -13.201 1.00 69.70 ? 120 PRO A CA  1 
ATOM   656  C C   . PRO A 1 81  ? -2.596  -5.508  -12.372 1.00 68.46 ? 120 PRO A C   1 
ATOM   657  O O   . PRO A 1 81  ? -3.011  -5.269  -11.245 1.00 73.63 ? 120 PRO A O   1 
ATOM   658  C CB  . PRO A 1 81  ? -4.648  -6.053  -13.771 1.00 69.32 ? 120 PRO A CB  1 
ATOM   659  C CG  . PRO A 1 81  ? -5.746  -6.869  -13.092 1.00 70.46 ? 120 PRO A CG  1 
ATOM   660  C CD  . PRO A 1 81  ? -5.094  -8.108  -12.509 1.00 68.34 ? 120 PRO A CD  1 
ATOM   661  N N   . SER A 1 82  ? -1.520  -4.922  -12.909 1.00 64.48 ? 121 SER A N   1 
ATOM   662  C CA  . SER A 1 82  ? -0.709  -3.888  -12.208 1.00 64.76 ? 121 SER A CA  1 
ATOM   663  C C   . SER A 1 82  ? -1.509  -2.581  -12.129 1.00 59.30 ? 121 SER A C   1 
ATOM   664  O O   . SER A 1 82  ? -1.371  -1.736  -13.031 1.00 66.92 ? 121 SER A O   1 
ATOM   665  C CB  . SER A 1 82  ? 0.650   -3.686  -12.843 1.00 66.18 ? 121 SER A CB  1 
ATOM   666  O OG  . SER A 1 82  ? 1.665   -4.324  -12.074 1.00 67.44 ? 121 SER A OG  1 
ATOM   667  N N   . CYS A 1 83  ? -2.341  -2.446  -11.094 1.00 50.14 ? 122 CYS A N   1 
ATOM   668  C CA  . CYS A 1 83  ? -3.185  -1.250  -10.854 1.00 47.16 ? 122 CYS A CA  1 
ATOM   669  C C   . CYS A 1 83  ? -2.348  -0.203  -10.103 1.00 43.52 ? 122 CYS A C   1 
ATOM   670  O O   . CYS A 1 83  ? -1.635  -0.570  -9.140  1.00 40.48 ? 122 CYS A O   1 
ATOM   671  C CB  . CYS A 1 83  ? -4.444  -1.597  -10.070 1.00 46.73 ? 122 CYS A CB  1 
ATOM   672  S SG  . CYS A 1 83  ? -5.377  -2.992  -10.752 1.00 45.99 ? 122 CYS A SG  1 
ATOM   673  N N   . VAL A 1 84  ? -2.418  1.053   -10.540 1.00 39.46 ? 123 VAL A N   1 
ATOM   674  C CA  . VAL A 1 84  ? -1.784  2.197   -9.828  1.00 35.68 ? 123 VAL A CA  1 
ATOM   675  C C   . VAL A 1 84  ? -2.875  3.150   -9.349  1.00 33.48 ? 123 VAL A C   1 
ATOM   676  O O   . VAL A 1 84  ? -3.790  3.426   -10.120 1.00 33.43 ? 123 VAL A O   1 
ATOM   677  C CB  . VAL A 1 84  ? -0.757  2.908   -10.713 1.00 34.70 ? 123 VAL A CB  1 
ATOM   678  C CG1 . VAL A 1 84  ? -0.067  4.005   -9.935  1.00 36.06 ? 123 VAL A CG1 1 
ATOM   679  C CG2 . VAL A 1 84  ? 0.258   1.927   -11.293 1.00 32.87 ? 123 VAL A CG2 1 
ATOM   680  N N   . TYR A 1 85  ? -2.767  3.594   -8.097  1.00 33.26 ? 124 TYR A N   1 
ATOM   681  C CA  . TYR A 1 85  ? -3.645  4.608   -7.474  1.00 28.74 ? 124 TYR A CA  1 
ATOM   682  C C   . TYR A 1 85  ? -2.893  5.934   -7.498  1.00 28.85 ? 124 TYR A C   1 
ATOM   683  O O   . TYR A 1 85  ? -1.703  6.009   -7.088  1.00 28.58 ? 124 TYR A O   1 
ATOM   684  C CB  . TYR A 1 85  ? -4.054  4.195   -6.061  1.00 26.22 ? 124 TYR A CB  1 
ATOM   685  C CG  . TYR A 1 85  ? -4.919  5.184   -5.316  1.00 25.74 ? 124 TYR A CG  1 
ATOM   686  C CD1 . TYR A 1 85  ? -6.289  5.269   -5.545  1.00 27.09 ? 124 TYR A CD1 1 
ATOM   687  C CD2 . TYR A 1 85  ? -4.377  6.016   -4.354  1.00 25.19 ? 124 TYR A CD2 1 
ATOM   688  C CE1 . TYR A 1 85  ? -7.095  6.156   -4.847  1.00 27.10 ? 124 TYR A CE1 1 
ATOM   689  C CE2 . TYR A 1 85  ? -5.171  6.896   -3.633  1.00 26.06 ? 124 TYR A CE2 1 
ATOM   690  C CZ  . TYR A 1 85  ? -6.530  6.979   -3.888  1.00 27.95 ? 124 TYR A CZ  1 
ATOM   691  O OH  . TYR A 1 85  ? -7.283  7.852   -3.163  1.00 28.25 ? 124 TYR A OH  1 
ATOM   692  N N   . ILE A 1 86  ? -3.575  6.950   -8.013  1.00 30.17 ? 125 ILE A N   1 
ATOM   693  C CA  . ILE A 1 86  ? -3.113  8.357   -8.077  1.00 27.84 ? 125 ILE A CA  1 
ATOM   694  C C   . ILE A 1 86  ? -3.670  9.061   -6.841  1.00 25.73 ? 125 ILE A C   1 
ATOM   695  O O   . ILE A 1 86  ? -4.880  9.138   -6.709  1.00 22.30 ? 125 ILE A O   1 
ATOM   696  C CB  . ILE A 1 86  ? -3.620  9.017   -9.378  1.00 30.51 ? 125 ILE A CB  1 
ATOM   697  C CG1 . ILE A 1 86  ? -3.182  8.253   -10.631 1.00 31.02 ? 125 ILE A CG1 1 
ATOM   698  C CG2 . ILE A 1 86  ? -3.182  10.469  -9.449  1.00 31.53 ? 125 ILE A CG2 1 
ATOM   699  C CD1 . ILE A 1 86  ? -4.021  8.554   -11.845 1.00 33.29 ? 125 ILE A CD1 1 
ATOM   700  N N   . HIS A 1 87  ? -2.819  9.561   -5.960  1.00 24.98 ? 126 HIS A N   1 
ATOM   701  C CA  . HIS A 1 87  ? -3.273  10.330  -4.778  1.00 25.05 ? 126 HIS A CA  1 
ATOM   702  C C   . HIS A 1 87  ? -4.166  11.454  -5.278  1.00 25.70 ? 126 HIS A C   1 
ATOM   703  O O   . HIS A 1 87  ? -3.768  12.158  -6.198  1.00 23.68 ? 126 HIS A O   1 
ATOM   704  C CB  . HIS A 1 87  ? -2.084  10.870  -3.976  1.00 25.31 ? 126 HIS A CB  1 
ATOM   705  C CG  . HIS A 1 87  ? -2.500  11.377  -2.644  1.00 23.33 ? 126 HIS A CG  1 
ATOM   706  N ND1 . HIS A 1 87  ? -3.066  12.633  -2.487  1.00 25.19 ? 126 HIS A ND1 1 
ATOM   707  C CD2 . HIS A 1 87  ? -2.517  10.779  -1.428  1.00 23.75 ? 126 HIS A CD2 1 
ATOM   708  C CE1 . HIS A 1 87  ? -3.372  12.798  -1.216  1.00 25.40 ? 126 HIS A CE1 1 
ATOM   709  N NE2 . HIS A 1 87  ? -3.044  11.673  -0.543  1.00 24.18 ? 126 HIS A NE2 1 
ATOM   710  N N   . PRO A 1 88  ? -5.373  11.660  -4.698  1.00 26.75 ? 127 PRO A N   1 
ATOM   711  C CA  . PRO A 1 88  ? -6.306  12.662  -5.209  1.00 27.96 ? 127 PRO A CA  1 
ATOM   712  C C   . PRO A 1 88  ? -5.770  14.110  -5.170  1.00 28.41 ? 127 PRO A C   1 
ATOM   713  O O   . PRO A 1 88  ? -6.278  14.938  -5.899  1.00 26.16 ? 127 PRO A O   1 
ATOM   714  C CB  . PRO A 1 88  ? -7.567  12.500  -4.338  1.00 27.63 ? 127 PRO A CB  1 
ATOM   715  C CG  . PRO A 1 88  ? -7.139  11.692  -3.124  1.00 26.91 ? 127 PRO A CG  1 
ATOM   716  C CD  . PRO A 1 88  ? -5.876  10.947  -3.515  1.00 25.82 ? 127 PRO A CD  1 
ATOM   717  N N   . ASP A 1 89  ? -4.725  14.400  -4.390  1.00 27.03 ? 128 ASP A N   1 
ATOM   718  C CA  . ASP A 1 89  ? -4.128  15.763  -4.374  1.00 27.52 ? 128 ASP A CA  1 
ATOM   719  C C   . ASP A 1 89  ? -3.281  16.011  -5.635  1.00 27.15 ? 128 ASP A C   1 
ATOM   720  O O   . ASP A 1 89  ? -2.917  17.155  -5.846  1.00 27.33 ? 128 ASP A O   1 
ATOM   721  C CB  . ASP A 1 89  ? -3.307  16.026  -3.114  1.00 25.51 ? 128 ASP A CB  1 
ATOM   722  C CG  . ASP A 1 89  ? -4.073  16.023  -1.803  1.00 27.84 ? 128 ASP A CG  1 
ATOM   723  O OD1 . ASP A 1 89  ? -5.310  15.842  -1.838  1.00 28.78 ? 128 ASP A OD1 1 
ATOM   724  O OD2 . ASP A 1 89  ? -3.425  16.228  -0.746  1.00 27.32 ? 128 ASP A OD2 1 
ATOM   725  N N   . SER A 1 90  ? -2.957  15.005  -6.449  1.00 25.67 ? 129 SER A N   1 
ATOM   726  C CA  . SER A 1 90  ? -2.065  15.161  -7.625  1.00 26.04 ? 129 SER A CA  1 
ATOM   727  C C   . SER A 1 90  ? -2.769  15.958  -8.710  1.00 27.90 ? 129 SER A C   1 
ATOM   728  O O   . SER A 1 90  ? -3.980  15.831  -8.846  1.00 32.02 ? 129 SER A O   1 
ATOM   729  C CB  . SER A 1 90  ? -1.642  13.832  -8.164  1.00 26.49 ? 129 SER A CB  1 
ATOM   730  O OG  . SER A 1 90  ? -1.183  12.994  -7.124  1.00 21.51 ? 129 SER A OG  1 
ATOM   731  N N   . PRO A 1 91  ? -2.062  16.771  -9.532  1.00 29.28 ? 130 PRO A N   1 
ATOM   732  C CA  . PRO A 1 91  ? -0.667  17.150  -9.299  1.00 27.71 ? 130 PRO A CA  1 
ATOM   733  C C   . PRO A 1 91  ? -0.586  18.315  -8.307  1.00 26.36 ? 130 PRO A C   1 
ATOM   734  O O   . PRO A 1 91  ? -1.521  19.080  -8.218  1.00 25.61 ? 130 PRO A O   1 
ATOM   735  C CB  . PRO A 1 91  ? -0.193  17.627  -10.678 1.00 29.65 ? 130 PRO A CB  1 
ATOM   736  C CG  . PRO A 1 91  ? -1.455  18.228  -11.282 1.00 29.26 ? 130 PRO A CG  1 
ATOM   737  C CD  . PRO A 1 91  ? -2.581  17.341  -10.789 1.00 29.46 ? 130 PRO A CD  1 
ATOM   738  N N   . ASN A 1 92  ? 0.508   18.425  -7.557  1.00 27.54 ? 131 ASN A N   1 
ATOM   739  C CA  . ASN A 1 92  ? 0.622   19.495  -6.543  1.00 24.58 ? 131 ASN A CA  1 
ATOM   740  C C   . ASN A 1 92  ? 2.078   19.890  -6.317  1.00 23.63 ? 131 ASN A C   1 
ATOM   741  O O   . ASN A 1 92  ? 2.988   19.118  -6.611  1.00 23.63 ? 131 ASN A O   1 
ATOM   742  C CB  . ASN A 1 92  ? -0.055  19.074  -5.239  1.00 26.84 ? 131 ASN A CB  1 
ATOM   743  C CG  . ASN A 1 92  ? -0.948  20.161  -4.690  1.00 25.85 ? 131 ASN A CG  1 
ATOM   744  O OD1 . ASN A 1 92  ? -0.579  21.329  -4.710  1.00 27.60 ? 131 ASN A OD1 1 
ATOM   745  N ND2 . ASN A 1 92  ? -2.136  19.793  -4.244  1.00 26.88 ? 131 ASN A ND2 1 
ATOM   746  N N   . PHE A 1 93  ? 2.255   21.063  -5.739  1.00 23.18 ? 132 PHE A N   1 
ATOM   747  C CA  . PHE A 1 93  ? 3.561   21.656  -5.393  1.00 24.74 ? 132 PHE A CA  1 
ATOM   748  C C   . PHE A 1 93  ? 4.289   20.747  -4.383  1.00 26.17 ? 132 PHE A C   1 
ATOM   749  O O   . PHE A 1 93  ? 3.663   20.188  -3.445  1.00 21.49 ? 132 PHE A O   1 
ATOM   750  C CB  . PHE A 1 93  ? 3.329   23.074  -4.871  1.00 25.07 ? 132 PHE A CB  1 
ATOM   751  C CG  . PHE A 1 93  ? 2.875   24.101  -5.886  1.00 25.29 ? 132 PHE A CG  1 
ATOM   752  C CD1 . PHE A 1 93  ? 3.764   24.633  -6.813  1.00 27.37 ? 132 PHE A CD1 1 
ATOM   753  C CD2 . PHE A 1 93  ? 1.588   24.601  -5.869  1.00 28.29 ? 132 PHE A CD2 1 
ATOM   754  C CE1 . PHE A 1 93  ? 3.365   25.608  -7.716  1.00 27.15 ? 132 PHE A CE1 1 
ATOM   755  C CE2 . PHE A 1 93  ? 1.184   25.558  -6.794  1.00 24.67 ? 132 PHE A CE2 1 
ATOM   756  C CZ  . PHE A 1 93  ? 2.070   26.060  -7.705  1.00 24.21 ? 132 PHE A CZ  1 
ATOM   757  N N   . GLY A 1 94  ? 5.610   20.595  -4.546  1.00 25.08 ? 133 GLY A N   1 
ATOM   758  C CA  . GLY A 1 94  ? 6.474   20.038  -3.485  1.00 25.22 ? 133 GLY A CA  1 
ATOM   759  C C   . GLY A 1 94  ? 6.059   20.550  -2.121  1.00 24.64 ? 133 GLY A C   1 
ATOM   760  O O   . GLY A 1 94  ? 5.964   19.740  -1.180  1.00 22.74 ? 133 GLY A O   1 
ATOM   761  N N   . ALA A 1 95  ? 5.789   21.853  -2.018  1.00 22.67 ? 134 ALA A N   1 
ATOM   762  C CA  . ALA A 1 95  ? 5.439   22.505  -0.736  1.00 24.60 ? 134 ALA A CA  1 
ATOM   763  C C   . ALA A 1 95  ? 4.215   21.805  -0.140  1.00 24.61 ? 134 ALA A C   1 
ATOM   764  O O   . ALA A 1 95  ? 4.216   21.558  1.080   1.00 23.23 ? 134 ALA A O   1 
ATOM   765  C CB  . ALA A 1 95  ? 5.190   23.975  -0.940  1.00 24.77 ? 134 ALA A CB  1 
ATOM   766  N N   . HIS A 1 96  ? 3.215   21.512  -0.983  1.00 24.77 ? 135 HIS A N   1 
ATOM   767  C CA  . HIS A 1 96  ? 1.957   20.841  -0.586  1.00 23.88 ? 135 HIS A CA  1 
ATOM   768  C C   . HIS A 1 96  ? 2.286   19.471  0.014   1.00 24.45 ? 135 HIS A C   1 
ATOM   769  O O   . HIS A 1 96  ? 1.808   19.160  1.122   1.00 24.43 ? 135 HIS A O   1 
ATOM   770  C CB  . HIS A 1 96  ? 1.012   20.701  -1.770  1.00 24.28 ? 135 HIS A CB  1 
ATOM   771  C CG  . HIS A 1 96  ? -0.210  19.935  -1.402  1.00 24.43 ? 135 HIS A CG  1 
ATOM   772  N ND1 . HIS A 1 96  ? -1.285  20.532  -0.777  1.00 25.38 ? 135 HIS A ND1 1 
ATOM   773  C CD2 . HIS A 1 96  ? -0.492  18.617  -1.473  1.00 23.94 ? 135 HIS A CD2 1 
ATOM   774  C CE1 . HIS A 1 96  ? -2.204  19.610  -0.533  1.00 26.53 ? 135 HIS A CE1 1 
ATOM   775  N NE2 . HIS A 1 96  ? -1.749  18.431  -0.962  1.00 23.74 ? 135 HIS A NE2 1 
ATOM   776  N N   . TRP A 1 97  ? 3.057   18.675  -0.716  1.00 24.85 ? 136 TRP A N   1 
ATOM   777  C CA  . TRP A 1 97  ? 3.407   17.302  -0.281  1.00 23.73 ? 136 TRP A CA  1 
ATOM   778  C C   . TRP A 1 97  ? 4.180   17.347  1.038   1.00 23.62 ? 136 TRP A C   1 
ATOM   779  O O   . TRP A 1 97  ? 3.994   16.432  1.812   1.00 24.26 ? 136 TRP A O   1 
ATOM   780  C CB  . TRP A 1 97  ? 4.184   16.559  -1.367  1.00 22.63 ? 136 TRP A CB  1 
ATOM   781  C CG  . TRP A 1 97  ? 3.430   16.407  -2.649  1.00 22.53 ? 136 TRP A CG  1 
ATOM   782  C CD1 . TRP A 1 97  ? 3.767   16.967  -3.847  1.00 25.78 ? 136 TRP A CD1 1 
ATOM   783  C CD2 . TRP A 1 97  ? 2.195   15.705  -2.877  1.00 23.02 ? 136 TRP A CD2 1 
ATOM   784  N NE1 . TRP A 1 97  ? 2.846   16.641  -4.808  1.00 24.97 ? 136 TRP A NE1 1 
ATOM   785  C CE2 . TRP A 1 97  ? 1.871   15.862  -4.244  1.00 23.15 ? 136 TRP A CE2 1 
ATOM   786  C CE3 . TRP A 1 97  ? 1.318   14.980  -2.069  1.00 21.83 ? 136 TRP A CE3 1 
ATOM   787  C CZ2 . TRP A 1 97  ? 0.738   15.297  -4.822  1.00 21.17 ? 136 TRP A CZ2 1 
ATOM   788  C CZ3 . TRP A 1 97  ? 0.210   14.400  -2.643  1.00 23.04 ? 136 TRP A CZ3 1 
ATOM   789  C CH2 . TRP A 1 97  ? -0.073  14.556  -4.002  1.00 22.19 ? 136 TRP A CH2 1 
ATOM   790  N N   . MET A 1 98  ? 5.034   18.346  1.277   1.00 23.11 ? 137 MET A N   1 
ATOM   791  C CA  . MET A 1 98  ? 5.989   18.327  2.420   1.00 24.24 ? 137 MET A CA  1 
ATOM   792  C C   . MET A 1 98  ? 5.394   18.971  3.678   1.00 24.99 ? 137 MET A C   1 
ATOM   793  O O   . MET A 1 98  ? 5.899   18.682  4.759   1.00 26.34 ? 137 MET A O   1 
ATOM   794  C CB  . MET A 1 98  ? 7.302   19.027  2.052   1.00 23.21 ? 137 MET A CB  1 
ATOM   795  C CG  . MET A 1 98  ? 8.096   18.252  1.014   1.00 27.29 ? 137 MET A CG  1 
ATOM   796  S SD  . MET A 1 98  ? 9.703   19.010  0.698   1.00 27.28 ? 137 MET A SD  1 
ATOM   797  C CE  . MET A 1 98  ? 9.230   20.519  -0.140  1.00 25.62 ? 137 MET A CE  1 
ATOM   798  N N   . LYS A 1 99  ? 4.347   19.773  3.566   1.00 25.08 ? 138 LYS A N   1 
ATOM   799  C CA  . LYS A 1 99  ? 3.852   20.573  4.707   1.00 27.56 ? 138 LYS A CA  1 
ATOM   800  C C   . LYS A 1 99  ? 3.057   19.695  5.673   1.00 28.00 ? 138 LYS A C   1 
ATOM   801  O O   . LYS A 1 99  ? 2.874   20.102  6.800   1.00 26.04 ? 138 LYS A O   1 
ATOM   802  C CB  . LYS A 1 99  ? 2.983   21.721  4.210   1.00 28.46 ? 138 LYS A CB  1 
ATOM   803  C CG  . LYS A 1 99  ? 1.562   21.319  3.887   1.00 29.04 ? 138 LYS A CG  1 
ATOM   804  C CD  . LYS A 1 99  ? 0.864   22.335  3.060   1.00 31.15 ? 138 LYS A CD  1 
ATOM   805  C CE  . LYS A 1 99  ? -0.496  21.863  2.617   1.00 33.59 ? 138 LYS A CE  1 
ATOM   806  N NZ  . LYS A 1 99  ? -0.982  22.719  1.511   1.00 36.69 ? 138 LYS A NZ  1 
ATOM   807  N N   . ALA A 1 100 ? 2.576   18.540  5.236   1.00 28.55 ? 139 ALA A N   1 
ATOM   808  C CA  . ALA A 1 100 ? 1.861   17.588  6.106   1.00 28.46 ? 139 ALA A CA  1 
ATOM   809  C C   . ALA A 1 100 ? 1.995   16.190  5.546   1.00 25.71 ? 139 ALA A C   1 
ATOM   810  O O   . ALA A 1 100 ? 2.138   16.009  4.340   1.00 24.33 ? 139 ALA A O   1 
ATOM   811  C CB  . ALA A 1 100 ? 0.400   17.959  6.233   1.00 28.53 ? 139 ALA A CB  1 
ATOM   812  N N   . PRO A 1 101 ? 1.844   15.178  6.423   1.00 26.19 ? 140 PRO A N   1 
ATOM   813  C CA  . PRO A 1 101 ? 1.869   13.780  5.993   1.00 25.87 ? 140 PRO A CA  1 
ATOM   814  C C   . PRO A 1 101 ? 0.942   13.540  4.789   1.00 23.31 ? 140 PRO A C   1 
ATOM   815  O O   . PRO A 1 101 ? -0.116  14.101  4.738   1.00 22.33 ? 140 PRO A O   1 
ATOM   816  C CB  . PRO A 1 101 ? 1.365   13.054  7.247   1.00 28.42 ? 140 PRO A CB  1 
ATOM   817  C CG  . PRO A 1 101 ? 1.828   13.937  8.389   1.00 29.48 ? 140 PRO A CG  1 
ATOM   818  C CD  . PRO A 1 101 ? 1.593   15.343  7.869   1.00 27.00 ? 140 PRO A CD  1 
ATOM   819  N N   . VAL A 1 102 ? 1.356   12.704  3.852   1.00 24.15 ? 141 VAL A N   1 
ATOM   820  C CA  . VAL A 1 102 ? 0.547   12.345  2.654   1.00 26.30 ? 141 VAL A CA  1 
ATOM   821  C C   . VAL A 1 102 ? -0.179  11.051  3.009   1.00 26.03 ? 141 VAL A C   1 
ATOM   822  O O   . VAL A 1 102 ? 0.493   10.014  3.273   1.00 25.95 ? 141 VAL A O   1 
ATOM   823  C CB  . VAL A 1 102 ? 1.454   12.202  1.414   1.00 26.69 ? 141 VAL A CB  1 
ATOM   824  C CG1 . VAL A 1 102 ? 0.657   11.882  0.157   1.00 26.89 ? 141 VAL A CG1 1 
ATOM   825  C CG2 . VAL A 1 102 ? 2.305   13.450  1.214   1.00 27.44 ? 141 VAL A CG2 1 
ATOM   826  N N   A SER A 1 103 ? -1.513  11.099  3.019   0.25 25.92 ? 142 SER A N   1 
ATOM   827  N N   B SER A 1 103 ? -1.514  11.088  3.019   0.25 26.40 ? 142 SER A N   1 
ATOM   828  C CA  A SER A 1 103 ? -2.393  9.989   3.466   0.25 26.11 ? 142 SER A CA  1 
ATOM   829  C CA  B SER A 1 103 ? -2.378  9.968   3.479   0.25 26.87 ? 142 SER A CA  1 
ATOM   830  C C   A SER A 1 103 ? -3.102  9.359   2.262   0.25 25.65 ? 142 SER A C   1 
ATOM   831  C C   B SER A 1 103 ? -3.127  9.354   2.292   0.25 26.11 ? 142 SER A C   1 
ATOM   832  O O   A SER A 1 103 ? -3.719  10.112  1.485   0.25 25.90 ? 142 SER A O   1 
ATOM   833  O O   B SER A 1 103 ? -3.789  10.109  1.556   0.25 26.37 ? 142 SER A O   1 
ATOM   834  C CB  A SER A 1 103 ? -3.387  10.466  4.484   0.25 26.00 ? 142 SER A CB  1 
ATOM   835  C CB  B SER A 1 103 ? -3.321  10.428  4.555   0.25 27.24 ? 142 SER A CB  1 
ATOM   836  O OG  A SER A 1 103 ? -4.296  9.427   4.799   0.25 25.65 ? 142 SER A OG  1 
ATOM   837  O OG  B SER A 1 103 ? -2.593  10.824  5.706   0.25 28.06 ? 142 SER A OG  1 
ATOM   838  N N   . PHE A 1 104 ? -3.025  8.029   2.137   1.00 25.16 ? 143 PHE A N   1 
ATOM   839  C CA  . PHE A 1 104 ? -3.705  7.253   1.065   1.00 25.67 ? 143 PHE A CA  1 
ATOM   840  C C   . PHE A 1 104 ? -4.978  6.630   1.647   1.00 27.02 ? 143 PHE A C   1 
ATOM   841  O O   . PHE A 1 104 ? -5.215  5.394   1.537   1.00 23.04 ? 143 PHE A O   1 
ATOM   842  C CB  . PHE A 1 104 ? -2.731  6.221   0.511   1.00 26.25 ? 143 PHE A CB  1 
ATOM   843  C CG  . PHE A 1 104 ? -1.647  6.824   -0.329  1.00 26.85 ? 143 PHE A CG  1 
ATOM   844  C CD1 . PHE A 1 104 ? -1.829  6.994   -1.695  1.00 27.19 ? 143 PHE A CD1 1 
ATOM   845  C CD2 . PHE A 1 104 ? -0.455  7.245   0.252   1.00 28.90 ? 143 PHE A CD2 1 
ATOM   846  C CE1 . PHE A 1 104 ? -0.827  7.559   -2.470  1.00 28.04 ? 143 PHE A CE1 1 
ATOM   847  C CE2 . PHE A 1 104 ? 0.544   7.803   -0.530  1.00 30.05 ? 143 PHE A CE2 1 
ATOM   848  C CZ  . PHE A 1 104 ? 0.354   7.960   -1.884  1.00 28.44 ? 143 PHE A CZ  1 
ATOM   849  N N   . SER A 1 105 ? -5.789  7.485   2.265   1.00 27.86 ? 144 SER A N   1 
ATOM   850  C CA  . SER A 1 105 ? -6.939  7.084   3.108   1.00 31.76 ? 144 SER A CA  1 
ATOM   851  C C   . SER A 1 105 ? -8.036  6.436   2.250   1.00 31.63 ? 144 SER A C   1 
ATOM   852  O O   . SER A 1 105 ? -8.736  5.577   2.792   1.00 25.87 ? 144 SER A O   1 
ATOM   853  C CB  . SER A 1 105 ? -7.458  8.265   3.896   1.00 31.37 ? 144 SER A CB  1 
ATOM   854  O OG  . SER A 1 105 ? -7.665  9.361   3.033   1.00 36.15 ? 144 SER A OG  1 
ATOM   855  N N   . LYS A 1 106 ? -8.143  6.791   0.965   1.00 32.59 ? 145 LYS A N   1 
ATOM   856  C CA  . LYS A 1 106 ? -9.308  6.441   0.098   1.00 37.03 ? 145 LYS A CA  1 
ATOM   857  C C   . LYS A 1 106 ? -9.015  5.246   -0.829  1.00 34.35 ? 145 LYS A C   1 
ATOM   858  O O   . LYS A 1 106 ? -9.960  4.779   -1.487  1.00 33.08 ? 145 LYS A O   1 
ATOM   859  C CB  . LYS A 1 106 ? -9.710  7.641   -0.765  1.00 37.84 ? 145 LYS A CB  1 
ATOM   860  C CG  . LYS A 1 106 ? -10.015 8.928   -0.006  1.00 41.58 ? 145 LYS A CG  1 
ATOM   861  C CD  . LYS A 1 106 ? -11.191 8.820   0.925   1.00 47.88 ? 145 LYS A CD  1 
ATOM   862  C CE  . LYS A 1 106 ? -11.834 10.158  1.238   1.00 55.38 ? 145 LYS A CE  1 
ATOM   863  N NZ  . LYS A 1 106 ? -13.171 9.978   1.860   1.00 57.98 ? 145 LYS A NZ  1 
ATOM   864  N N   . VAL A 1 107 ? -7.774  4.770   -0.936  1.00 29.51 ? 146 VAL A N   1 
ATOM   865  C CA  . VAL A 1 107 ? -7.486  3.598   -1.807  1.00 30.37 ? 146 VAL A CA  1 
ATOM   866  C C   . VAL A 1 107 ? -8.361  2.427   -1.307  1.00 28.55 ? 146 VAL A C   1 
ATOM   867  O O   . VAL A 1 107 ? -8.523  2.274   -0.089  1.00 25.92 ? 146 VAL A O   1 
ATOM   868  C CB  . VAL A 1 107 ? -5.982  3.268   -1.843  1.00 31.34 ? 146 VAL A CB  1 
ATOM   869  C CG1 . VAL A 1 107 ? -5.500  2.634   -0.542  1.00 32.87 ? 146 VAL A CG1 1 
ATOM   870  C CG2 . VAL A 1 107 ? -5.636  2.390   -3.035  1.00 35.47 ? 146 VAL A CG2 1 
ATOM   871  N N   . LYS A 1 108 ? -8.947  1.662   -2.230  1.00 29.13 ? 147 LYS A N   1 
ATOM   872  C CA  . LYS A 1 108 ? -9.843  0.506   -1.937  1.00 29.43 ? 147 LYS A CA  1 
ATOM   873  C C   . LYS A 1 108 ? -9.196  -0.729  -2.560  1.00 27.21 ? 147 LYS A C   1 
ATOM   874  O O   . LYS A 1 108 ? -8.752  -0.651  -3.726  1.00 27.48 ? 147 LYS A O   1 
ATOM   875  C CB  . LYS A 1 108 ? -11.262 0.738   -2.479  1.00 31.93 ? 147 LYS A CB  1 
ATOM   876  C CG  . LYS A 1 108 ? -12.193 1.502   -1.555  1.00 34.99 ? 147 LYS A CG  1 
ATOM   877  C CD  . LYS A 1 108 ? -13.650 1.556   -1.992  1.00 37.95 ? 147 LYS A CD  1 
ATOM   878  C CE  . LYS A 1 108 ? -14.443 2.437   -1.048  1.00 42.03 ? 147 LYS A CE  1 
ATOM   879  N NZ  . LYS A 1 108 ? -15.904 2.415   -1.303  1.00 46.20 ? 147 LYS A NZ  1 
ATOM   880  N N   . LEU A 1 109 ? -9.075  -1.796  -1.777  1.00 27.73 ? 148 LEU A N   1 
ATOM   881  C CA  . LEU A 1 109 ? -8.534  -3.096  -2.244  1.00 25.42 ? 148 LEU A CA  1 
ATOM   882  C C   . LEU A 1 109 ? -9.711  -3.998  -2.589  1.00 26.85 ? 148 LEU A C   1 
ATOM   883  O O   . LEU A 1 109 ? -10.611 -4.161  -1.722  1.00 24.74 ? 148 LEU A O   1 
ATOM   884  C CB  . LEU A 1 109 ? -7.681  -3.717  -1.140  1.00 25.58 ? 148 LEU A CB  1 
ATOM   885  C CG  . LEU A 1 109 ? -6.537  -2.846  -0.620  1.00 25.19 ? 148 LEU A CG  1 
ATOM   886  C CD1 . LEU A 1 109 ? -5.684  -3.650  0.350   1.00 24.59 ? 148 LEU A CD1 1 
ATOM   887  C CD2 . LEU A 1 109 ? -5.690  -2.282  -1.751  1.00 26.56 ? 148 LEU A CD2 1 
ATOM   888  N N   . THR A 1 110 ? -9.672  -4.578  -3.783  1.00 27.62 ? 149 THR A N   1 
ATOM   889  C CA  . THR A 1 110 ? -10.741 -5.446  -4.334  1.00 30.88 ? 149 THR A CA  1 
ATOM   890  C C   . THR A 1 110 ? -10.157 -6.783  -4.813  1.00 32.12 ? 149 THR A C   1 
ATOM   891  O O   . THR A 1 110 ? -8.927  -6.883  -5.027  1.00 31.85 ? 149 THR A O   1 
ATOM   892  C CB  . THR A 1 110 ? -11.501 -4.696  -5.437  1.00 29.51 ? 149 THR A CB  1 
ATOM   893  O OG1 . THR A 1 110 ? -12.647 -5.492  -5.732  1.00 38.74 ? 149 THR A OG1 1 
ATOM   894  C CG2 . THR A 1 110 ? -10.686 -4.444  -6.688  1.00 29.04 ? 149 THR A CG2 1 
ATOM   895  N N   . ASN A 1 111 ? -11.035 -7.775  -4.969  1.00 31.96 ? 150 ASN A N   1 
ATOM   896  C CA  . ASN A 1 111 ? -10.761 -9.038  -5.708  1.00 36.48 ? 150 ASN A CA  1 
ATOM   897  C C   . ASN A 1 111 ? -11.665 -9.136  -6.956  1.00 39.06 ? 150 ASN A C   1 
ATOM   898  O O   . ASN A 1 111 ? -11.798 -10.247 -7.504  1.00 41.08 ? 150 ASN A O   1 
ATOM   899  C CB  . ASN A 1 111 ? -10.856 -10.266 -4.787  1.00 36.03 ? 150 ASN A CB  1 
ATOM   900  C CG  . ASN A 1 111 ? -12.176 -10.416 -4.063  1.00 35.64 ? 150 ASN A CG  1 
ATOM   901  O OD1 . ASN A 1 111 ? -12.341 -11.364 -3.304  1.00 37.13 ? 150 ASN A OD1 1 
ATOM   902  N ND2 . ASN A 1 111 ? -13.109 -9.498  -4.265  1.00 30.65 ? 150 ASN A ND2 1 
ATOM   903  N N   . LYS A 1 112 ? -12.253 -8.024  -7.407  1.00 44.85 ? 151 LYS A N   1 
ATOM   904  C CA  . LYS A 1 112 ? -13.005 -7.953  -8.689  1.00 53.37 ? 151 LYS A CA  1 
ATOM   905  C C   . LYS A 1 112 ? -12.765 -6.585  -9.329  1.00 56.62 ? 151 LYS A C   1 
ATOM   906  O O   . LYS A 1 112 ? -13.136 -5.560  -8.707  1.00 55.98 ? 151 LYS A O   1 
ATOM   907  C CB  . LYS A 1 112 ? -14.503 -8.196  -8.479  1.00 59.53 ? 151 LYS A CB  1 
ATOM   908  C CG  . LYS A 1 112 ? -14.953 -9.656  -8.487  1.00 67.04 ? 151 LYS A CG  1 
ATOM   909  C CD  . LYS A 1 112 ? -15.300 -10.215 -9.868  1.00 70.45 ? 151 LYS A CD  1 
ATOM   910  C CE  . LYS A 1 112 ? -16.611 -10.988 -9.916  1.00 72.88 ? 151 LYS A CE  1 
ATOM   911  N NZ  . LYS A 1 112 ? -16.673 -12.084 -8.917  1.00 70.29 ? 151 LYS A NZ  1 
ATOM   912  N N   . LEU A 1 113 ? -12.120 -6.597  -10.501 1.00 63.66 ? 152 LEU A N   1 
ATOM   913  C CA  . LEU A 1 113 ? -12.087 -5.492  -11.501 1.00 69.98 ? 152 LEU A CA  1 
ATOM   914  C C   . LEU A 1 113 ? -13.506 -4.963  -11.789 1.00 64.53 ? 152 LEU A C   1 
ATOM   915  O O   . LEU A 1 113 ? -14.023 -5.226  -12.877 1.00 66.32 ? 152 LEU A O   1 
ATOM   916  C CB  . LEU A 1 113 ? -11.408 -6.004  -12.784 1.00 76.63 ? 152 LEU A CB  1 
ATOM   917  C CG  . LEU A 1 113 ? -11.811 -7.381  -13.349 1.00 82.38 ? 152 LEU A CG  1 
ATOM   918  C CD1 . LEU A 1 113 ? -10.835 -8.470  -12.930 1.00 80.97 ? 152 LEU A CD1 1 
ATOM   919  C CD2 . LEU A 1 113 ? -13.240 -7.814  -13.014 1.00 83.87 ? 152 LEU A CD2 1 
ATOM   920  N N   . ASN A 1 114 ? -14.113 -4.207  -10.871 1.00 64.06 ? 153 ASN A N   1 
ATOM   921  C CA  . ASN A 1 114 ? -15.466 -3.619  -11.073 1.00 65.00 ? 153 ASN A CA  1 
ATOM   922  C C   . ASN A 1 114 ? -15.395 -2.086  -10.964 1.00 65.93 ? 153 ASN A C   1 
ATOM   923  O O   . ASN A 1 114 ? -16.359 -1.487  -10.431 1.00 65.52 ? 153 ASN A O   1 
ATOM   924  C CB  . ASN A 1 114 ? -16.500 -4.266  -10.144 1.00 64.42 ? 153 ASN A CB  1 
ATOM   925  C CG  . ASN A 1 114 ? -16.382 -3.856  -8.690  1.00 64.01 ? 153 ASN A CG  1 
ATOM   926  O OD1 . ASN A 1 114 ? -15.285 -3.631  -8.175  1.00 69.16 ? 153 ASN A OD1 1 
ATOM   927  N ND2 . ASN A 1 114 ? -17.518 -3.772  -8.015  1.00 62.80 ? 153 ASN A ND2 1 
ATOM   928  N N   . GLY A 1 115 ? -14.298 -1.485  -11.450 1.00 72.63 ? 154 GLY A N   1 
ATOM   929  C CA  . GLY A 1 115 ? -14.158 -0.034  -11.717 1.00 72.52 ? 154 GLY A CA  1 
ATOM   930  C C   . GLY A 1 115 ? -13.887 0.793   -10.467 1.00 74.44 ? 154 GLY A C   1 
ATOM   931  O O   . GLY A 1 115 ? -13.790 0.212   -9.368  1.00 77.19 ? 154 GLY A O   1 
ATOM   932  N N   . GLY A 1 116 ? -13.759 2.114   -10.643 1.00 73.38 ? 155 GLY A N   1 
ATOM   933  C CA  . GLY A 1 116 ? -13.702 3.114   -9.556  1.00 68.12 ? 155 GLY A CA  1 
ATOM   934  C C   . GLY A 1 116 ? -12.320 3.233   -8.933  1.00 66.00 ? 155 GLY A C   1 
ATOM   935  O O   . GLY A 1 116 ? -12.263 3.475   -7.721  1.00 63.94 ? 155 GLY A O   1 
ATOM   936  N N   . GLY A 1 117 ? -11.252 3.073   -9.730  1.00 66.11 ? 156 GLY A N   1 
ATOM   937  C CA  . GLY A 1 117 ? -9.841  3.285   -9.340  1.00 60.52 ? 156 GLY A CA  1 
ATOM   938  C C   . GLY A 1 117 ? -9.414  2.433   -8.154  1.00 59.67 ? 156 GLY A C   1 
ATOM   939  O O   . GLY A 1 117 ? -8.585  2.911   -7.356  1.00 67.84 ? 156 GLY A O   1 
ATOM   940  N N   . GLN A 1 118 ? -9.954  1.217   -8.036  1.00 52.32 ? 157 GLN A N   1 
ATOM   941  C CA  . GLN A 1 118 ? -9.629  0.240   -6.965  1.00 42.77 ? 157 GLN A CA  1 
ATOM   942  C C   . GLN A 1 118 ? -8.356  -0.519  -7.353  1.00 40.08 ? 157 GLN A C   1 
ATOM   943  O O   . GLN A 1 118 ? -8.000  -0.526  -8.553  1.00 42.76 ? 157 GLN A O   1 
ATOM   944  C CB  . GLN A 1 118 ? -10.776 -0.753  -6.788  1.00 42.98 ? 157 GLN A CB  1 
ATOM   945  C CG  . GLN A 1 118 ? -12.081 -0.124  -6.340  1.00 44.43 ? 157 GLN A CG  1 
ATOM   946  C CD  . GLN A 1 118 ? -13.215 -1.114  -6.397  1.00 43.39 ? 157 GLN A CD  1 
ATOM   947  O OE1 . GLN A 1 118 ? -13.025 -2.323  -6.367  1.00 48.19 ? 157 GLN A OE1 1 
ATOM   948  N NE2 . GLN A 1 118 ? -14.421 -0.605  -6.539  1.00 47.68 ? 157 GLN A NE2 1 
ATOM   949  N N   . ILE A 1 119 ? -7.718  -1.172  -6.384  1.00 30.39 ? 158 ILE A N   1 
ATOM   950  C CA  . ILE A 1 119 ? -6.505  -2.010  -6.611  1.00 28.12 ? 158 ILE A CA  1 
ATOM   951  C C   . ILE A 1 119 ? -6.935  -3.472  -6.497  1.00 28.06 ? 158 ILE A C   1 
ATOM   952  O O   . ILE A 1 119 ? -7.516  -3.844  -5.464  1.00 25.53 ? 158 ILE A O   1 
ATOM   953  C CB  . ILE A 1 119 ? -5.395  -1.672  -5.599  1.00 27.73 ? 158 ILE A CB  1 
ATOM   954  C CG1 . ILE A 1 119 ? -5.044  -0.184  -5.577  1.00 28.86 ? 158 ILE A CG1 1 
ATOM   955  C CG2 . ILE A 1 119 ? -4.175  -2.535  -5.850  1.00 28.50 ? 158 ILE A CG2 1 
ATOM   956  C CD1 . ILE A 1 119 ? -4.210  0.300   -6.743  1.00 30.85 ? 158 ILE A CD1 1 
ATOM   957  N N   . MET A 1 120 ? -6.702  -4.269  -7.536  1.00 29.35 ? 159 MET A N   1 
ATOM   958  C CA  . MET A 1 120 ? -7.037  -5.712  -7.523  1.00 33.53 ? 159 MET A CA  1 
ATOM   959  C C   . MET A 1 120 ? -5.863  -6.494  -6.922  1.00 29.74 ? 159 MET A C   1 
ATOM   960  O O   . MET A 1 120 ? -4.743  -6.297  -7.393  1.00 33.62 ? 159 MET A O   1 
ATOM   961  C CB  . MET A 1 120 ? -7.310  -6.219  -8.938  1.00 39.13 ? 159 MET A CB  1 
ATOM   962  C CG  . MET A 1 120 ? -7.483  -7.711  -8.991  1.00 44.35 ? 159 MET A CG  1 
ATOM   963  S SD  . MET A 1 120 ? -9.103  -8.158  -9.622  1.00 61.76 ? 159 MET A SD  1 
ATOM   964  C CE  . MET A 1 120 ? -8.574  -9.288  -10.913 1.00 63.51 ? 159 MET A CE  1 
ATOM   965  N N   . LEU A 1 121 ? -6.116  -7.331  -5.917  1.00 27.55 ? 160 LEU A N   1 
ATOM   966  C CA  . LEU A 1 121 ? -5.082  -8.222  -5.327  1.00 28.25 ? 160 LEU A CA  1 
ATOM   967  C C   . LEU A 1 121 ? -5.655  -9.641  -5.280  1.00 29.20 ? 160 LEU A C   1 
ATOM   968  O O   . LEU A 1 121 ? -6.879  -9.797  -5.315  1.00 29.81 ? 160 LEU A O   1 
ATOM   969  C CB  . LEU A 1 121 ? -4.685  -7.754  -3.916  1.00 24.72 ? 160 LEU A CB  1 
ATOM   970  C CG  . LEU A 1 121 ? -4.354  -6.270  -3.721  1.00 23.70 ? 160 LEU A CG  1 
ATOM   971  C CD1 . LEU A 1 121 ? -4.147  -5.961  -2.242  1.00 23.76 ? 160 LEU A CD1 1 
ATOM   972  C CD2 . LEU A 1 121 ? -3.120  -5.883  -4.504  1.00 23.54 ? 160 LEU A CD2 1 
ATOM   973  N N   . ASN A 1 122 ? -4.778  -10.633 -5.193  1.00 29.08 ? 161 ASN A N   1 
ATOM   974  C CA  . ASN A 1 122 ? -5.153  -12.060 -5.069  1.00 32.36 ? 161 ASN A CA  1 
ATOM   975  C C   . ASN A 1 122 ? -5.204  -12.395 -3.572  1.00 29.95 ? 161 ASN A C   1 
ATOM   976  O O   . ASN A 1 122 ? -4.203  -12.171 -2.877  1.00 28.79 ? 161 ASN A O   1 
ATOM   977  C CB  . ASN A 1 122 ? -4.196  -12.927 -5.889  1.00 30.96 ? 161 ASN A CB  1 
ATOM   978  C CG  . ASN A 1 122 ? -4.215  -12.586 -7.368  1.00 30.69 ? 161 ASN A CG  1 
ATOM   979  O OD1 . ASN A 1 122 ? -5.239  -12.182 -7.908  1.00 34.70 ? 161 ASN A OD1 1 
ATOM   980  N ND2 . ASN A 1 122 ? -3.089  -12.734 -8.031  1.00 30.25 ? 161 ASN A ND2 1 
ATOM   981  N N   . SER A 1 123 ? -6.312  -12.958 -3.091  1.00 27.23 ? 162 SER A N   1 
ATOM   982  C CA  . SER A 1 123 ? -6.403  -13.477 -1.706  1.00 29.21 ? 162 SER A CA  1 
ATOM   983  C C   . SER A 1 123 ? -5.277  -14.498 -1.488  1.00 27.05 ? 162 SER A C   1 
ATOM   984  O O   . SER A 1 123 ? -4.913  -15.239 -2.438  1.00 27.09 ? 162 SER A O   1 
ATOM   985  C CB  . SER A 1 123 ? -7.742  -14.056 -1.433  1.00 32.95 ? 162 SER A CB  1 
ATOM   986  O OG  . SER A 1 123 ? -8.197  -14.712 -2.598  1.00 36.77 ? 162 SER A OG  1 
ATOM   987  N N   . LEU A 1 124 ? -4.714  -14.472 -0.292  1.00 24.25 ? 163 LEU A N   1 
ATOM   988  C CA  . LEU A 1 124 ? -3.702  -15.424 0.219   1.00 26.39 ? 163 LEU A CA  1 
ATOM   989  C C   . LEU A 1 124 ? -2.344  -15.170 -0.447  1.00 24.14 ? 163 LEU A C   1 
ATOM   990  O O   . LEU A 1 124 ? -1.421  -16.013 -0.285  1.00 25.62 ? 163 LEU A O   1 
ATOM   991  C CB  . LEU A 1 124 ? -4.245  -16.851 0.037   1.00 26.25 ? 163 LEU A CB  1 
ATOM   992  C CG  . LEU A 1 124 ? -5.633  -17.073 0.659   1.00 28.76 ? 163 LEU A CG  1 
ATOM   993  C CD1 . LEU A 1 124 ? -6.076  -18.525 0.570   1.00 29.10 ? 163 LEU A CD1 1 
ATOM   994  C CD2 . LEU A 1 124 ? -5.676  -16.624 2.118   1.00 26.46 ? 163 LEU A CD2 1 
ATOM   995  N N   . HIS A 1 125 ? -2.172  -14.005 -1.083  1.00 26.99 ? 164 HIS A N   1 
ATOM   996  C CA  . HIS A 1 125 ? -0.866  -13.530 -1.611  1.00 25.96 ? 164 HIS A CA  1 
ATOM   997  C C   . HIS A 1 125 ? -0.395  -12.321 -0.806  1.00 25.98 ? 164 HIS A C   1 
ATOM   998  O O   . HIS A 1 125 ? -1.263  -11.491 -0.422  1.00 25.77 ? 164 HIS A O   1 
ATOM   999  C CB  . HIS A 1 125 ? -0.976  -13.201 -3.097  1.00 27.09 ? 164 HIS A CB  1 
ATOM   1000 C CG  . HIS A 1 125 ? -1.264  -14.385 -3.947  1.00 27.79 ? 164 HIS A CG  1 
ATOM   1001 N ND1 . HIS A 1 125 ? -2.474  -15.057 -3.892  1.00 30.12 ? 164 HIS A ND1 1 
ATOM   1002 C CD2 . HIS A 1 125 ? -0.518  -14.998 -4.896  1.00 26.62 ? 164 HIS A CD2 1 
ATOM   1003 C CE1 . HIS A 1 125 ? -2.454  -16.052 -4.771  1.00 30.09 ? 164 HIS A CE1 1 
ATOM   1004 N NE2 . HIS A 1 125 ? -1.261  -16.035 -5.395  1.00 27.39 ? 164 HIS A NE2 1 
ATOM   1005 N N   . LYS A 1 126 ? 0.911   -12.243 -0.555  1.00 26.38 ? 165 LYS A N   1 
ATOM   1006 C CA  . LYS A 1 126 ? 1.540   -11.175 0.251   1.00 25.63 ? 165 LYS A CA  1 
ATOM   1007 C C   . LYS A 1 126 ? 1.946   -10.033 -0.682  1.00 25.96 ? 165 LYS A C   1 
ATOM   1008 O O   . LYS A 1 126 ? 2.421   -10.306 -1.794  1.00 22.89 ? 165 LYS A O   1 
ATOM   1009 C CB  . LYS A 1 126 ? 2.698   -11.738 1.069   1.00 26.94 ? 165 LYS A CB  1 
ATOM   1010 C CG  . LYS A 1 126 ? 3.536   -10.718 1.813   1.00 28.06 ? 165 LYS A CG  1 
ATOM   1011 C CD  . LYS A 1 126 ? 4.593   -11.345 2.715   1.00 29.23 ? 165 LYS A CD  1 
ATOM   1012 C CE  . LYS A 1 126 ? 3.969   -12.340 3.683   1.00 34.82 ? 165 LYS A CE  1 
ATOM   1013 N NZ  . LYS A 1 126 ? 4.809   -12.615 4.875   1.00 36.40 ? 165 LYS A NZ  1 
ATOM   1014 N N   . TYR A 1 127 ? 1.689   -8.791  -0.246  1.00 24.87 ? 166 TYR A N   1 
ATOM   1015 C CA  . TYR A 1 127 ? 1.902   -7.536  -1.011  1.00 24.69 ? 166 TYR A CA  1 
ATOM   1016 C C   . TYR A 1 127 ? 2.667   -6.538  -0.142  1.00 24.35 ? 166 TYR A C   1 
ATOM   1017 O O   . TYR A 1 127 ? 2.597   -6.592  1.101   1.00 23.50 ? 166 TYR A O   1 
ATOM   1018 C CB  . TYR A 1 127 ? 0.580   -6.971  -1.544  1.00 24.58 ? 166 TYR A CB  1 
ATOM   1019 C CG  . TYR A 1 127 ? -0.086  -7.821  -2.599  1.00 24.94 ? 166 TYR A CG  1 
ATOM   1020 C CD1 . TYR A 1 127 ? 0.306   -7.755  -3.927  1.00 25.14 ? 166 TYR A CD1 1 
ATOM   1021 C CD2 . TYR A 1 127 ? -1.072  -8.739  -2.268  1.00 25.39 ? 166 TYR A CD2 1 
ATOM   1022 C CE1 . TYR A 1 127 ? -0.274  -8.559  -4.897  1.00 26.28 ? 166 TYR A CE1 1 
ATOM   1023 C CE2 . TYR A 1 127 ? -1.663  -9.547  -3.224  1.00 25.80 ? 166 TYR A CE2 1 
ATOM   1024 C CZ  . TYR A 1 127 ? -1.266  -9.457  -4.548  1.00 27.16 ? 166 TYR A CZ  1 
ATOM   1025 O OH  . TYR A 1 127 ? -1.857  -10.237 -5.510  1.00 25.71 ? 166 TYR A OH  1 
ATOM   1026 N N   . GLU A 1 128 ? 3.446   -5.688  -0.806  1.00 24.97 ? 167 GLU A N   1 
ATOM   1027 C CA  . GLU A 1 128 ? 4.193   -4.568  -0.178  1.00 25.67 ? 167 GLU A CA  1 
ATOM   1028 C C   . GLU A 1 128 ? 3.822   -3.289  -0.914  1.00 23.68 ? 167 GLU A C   1 
ATOM   1029 O O   . GLU A 1 128 ? 4.143   -3.113  -2.095  1.00 22.34 ? 167 GLU A O   1 
ATOM   1030 C CB  . GLU A 1 128 ? 5.698   -4.818  -0.253  1.00 29.04 ? 167 GLU A CB  1 
ATOM   1031 C CG  . GLU A 1 128 ? 6.524   -3.874  0.611   1.00 33.43 ? 167 GLU A CG  1 
ATOM   1032 C CD  . GLU A 1 128 ? 7.979   -4.296  0.724   1.00 39.14 ? 167 GLU A CD  1 
ATOM   1033 O OE1 . GLU A 1 128 ? 8.751   -3.968  -0.193  1.00 46.96 ? 167 GLU A OE1 1 
ATOM   1034 O OE2 . GLU A 1 128 ? 8.326   -5.022  1.681   1.00 43.14 ? 167 GLU A OE2 1 
ATOM   1035 N N   . PRO A 1 129 ? 3.147   -2.353  -0.225  1.00 24.37 ? 168 PRO A N   1 
ATOM   1036 C CA  . PRO A 1 129 ? 2.916   -1.017  -0.766  1.00 22.70 ? 168 PRO A CA  1 
ATOM   1037 C C   . PRO A 1 129 ? 4.200   -0.339  -1.245  1.00 23.49 ? 168 PRO A C   1 
ATOM   1038 O O   . PRO A 1 129 ? 5.281   -0.488  -0.620  1.00 23.31 ? 168 PRO A O   1 
ATOM   1039 C CB  . PRO A 1 129 ? 2.337   -0.270  0.427   1.00 24.04 ? 168 PRO A CB  1 
ATOM   1040 C CG  . PRO A 1 129 ? 1.613   -1.343  1.173   1.00 24.00 ? 168 PRO A CG  1 
ATOM   1041 C CD  . PRO A 1 129 ? 2.552   -2.528  1.108   1.00 23.83 ? 168 PRO A CD  1 
ATOM   1042 N N   . ARG A 1 130 ? 4.043   0.453   -2.298  1.00 23.76 ? 169 ARG A N   1 
ATOM   1043 C CA  . ARG A 1 130 ? 5.153   1.182   -2.947  1.00 24.57 ? 169 ARG A CA  1 
ATOM   1044 C C   . ARG A 1 130 ? 4.575   2.511   -3.430  1.00 24.58 ? 169 ARG A C   1 
ATOM   1045 O O   . ARG A 1 130 ? 3.585   2.491   -4.139  1.00 23.26 ? 169 ARG A O   1 
ATOM   1046 C CB  . ARG A 1 130 ? 5.758   0.338   -4.075  1.00 24.65 ? 169 ARG A CB  1 
ATOM   1047 C CG  . ARG A 1 130 ? 6.826   1.055   -4.899  1.00 25.53 ? 169 ARG A CG  1 
ATOM   1048 C CD  . ARG A 1 130 ? 7.460   0.187   -5.972  1.00 27.32 ? 169 ARG A CD  1 
ATOM   1049 N NE  . ARG A 1 130 ? 6.517   -0.301  -6.978  1.00 26.80 ? 169 ARG A NE  1 
ATOM   1050 C CZ  . ARG A 1 130 ? 6.847   -1.089  -7.994  1.00 27.72 ? 169 ARG A CZ  1 
ATOM   1051 N NH1 . ARG A 1 130 ? 8.094   -1.497  -8.132  1.00 26.59 ? 169 ARG A NH1 1 
ATOM   1052 N NH2 . ARG A 1 130 ? 5.929   -1.485  -8.861  1.00 29.05 ? 169 ARG A NH2 1 
ATOM   1053 N N   . ILE A 1 131 ? 5.209   3.611   -3.054  1.00 25.03 ? 170 ILE A N   1 
ATOM   1054 C CA  . ILE A 1 131 ? 4.807   4.961   -3.500  1.00 24.27 ? 170 ILE A CA  1 
ATOM   1055 C C   . ILE A 1 131 ? 5.826   5.430   -4.531  1.00 25.88 ? 170 ILE A C   1 
ATOM   1056 O O   . ILE A 1 131 ? 7.045   5.220   -4.295  1.00 27.20 ? 170 ILE A O   1 
ATOM   1057 C CB  . ILE A 1 131 ? 4.727   5.888   -2.286  1.00 25.41 ? 170 ILE A CB  1 
ATOM   1058 C CG1 . ILE A 1 131 ? 3.589   5.448   -1.362  1.00 27.63 ? 170 ILE A CG1 1 
ATOM   1059 C CG2 . ILE A 1 131 ? 4.638   7.332   -2.732  1.00 26.40 ? 170 ILE A CG2 1 
ATOM   1060 C CD1 . ILE A 1 131 ? 3.662   6.055   0.040   1.00 28.76 ? 170 ILE A CD1 1 
ATOM   1061 N N   . HIS A 1 132 ? 5.317   5.975   -5.635  1.00 25.63 ? 171 HIS A N   1 
ATOM   1062 C CA  . HIS A 1 132 ? 6.083   6.657   -6.711  1.00 25.57 ? 171 HIS A CA  1 
ATOM   1063 C C   . HIS A 1 132 ? 5.827   8.167   -6.645  1.00 26.81 ? 171 HIS A C   1 
ATOM   1064 O O   . HIS A 1 132 ? 4.650   8.551   -6.546  1.00 24.87 ? 171 HIS A O   1 
ATOM   1065 C CB  . HIS A 1 132 ? 5.698   6.097   -8.077  1.00 26.94 ? 171 HIS A CB  1 
ATOM   1066 C CG  . HIS A 1 132 ? 5.625   4.614   -8.080  1.00 27.32 ? 171 HIS A CG  1 
ATOM   1067 N ND1 . HIS A 1 132 ? 6.712   3.847   -8.397  1.00 28.09 ? 171 HIS A ND1 1 
ATOM   1068 C CD2 . HIS A 1 132 ? 4.637   3.760   -7.730  1.00 30.39 ? 171 HIS A CD2 1 
ATOM   1069 C CE1 . HIS A 1 132 ? 6.399   2.574   -8.282  1.00 30.76 ? 171 HIS A CE1 1 
ATOM   1070 N NE2 . HIS A 1 132 ? 5.128   2.495   -7.891  1.00 31.86 ? 171 HIS A NE2 1 
ATOM   1071 N N   . ILE A 1 133 ? 6.894   8.971   -6.728  1.00 24.11 ? 172 ILE A N   1 
ATOM   1072 C CA  . ILE A 1 133 ? 6.810   10.446  -6.916  1.00 24.90 ? 172 ILE A CA  1 
ATOM   1073 C C   . ILE A 1 133 ? 7.214   10.739  -8.357  1.00 24.71 ? 172 ILE A C   1 
ATOM   1074 O O   . ILE A 1 133 ? 8.297   10.338  -8.761  1.00 22.02 ? 172 ILE A O   1 
ATOM   1075 C CB  . ILE A 1 133 ? 7.627   11.187  -5.847  1.00 24.47 ? 172 ILE A CB  1 
ATOM   1076 C CG1 . ILE A 1 133 ? 7.200   10.751  -4.440  1.00 24.91 ? 172 ILE A CG1 1 
ATOM   1077 C CG2 . ILE A 1 133 ? 7.518   12.691  -6.009  1.00 27.18 ? 172 ILE A CG2 1 
ATOM   1078 C CD1 . ILE A 1 133 ? 8.079   11.285  -3.351  1.00 25.47 ? 172 ILE A CD1 1 
ATOM   1079 N N   . VAL A 1 134 ? 6.295   11.333  -9.098  1.00 24.66 ? 173 VAL A N   1 
ATOM   1080 C CA  . VAL A 1 134 ? 6.390   11.663  -10.548 1.00 29.24 ? 173 VAL A CA  1 
ATOM   1081 C C   . VAL A 1 134 ? 6.470   13.189  -10.687 1.00 31.38 ? 173 VAL A C   1 
ATOM   1082 O O   . VAL A 1 134 ? 5.487   13.862  -10.305 1.00 27.80 ? 173 VAL A O   1 
ATOM   1083 C CB  . VAL A 1 134 ? 5.152   11.113  -11.288 1.00 32.74 ? 173 VAL A CB  1 
ATOM   1084 C CG1 . VAL A 1 134 ? 5.284   11.238  -12.797 1.00 34.71 ? 173 VAL A CG1 1 
ATOM   1085 C CG2 . VAL A 1 134 ? 4.870   9.671   -10.907 1.00 34.73 ? 173 VAL A CG2 1 
ATOM   1086 N N   . ARG A 1 135 ? 7.585   13.726  -11.196 1.00 29.39 ? 174 ARG A N   1 
ATOM   1087 C CA  . ARG A 1 135 ? 7.738   15.183  -11.447 1.00 30.49 ? 174 ARG A CA  1 
ATOM   1088 C C   . ARG A 1 135 ? 6.910   15.555  -12.681 1.00 30.01 ? 174 ARG A C   1 
ATOM   1089 O O   . ARG A 1 135 ? 7.085   14.910  -13.740 1.00 29.75 ? 174 ARG A O   1 
ATOM   1090 C CB  . ARG A 1 135 ? 9.197   15.575  -11.665 1.00 32.73 ? 174 ARG A CB  1 
ATOM   1091 C CG  . ARG A 1 135 ? 9.427   17.080  -11.668 1.00 34.76 ? 174 ARG A CG  1 
ATOM   1092 C CD  . ARG A 1 135 ? 10.899  17.397  -11.522 1.00 42.42 ? 174 ARG A CD  1 
ATOM   1093 N NE  . ARG A 1 135 ? 11.749  16.642  -12.457 1.00 47.58 ? 174 ARG A NE  1 
ATOM   1094 C CZ  . ARG A 1 135 ? 13.049  16.365  -12.275 1.00 49.29 ? 174 ARG A CZ  1 
ATOM   1095 N NH1 . ARG A 1 135 ? 13.726  15.686  -13.190 1.00 45.35 ? 174 ARG A NH1 1 
ATOM   1096 N NH2 . ARG A 1 135 ? 13.665  16.753  -11.169 1.00 53.73 ? 174 ARG A NH2 1 
ATOM   1097 N N   . VAL A 1 136 ? 6.054   16.565  -12.542 1.00 29.10 ? 175 VAL A N   1 
ATOM   1098 C CA  . VAL A 1 136 ? 5.180   17.079  -13.628 1.00 27.21 ? 175 VAL A CA  1 
ATOM   1099 C C   . VAL A 1 136 ? 6.036   17.857  -14.632 1.00 28.20 ? 175 VAL A C   1 
ATOM   1100 O O   . VAL A 1 136 ? 6.951   18.598  -14.207 1.00 30.31 ? 175 VAL A O   1 
ATOM   1101 C CB  . VAL A 1 136 ? 4.032   17.925  -13.049 1.00 28.70 ? 175 VAL A CB  1 
ATOM   1102 C CG1 . VAL A 1 136 ? 3.177   18.554  -14.128 1.00 27.71 ? 175 VAL A CG1 1 
ATOM   1103 C CG2 . VAL A 1 136 ? 3.152   17.109  -12.105 1.00 28.24 ? 175 VAL A CG2 1 
ATOM   1104 N N   . GLY A 1 137 ? 5.756   17.673  -15.921 1.00 28.26 ? 176 GLY A N   1 
ATOM   1105 C CA  . GLY A 1 137 ? 6.285   18.475  -17.052 1.00 30.36 ? 176 GLY A CA  1 
ATOM   1106 C C   . GLY A 1 137 ? 7.744   18.164  -17.328 1.00 31.79 ? 176 GLY A C   1 
ATOM   1107 O O   . GLY A 1 137 ? 8.479   19.054  -17.776 1.00 31.89 ? 176 GLY A O   1 
ATOM   1108 N N   . ASP A 1 138 ? 8.188   16.964  -16.970 1.00 30.46 ? 177 ASP A N   1 
ATOM   1109 C CA  . ASP A 1 138 ? 9.630   16.619  -17.022 1.00 28.09 ? 177 ASP A CA  1 
ATOM   1110 C C   . ASP A 1 138 ? 9.869   15.823  -18.301 1.00 27.79 ? 177 ASP A C   1 
ATOM   1111 O O   . ASP A 1 138 ? 9.263   14.766  -18.458 1.00 25.13 ? 177 ASP A O   1 
ATOM   1112 C CB  . ASP A 1 138 ? 10.049  15.878  -15.756 1.00 27.39 ? 177 ASP A CB  1 
ATOM   1113 C CG  . ASP A 1 138 ? 11.482  15.407  -15.831 1.00 27.80 ? 177 ASP A CG  1 
ATOM   1114 O OD1 . ASP A 1 138 ? 12.219  15.872  -16.720 1.00 30.79 ? 177 ASP A OD1 1 
ATOM   1115 O OD2 . ASP A 1 138 ? 11.836  14.560  -15.053 1.00 29.09 ? 177 ASP A OD2 1 
ATOM   1116 N N   . PRO A 1 139 ? 10.714  16.300  -19.256 1.00 30.31 ? 178 PRO A N   1 
ATOM   1117 C CA  . PRO A 1 139 ? 10.976  15.551  -20.492 1.00 30.20 ? 178 PRO A CA  1 
ATOM   1118 C C   . PRO A 1 139 ? 11.589  14.163  -20.204 1.00 26.76 ? 178 PRO A C   1 
ATOM   1119 O O   . PRO A 1 139 ? 11.372  13.274  -21.002 1.00 25.40 ? 178 PRO A O   1 
ATOM   1120 C CB  . PRO A 1 139 ? 11.954  16.412  -21.318 1.00 31.45 ? 178 PRO A CB  1 
ATOM   1121 C CG  . PRO A 1 139 ? 12.346  17.593  -20.439 1.00 29.17 ? 178 PRO A CG  1 
ATOM   1122 C CD  . PRO A 1 139 ? 11.462  17.568  -19.211 1.00 32.17 ? 178 PRO A CD  1 
ATOM   1123 N N   . GLN A 1 140 ? 12.306  14.011  -19.082 1.00 25.23 ? 179 GLN A N   1 
ATOM   1124 C CA  . GLN A 1 140 ? 12.951  12.735  -18.656 1.00 25.88 ? 179 GLN A CA  1 
ATOM   1125 C C   . GLN A 1 140 ? 11.958  11.852  -17.900 1.00 25.63 ? 179 GLN A C   1 
ATOM   1126 O O   . GLN A 1 140 ? 12.323  10.693  -17.593 1.00 24.37 ? 179 GLN A O   1 
ATOM   1127 C CB  . GLN A 1 140 ? 14.162  13.002  -17.767 1.00 25.25 ? 179 GLN A CB  1 
ATOM   1128 C CG  . GLN A 1 140 ? 15.268  13.764  -18.496 1.00 29.19 ? 179 GLN A CG  1 
ATOM   1129 C CD  . GLN A 1 140 ? 16.544  13.826  -17.693 1.00 31.19 ? 179 GLN A CD  1 
ATOM   1130 O OE1 . GLN A 1 140 ? 17.475  13.080  -17.944 1.00 33.19 ? 179 GLN A OE1 1 
ATOM   1131 N NE2 . GLN A 1 140 ? 16.600  14.733  -16.731 1.00 32.35 ? 179 GLN A NE2 1 
ATOM   1132 N N   . ARG A 1 141 ? 10.781  12.391  -17.588 1.00 25.17 ? 180 ARG A N   1 
ATOM   1133 C CA  . ARG A 1 141 ? 9.712   11.655  -16.863 1.00 27.40 ? 180 ARG A CA  1 
ATOM   1134 C C   . ARG A 1 141 ? 10.337  10.949  -15.660 1.00 27.11 ? 180 ARG A C   1 
ATOM   1135 O O   . ARG A 1 141 ? 10.021  9.793   -15.393 1.00 26.14 ? 180 ARG A O   1 
ATOM   1136 C CB  . ARG A 1 141 ? 8.975   10.735  -17.832 1.00 30.20 ? 180 ARG A CB  1 
ATOM   1137 C CG  . ARG A 1 141 ? 8.637   11.433  -19.135 1.00 36.06 ? 180 ARG A CG  1 
ATOM   1138 C CD  . ARG A 1 141 ? 7.487   10.770  -19.846 1.00 41.80 ? 180 ARG A CD  1 
ATOM   1139 N NE  . ARG A 1 141 ? 7.909   9.443   -20.181 1.00 45.84 ? 180 ARG A NE  1 
ATOM   1140 C CZ  . ARG A 1 141 ? 8.823   9.152   -21.094 1.00 49.99 ? 180 ARG A CZ  1 
ATOM   1141 N NH1 . ARG A 1 141 ? 9.385   10.088  -21.826 1.00 54.23 ? 180 ARG A NH1 1 
ATOM   1142 N NH2 . ARG A 1 141 ? 9.153   7.905   -21.297 1.00 50.64 ? 180 ARG A NH2 1 
ATOM   1143 N N   A MET A 1 142 ? 11.117  11.708  -14.900 0.25 25.87 ? 181 MET A N   1 
ATOM   1144 N N   B MET A 1 142 ? 11.085  11.738  -14.899 0.25 27.47 ? 181 MET A N   1 
ATOM   1145 C CA  A MET A 1 142 ? 11.808  11.195  -13.690 0.25 25.26 ? 181 MET A CA  1 
ATOM   1146 C CA  B MET A 1 142 ? 11.845  11.287  -13.708 0.25 27.92 ? 181 MET A CA  1 
ATOM   1147 C C   A MET A 1 142 ? 10.736  10.719  -12.709 0.25 25.10 ? 181 MET A C   1 
ATOM   1148 C C   B MET A 1 142 ? 10.849  10.793  -12.656 0.25 27.89 ? 181 MET A C   1 
ATOM   1149 O O   A MET A 1 142 ? 9.806   11.498  -12.417 0.25 24.21 ? 181 MET A O   1 
ATOM   1150 O O   B MET A 1 142 ? 9.794   11.438  -12.483 0.25 26.99 ? 181 MET A O   1 
ATOM   1151 C CB  A MET A 1 142 ? 12.676  12.262  -13.013 0.25 24.95 ? 181 MET A CB  1 
ATOM   1152 C CB  B MET A 1 142 ? 12.689  12.431  -13.137 0.25 28.60 ? 181 MET A CB  1 
ATOM   1153 C CG  A MET A 1 142 ? 13.491  11.723  -11.831 0.25 25.17 ? 181 MET A CG  1 
ATOM   1154 C CG  B MET A 1 142 ? 13.518  12.041  -11.927 0.25 29.79 ? 181 MET A CG  1 
ATOM   1155 S SD  A MET A 1 142 ? 14.303  13.029  -10.856 0.25 25.55 ? 181 MET A SD  1 
ATOM   1156 S SD  B MET A 1 142 ? 12.574  12.144  -10.390 0.25 31.35 ? 181 MET A SD  1 
ATOM   1157 C CE  A MET A 1 142 ? 15.045  12.078  -9.530  0.25 24.01 ? 181 MET A CE  1 
ATOM   1158 C CE  B MET A 1 142 ? 12.585  13.910  -10.085 0.25 30.57 ? 181 MET A CE  1 
ATOM   1159 N N   A ILE A 1 143 ? 10.851  9.471   -12.264 0.25 23.43 ? 182 ILE A N   1 
ATOM   1160 N N   B ILE A 1 143 ? 11.173  9.674   -12.009 0.25 26.11 ? 182 ILE A N   1 
ATOM   1161 C CA  A ILE A 1 143 ? 10.014  8.900   -11.174 0.25 23.55 ? 182 ILE A CA  1 
ATOM   1162 C CA  B ILE A 1 143 ? 10.319  9.016   -10.983 0.25 25.46 ? 182 ILE A CA  1 
ATOM   1163 C C   A ILE A 1 143 ? 10.947  8.339   -10.101 0.25 23.13 ? 182 ILE A C   1 
ATOM   1164 C C   B ILE A 1 143 ? 11.232  8.492   -9.872  0.25 24.57 ? 182 ILE A C   1 
ATOM   1165 O O   A ILE A 1 143 ? 11.915  7.653   -10.472 0.25 22.74 ? 182 ILE A O   1 
ATOM   1166 O O   B ILE A 1 143 ? 12.318  7.978   -10.198 0.25 25.06 ? 182 ILE A O   1 
ATOM   1167 C CB  A ILE A 1 143 ? 9.066   7.819   -11.718 0.25 23.01 ? 182 ILE A CB  1 
ATOM   1168 C CB  B ILE A 1 143 ? 9.477   7.902   -11.637 0.25 24.68 ? 182 ILE A CB  1 
ATOM   1169 C CG1 A ILE A 1 143 ? 8.099   8.389   -12.761 0.25 23.06 ? 182 ILE A CG1 1 
ATOM   1170 C CG1 B ILE A 1 143 ? 8.349   7.412   -10.727 0.25 24.82 ? 182 ILE A CG1 1 
ATOM   1171 C CG2 A ILE A 1 143 ? 8.337   7.135   -10.573 0.25 23.16 ? 182 ILE A CG2 1 
ATOM   1172 C CG2 B ILE A 1 143 ? 10.372  6.761   -12.097 0.25 24.66 ? 182 ILE A CG2 1 
ATOM   1173 C CD1 A ILE A 1 143 ? 7.339   7.334   -13.530 0.25 23.21 ? 182 ILE A CD1 1 
ATOM   1174 C CD1 B ILE A 1 143 ? 7.181   6.799   -11.480 0.25 24.90 ? 182 ILE A CD1 1 
ATOM   1175 N N   A THR A 1 144 ? 10.654  8.630   -8.832  0.25 23.57 ? 183 THR A N   1 
ATOM   1176 N N   B THR A 1 144 ? 10.815  8.654   -8.613  0.25 24.15 ? 183 THR A N   1 
ATOM   1177 C CA  A THR A 1 144 ? 11.258  7.966   -7.646  0.25 23.50 ? 183 THR A CA  1 
ATOM   1178 C CA  B THR A 1 144 ? 11.457  8.053   -7.415  0.25 23.30 ? 183 THR A CA  1 
ATOM   1179 C C   A THR A 1 144 ? 10.249  6.957   -7.086  0.25 23.52 ? 183 THR A C   1 
ATOM   1180 C C   B THR A 1 144 ? 10.444  7.136   -6.720  0.25 23.44 ? 183 THR A C   1 
ATOM   1181 O O   A THR A 1 144 ? 9.035   7.252   -7.133  0.25 22.56 ? 183 THR A O   1 
ATOM   1182 O O   B THR A 1 144 ? 9.362   7.639   -6.363  0.25 24.10 ? 183 THR A O   1 
ATOM   1183 C CB  A THR A 1 144 ? 11.666  8.983   -6.572  0.25 24.02 ? 183 THR A CB  1 
ATOM   1184 C CB  B THR A 1 144 ? 11.962  9.117   -6.431  0.25 22.80 ? 183 THR A CB  1 
ATOM   1185 O OG1 A THR A 1 144 ? 10.465  9.565   -6.069  0.25 24.58 ? 183 THR A OG1 1 
ATOM   1186 O OG1 B THR A 1 144 ? 12.697  10.124  -7.129  0.25 21.94 ? 183 THR A OG1 1 
ATOM   1187 C CG2 A THR A 1 144 ? 12.586  10.069  -7.085  0.25 23.75 ? 183 THR A CG2 1 
ATOM   1188 C CG2 B THR A 1 144 ? 12.831  8.525   -5.346  0.25 22.12 ? 183 THR A CG2 1 
ATOM   1189 N N   A SER A 1 145 ? 10.731  5.811   -6.598  0.25 23.30 ? 184 SER A N   1 
ATOM   1190 N N   B SER A 1 145 ? 10.780  5.852   -6.552  0.25 23.00 ? 184 SER A N   1 
ATOM   1191 C CA  A SER A 1 145 ? 9.910   4.750   -5.956  0.25 23.40 ? 184 SER A CA  1 
ATOM   1192 C CA  B SER A 1 145 ? 9.903   4.808   -5.959  0.25 22.80 ? 184 SER A CA  1 
ATOM   1193 C C   A SER A 1 145 ? 10.430  4.489   -4.540  0.25 22.88 ? 184 SER A C   1 
ATOM   1194 C C   B SER A 1 145 ? 10.426  4.414   -4.569  0.25 22.55 ? 184 SER A C   1 
ATOM   1195 O O   A SER A 1 145 ? 11.657  4.548   -4.335  0.25 22.42 ? 184 SER A O   1 
ATOM   1196 O O   B SER A 1 145 ? 11.656  4.297   -4.415  0.25 22.10 ? 184 SER A O   1 
ATOM   1197 C CB  A SER A 1 145 ? 9.906   3.486   -6.764  0.25 23.66 ? 184 SER A CB  1 
ATOM   1198 C CB  B SER A 1 145 ? 9.785   3.610   -6.871  0.25 22.52 ? 184 SER A CB  1 
ATOM   1199 O OG  A SER A 1 145 ? 9.377   3.706   -8.059  0.25 24.38 ? 184 SER A OG  1 
ATOM   1200 O OG  B SER A 1 145 ? 11.045  2.966   -7.055  0.25 22.55 ? 184 SER A OG  1 
ATOM   1201 N N   . HIS A 1 146 ? 9.521   4.215   -3.604  1.00 22.77 ? 185 HIS A N   1 
ATOM   1202 C CA  . HIS A 1 146 ? 9.870   3.844   -2.214  1.00 22.92 ? 185 HIS A CA  1 
ATOM   1203 C C   . HIS A 1 146 ? 8.976   2.681   -1.814  1.00 22.64 ? 185 HIS A C   1 
ATOM   1204 O O   . HIS A 1 146 ? 7.759   2.806   -1.983  1.00 21.60 ? 185 HIS A O   1 
ATOM   1205 C CB  . HIS A 1 146 ? 9.685   5.027   -1.265  1.00 27.51 ? 185 HIS A CB  1 
ATOM   1206 C CG  . HIS A 1 146 ? 10.761  6.062   -1.340  1.00 29.84 ? 185 HIS A CG  1 
ATOM   1207 N ND1 . HIS A 1 146 ? 10.678  7.105   -2.220  1.00 27.15 ? 185 HIS A ND1 1 
ATOM   1208 C CD2 . HIS A 1 146 ? 11.896  6.246   -0.608  1.00 29.80 ? 185 HIS A CD2 1 
ATOM   1209 C CE1 . HIS A 1 146 ? 11.720  7.898   -2.062  1.00 29.90 ? 185 HIS A CE1 1 
ATOM   1210 N NE2 . HIS A 1 146 ? 12.494  7.386   -1.072  1.00 32.34 ? 185 HIS A NE2 1 
ATOM   1211 N N   . CYS A 1 147 ? 9.562   1.621   -1.267  1.00 23.48 ? 186 CYS A N   1 
ATOM   1212 C CA  . CYS A 1 147 ? 8.814   0.492   -0.659  1.00 25.89 ? 186 CYS A CA  1 
ATOM   1213 C C   . CYS A 1 147 ? 8.764   0.658   0.860   1.00 23.67 ? 186 CYS A C   1 
ATOM   1214 O O   . CYS A 1 147 ? 9.660   1.315   1.425   1.00 25.11 ? 186 CYS A O   1 
ATOM   1215 C CB  . CYS A 1 147 ? 9.433   -0.849  -1.051  1.00 26.41 ? 186 CYS A CB  1 
ATOM   1216 S SG  . CYS A 1 147 ? 9.654   -1.001  -2.843  1.00 30.87 ? 186 CYS A SG  1 
ATOM   1217 N N   . PHE A 1 148 ? 7.769   0.053   1.497   1.00 24.79 ? 187 PHE A N   1 
ATOM   1218 C CA  . PHE A 1 148 ? 7.501   0.182   2.947   1.00 25.64 ? 187 PHE A CA  1 
ATOM   1219 C C   . PHE A 1 148 ? 7.299   -1.210  3.534   1.00 28.68 ? 187 PHE A C   1 
ATOM   1220 O O   . PHE A 1 148 ? 6.166   -1.689  3.630   1.00 27.05 ? 187 PHE A O   1 
ATOM   1221 C CB  . PHE A 1 148 ? 6.312   1.113   3.165   1.00 26.18 ? 187 PHE A CB  1 
ATOM   1222 C CG  . PHE A 1 148 ? 6.545   2.482   2.596   1.00 24.35 ? 187 PHE A CG  1 
ATOM   1223 C CD1 . PHE A 1 148 ? 7.219   3.448   3.322   1.00 24.85 ? 187 PHE A CD1 1 
ATOM   1224 C CD2 . PHE A 1 148 ? 6.189   2.769   1.289   1.00 27.42 ? 187 PHE A CD2 1 
ATOM   1225 C CE1 . PHE A 1 148 ? 7.487   4.688   2.767   1.00 25.49 ? 187 PHE A CE1 1 
ATOM   1226 C CE2 . PHE A 1 148 ? 6.440   4.017   0.741   1.00 23.63 ? 187 PHE A CE2 1 
ATOM   1227 C CZ  . PHE A 1 148 ? 7.090   4.972   1.480   1.00 24.84 ? 187 PHE A CZ  1 
ATOM   1228 N N   . PRO A 1 149 ? 8.394   -1.886  3.955   1.00 32.38 ? 188 PRO A N   1 
ATOM   1229 C CA  . PRO A 1 149 ? 8.314   -3.282  4.375   1.00 30.47 ? 188 PRO A CA  1 
ATOM   1230 C C   . PRO A 1 149 ? 7.532   -3.485  5.682   1.00 28.64 ? 188 PRO A C   1 
ATOM   1231 O O   . PRO A 1 149 ? 7.074   -4.604  5.867   1.00 25.20 ? 188 PRO A O   1 
ATOM   1232 C CB  . PRO A 1 149 ? 9.782   -3.719  4.502   1.00 32.06 ? 188 PRO A CB  1 
ATOM   1233 C CG  . PRO A 1 149 ? 10.531  -2.435  4.786   1.00 34.78 ? 188 PRO A CG  1 
ATOM   1234 C CD  . PRO A 1 149 ? 9.760   -1.343  4.064   1.00 32.80 ? 188 PRO A CD  1 
ATOM   1235 N N   . GLU A 1 150 ? 7.358   -2.434  6.496   1.00 29.92 ? 189 GLU A N   1 
ATOM   1236 C CA  . GLU A 1 150 ? 6.516   -2.441  7.728   1.00 27.33 ? 189 GLU A CA  1 
ATOM   1237 C C   . GLU A 1 150 ? 5.044   -2.681  7.360   1.00 24.88 ? 189 GLU A C   1 
ATOM   1238 O O   . GLU A 1 150 ? 4.263   -3.157  8.229   1.00 25.46 ? 189 GLU A O   1 
ATOM   1239 C CB  . GLU A 1 150 ? 6.630   -1.111  8.469   1.00 30.24 ? 189 GLU A CB  1 
ATOM   1240 C CG  . GLU A 1 150 ? 8.040   -0.792  8.952   1.00 31.69 ? 189 GLU A CG  1 
ATOM   1241 C CD  . GLU A 1 150 ? 8.844   0.165   8.075   1.00 32.64 ? 189 GLU A CD  1 
ATOM   1242 O OE1 . GLU A 1 150 ? 9.701   0.877   8.650   1.00 33.80 ? 189 GLU A OE1 1 
ATOM   1243 O OE2 . GLU A 1 150 ? 8.612   0.219   6.832   1.00 34.36 ? 189 GLU A OE2 1 
ATOM   1244 N N   . THR A 1 151 ? 4.667   -2.326  6.131   1.00 22.75 ? 190 THR A N   1 
ATOM   1245 C CA  . THR A 1 151 ? 3.265   -2.255  5.662   1.00 22.07 ? 190 THR A CA  1 
ATOM   1246 C C   . THR A 1 151 ? 2.897   -3.537  4.911   1.00 22.76 ? 190 THR A C   1 
ATOM   1247 O O   . THR A 1 151 ? 1.735   -3.624  4.472   1.00 24.67 ? 190 THR A O   1 
ATOM   1248 C CB  . THR A 1 151 ? 3.049   -1.006  4.799   1.00 22.46 ? 190 THR A CB  1 
ATOM   1249 O OG1 . THR A 1 151 ? 3.772   -1.134  3.586   1.00 21.33 ? 190 THR A OG1 1 
ATOM   1250 C CG2 . THR A 1 151 ? 3.511   0.282   5.446   1.00 21.21 ? 190 THR A CG2 1 
ATOM   1251 N N   . GLN A 1 152 ? 3.820   -4.504  4.783   1.00 23.60 ? 191 GLN A N   1 
ATOM   1252 C CA  . GLN A 1 152 ? 3.539   -5.812  4.135   1.00 26.18 ? 191 GLN A CA  1 
ATOM   1253 C C   . GLN A 1 152 ? 2.267   -6.391  4.747   1.00 23.62 ? 191 GLN A C   1 
ATOM   1254 O O   . GLN A 1 152 ? 2.130   -6.355  5.986   1.00 22.46 ? 191 GLN A O   1 
ATOM   1255 C CB  . GLN A 1 152 ? 4.638   -6.841  4.395   1.00 30.06 ? 191 GLN A CB  1 
ATOM   1256 C CG  . GLN A 1 152 ? 5.854   -6.647  3.519   1.00 34.37 ? 191 GLN A CG  1 
ATOM   1257 C CD  . GLN A 1 152 ? 6.983   -7.548  3.944   1.00 37.93 ? 191 GLN A CD  1 
ATOM   1258 O OE1 . GLN A 1 152 ? 6.844   -8.383  4.837   1.00 39.50 ? 191 GLN A OE1 1 
ATOM   1259 N NE2 . GLN A 1 152 ? 8.128   -7.351  3.314   1.00 41.45 ? 191 GLN A NE2 1 
ATOM   1260 N N   . PHE A 1 153 ? 1.374   -6.920  3.928   1.00 25.61 ? 192 PHE A N   1 
ATOM   1261 C CA  . PHE A 1 153 ? 0.191   -7.671  4.417   1.00 23.09 ? 192 PHE A CA  1 
ATOM   1262 C C   . PHE A 1 153 ? -0.142  -8.825  3.474   1.00 24.14 ? 192 PHE A C   1 
ATOM   1263 O O   . PHE A 1 153 ? 0.291   -8.781  2.284   1.00 23.22 ? 192 PHE A O   1 
ATOM   1264 C CB  . PHE A 1 153 ? -1.032  -6.760  4.491   1.00 21.76 ? 192 PHE A CB  1 
ATOM   1265 C CG  . PHE A 1 153 ? -1.357  -6.090  3.187   1.00 21.43 ? 192 PHE A CG  1 
ATOM   1266 C CD1 . PHE A 1 153 ? -2.323  -6.620  2.343   1.00 20.80 ? 192 PHE A CD1 1 
ATOM   1267 C CD2 . PHE A 1 153 ? -0.722  -4.916  2.823   1.00 20.32 ? 192 PHE A CD2 1 
ATOM   1268 C CE1 . PHE A 1 153 ? -2.653  -5.991  1.159   1.00 21.20 ? 192 PHE A CE1 1 
ATOM   1269 C CE2 . PHE A 1 153 ? -1.034  -4.299  1.620   1.00 20.31 ? 192 PHE A CE2 1 
ATOM   1270 C CZ  . PHE A 1 153 ? -1.990  -4.847  0.788   1.00 22.22 ? 192 PHE A CZ  1 
ATOM   1271 N N   . ILE A 1 154 ? -0.953  -9.776  3.953   1.00 21.45 ? 193 ILE A N   1 
ATOM   1272 C CA  . ILE A 1 154 ? -1.636  -10.750 3.058   1.00 23.98 ? 193 ILE A CA  1 
ATOM   1273 C C   . ILE A 1 154 ? -3.055  -10.267 2.751   1.00 24.69 ? 193 ILE A C   1 
ATOM   1274 O O   . ILE A 1 154 ? -3.786  -9.957  3.715   1.00 26.65 ? 193 ILE A O   1 
ATOM   1275 C CB  . ILE A 1 154 ? -1.636  -12.130 3.720   1.00 26.75 ? 193 ILE A CB  1 
ATOM   1276 C CG1 . ILE A 1 154 ? -0.199  -12.586 3.977   1.00 26.54 ? 193 ILE A CG1 1 
ATOM   1277 C CG2 . ILE A 1 154 ? -2.472  -13.113 2.893   1.00 27.26 ? 193 ILE A CG2 1 
ATOM   1278 C CD1 . ILE A 1 154 ? -0.118  -13.813 4.820   1.00 28.46 ? 193 ILE A CD1 1 
ATOM   1279 N N   . ALA A 1 155 ? -3.451  -10.246 1.471   1.00 23.57 ? 194 ALA A N   1 
ATOM   1280 C CA  . ALA A 1 155 ? -4.844  -9.996  1.039   1.00 25.16 ? 194 ALA A CA  1 
ATOM   1281 C C   . ALA A 1 155 ? -5.695  -11.192 1.457   1.00 26.63 ? 194 ALA A C   1 
ATOM   1282 O O   . ALA A 1 155 ? -5.223  -12.356 1.263   1.00 28.08 ? 194 ALA A O   1 
ATOM   1283 C CB  . ALA A 1 155 ? -4.918  -9.761  -0.447  1.00 27.38 ? 194 ALA A CB  1 
ATOM   1284 N N   . VAL A 1 156 ? -6.855  -10.929 2.055   1.00 24.69 ? 195 VAL A N   1 
ATOM   1285 C CA  . VAL A 1 156 ? -7.798  -11.991 2.523   1.00 28.44 ? 195 VAL A CA  1 
ATOM   1286 C C   . VAL A 1 156 ? -9.235  -11.536 2.237   1.00 26.74 ? 195 VAL A C   1 
ATOM   1287 O O   . VAL A 1 156 ? -9.483  -10.336 2.309   1.00 26.72 ? 195 VAL A O   1 
ATOM   1288 C CB  . VAL A 1 156 ? -7.593  -12.334 4.017   1.00 28.40 ? 195 VAL A CB  1 
ATOM   1289 C CG1 . VAL A 1 156 ? -6.173  -12.805 4.301   1.00 29.87 ? 195 VAL A CG1 1 
ATOM   1290 C CG2 . VAL A 1 156 ? -7.968  -11.195 4.971   1.00 28.58 ? 195 VAL A CG2 1 
ATOM   1291 N N   . THR A 1 157 ? -10.141 -12.477 1.957   1.00 28.67 ? 196 THR A N   1 
ATOM   1292 C CA  . THR A 1 157 ? -11.601 -12.225 1.811   1.00 28.06 ? 196 THR A CA  1 
ATOM   1293 C C   . THR A 1 157 ? -12.249 -12.166 3.202   1.00 27.65 ? 196 THR A C   1 
ATOM   1294 O O   . THR A 1 157 ? -13.354 -11.618 3.314   1.00 28.03 ? 196 THR A O   1 
ATOM   1295 C CB  . THR A 1 157 ? -12.237 -13.247 0.858   1.00 30.95 ? 196 THR A CB  1 
ATOM   1296 O OG1 . THR A 1 157 ? -12.176 -14.551 1.430   1.00 30.91 ? 196 THR A OG1 1 
ATOM   1297 C CG2 . THR A 1 157 ? -11.581 -13.263 -0.503  1.00 30.88 ? 196 THR A CG2 1 
ATOM   1298 N N   . ALA A 1 158 ? -11.572 -12.691 4.223   1.00 26.20 ? 197 ALA A N   1 
ATOM   1299 C CA  . ALA A 1 158 ? -11.993 -12.681 5.644   1.00 29.39 ? 197 ALA A CA  1 
ATOM   1300 C C   . ALA A 1 158 ? -10.757 -12.911 6.517   1.00 29.05 ? 197 ALA A C   1 
ATOM   1301 O O   . ALA A 1 158 ? -9.894  -13.708 6.124   1.00 27.87 ? 197 ALA A O   1 
ATOM   1302 C CB  . ALA A 1 158 ? -13.054 -13.744 5.908   1.00 28.95 ? 197 ALA A CB  1 
ATOM   1303 N N   . TYR A 1 159 ? -10.711 -12.289 7.691   1.00 27.72 ? 198 TYR A N   1 
ATOM   1304 C CA  . TYR A 1 159 ? -9.553  -12.375 8.614   1.00 26.54 ? 198 TYR A CA  1 
ATOM   1305 C C   . TYR A 1 159 ? -9.356  -13.838 8.981   1.00 27.19 ? 198 TYR A C   1 
ATOM   1306 O O   . TYR A 1 159 ? -10.359 -14.504 9.222   1.00 26.13 ? 198 TYR A O   1 
ATOM   1307 C CB  . TYR A 1 159 ? -9.760  -11.472 9.830   1.00 27.09 ? 198 TYR A CB  1 
ATOM   1308 C CG  . TYR A 1 159 ? -9.648  -10.005 9.512   1.00 27.95 ? 198 TYR A CG  1 
ATOM   1309 C CD1 . TYR A 1 159 ? -8.611  -9.533  8.714   1.00 28.86 ? 198 TYR A CD1 1 
ATOM   1310 C CD2 . TYR A 1 159 ? -10.548 -9.087  10.020  1.00 29.28 ? 198 TYR A CD2 1 
ATOM   1311 C CE1 . TYR A 1 159 ? -8.484  -8.189  8.408   1.00 29.98 ? 198 TYR A CE1 1 
ATOM   1312 C CE2 . TYR A 1 159 ? -10.435 -7.736  9.730   1.00 33.35 ? 198 TYR A CE2 1 
ATOM   1313 C CZ  . TYR A 1 159 ? -9.402  -7.285  8.917   1.00 32.54 ? 198 TYR A CZ  1 
ATOM   1314 O OH  . TYR A 1 159 ? -9.285  -5.967  8.597   1.00 30.46 ? 198 TYR A OH  1 
ATOM   1315 N N   . GLN A 1 160 ? -8.112  -14.306 8.974   1.00 24.05 ? 199 GLN A N   1 
ATOM   1316 C CA  . GLN A 1 160 ? -7.754  -15.668 9.417   1.00 26.42 ? 199 GLN A CA  1 
ATOM   1317 C C   . GLN A 1 160 ? -7.368  -15.616 10.896  1.00 25.53 ? 199 GLN A C   1 
ATOM   1318 O O   . GLN A 1 160 ? -7.842  -16.482 11.638  1.00 30.89 ? 199 GLN A O   1 
ATOM   1319 C CB  . GLN A 1 160 ? -6.636  -16.203 8.525   1.00 26.26 ? 199 GLN A CB  1 
ATOM   1320 C CG  . GLN A 1 160 ? -6.968  -16.115 7.043   1.00 26.34 ? 199 GLN A CG  1 
ATOM   1321 C CD  . GLN A 1 160 ? -8.074  -17.085 6.727   1.00 28.35 ? 199 GLN A CD  1 
ATOM   1322 O OE1 . GLN A 1 160 ? -7.902  -18.294 6.864   1.00 26.56 ? 199 GLN A OE1 1 
ATOM   1323 N NE2 . GLN A 1 160 ? -9.215  -16.562 6.303   1.00 23.71 ? 199 GLN A NE2 1 
ATOM   1324 N N   . ASN A 1 161 ? -6.516  -14.671 11.293  1.00 23.94 ? 200 ASN A N   1 
ATOM   1325 C CA  . ASN A 1 161 ? -5.943  -14.553 12.657  1.00 25.90 ? 200 ASN A CA  1 
ATOM   1326 C C   . ASN A 1 161 ? -6.891  -13.717 13.529  1.00 28.36 ? 200 ASN A C   1 
ATOM   1327 O O   . ASN A 1 161 ? -7.043  -12.496 13.217  1.00 25.95 ? 200 ASN A O   1 
ATOM   1328 C CB  . ASN A 1 161 ? -4.559  -13.911 12.578  1.00 24.70 ? 200 ASN A CB  1 
ATOM   1329 C CG  . ASN A 1 161 ? -3.802  -13.891 13.877  1.00 24.12 ? 200 ASN A CG  1 
ATOM   1330 O OD1 . ASN A 1 161 ? -4.345  -14.198 14.942  1.00 29.55 ? 200 ASN A OD1 1 
ATOM   1331 N ND2 . ASN A 1 161 ? -2.543  -13.513 13.781  1.00 24.37 ? 200 ASN A ND2 1 
ATOM   1332 N N   . GLU A 1 162 ? -7.510  -14.320 14.567  1.00 29.88 ? 201 GLU A N   1 
ATOM   1333 C CA  . GLU A 1 162 ? -8.482  -13.607 15.457  1.00 29.88 ? 201 GLU A CA  1 
ATOM   1334 C C   . GLU A 1 162 ? -7.780  -12.431 16.144  1.00 26.30 ? 201 GLU A C   1 
ATOM   1335 O O   . GLU A 1 162 ? -8.481  -11.475 16.472  1.00 26.43 ? 201 GLU A O   1 
ATOM   1336 C CB  . GLU A 1 162 ? -9.121  -14.489 16.539  1.00 30.18 ? 201 GLU A CB  1 
ATOM   1337 C CG  . GLU A 1 162 ? -8.172  -14.933 17.639  1.00 35.38 ? 201 GLU A CG  1 
ATOM   1338 C CD  . GLU A 1 162 ? -7.064  -15.885 17.196  1.00 38.38 ? 201 GLU A CD  1 
ATOM   1339 O OE1 . GLU A 1 162 ? -6.056  -16.001 17.923  1.00 42.90 ? 201 GLU A OE1 1 
ATOM   1340 O OE2 . GLU A 1 162 ? -7.194  -16.490 16.102  1.00 40.02 ? 201 GLU A OE2 1 
ATOM   1341 N N   . GLU A 1 163 ? -6.472  -12.521 16.375  1.00 26.03 ? 202 GLU A N   1 
ATOM   1342 C CA  . GLU A 1 163 ? -5.633  -11.423 16.930  1.00 28.27 ? 202 GLU A CA  1 
ATOM   1343 C C   . GLU A 1 163 ? -5.635  -10.208 15.991  1.00 27.70 ? 202 GLU A C   1 
ATOM   1344 O O   . GLU A 1 163 ? -5.703  -9.078  16.533  1.00 25.52 ? 202 GLU A O   1 
ATOM   1345 C CB  . GLU A 1 163 ? -4.195  -11.857 17.197  1.00 30.35 ? 202 GLU A CB  1 
ATOM   1346 C CG  . GLU A 1 163 ? -4.077  -12.899 18.286  1.00 36.95 ? 202 GLU A CG  1 
ATOM   1347 C CD  . GLU A 1 163 ? -2.916  -12.690 19.238  1.00 38.20 ? 202 GLU A CD  1 
ATOM   1348 O OE1 . GLU A 1 163 ? -1.794  -13.071 18.900  1.00 41.28 ? 202 GLU A OE1 1 
ATOM   1349 O OE2 . GLU A 1 163 ? -3.154  -12.150 20.331  1.00 53.66 ? 202 GLU A OE2 1 
ATOM   1350 N N   . ILE A 1 164 ? -5.612  -10.418 14.662  1.00 24.96 ? 203 ILE A N   1 
ATOM   1351 C CA  . ILE A 1 164 ? -5.631  -9.310  13.661  1.00 26.14 ? 203 ILE A CA  1 
ATOM   1352 C C   . ILE A 1 164 ? -7.012  -8.647  13.725  1.00 26.81 ? 203 ILE A C   1 
ATOM   1353 O O   . ILE A 1 164 ? -7.069  -7.423  13.816  1.00 27.14 ? 203 ILE A O   1 
ATOM   1354 C CB  . ILE A 1 164 ? -5.248  -9.784  12.238  1.00 26.20 ? 203 ILE A CB  1 
ATOM   1355 C CG1 . ILE A 1 164 ? -3.733  -9.972  12.071  1.00 25.99 ? 203 ILE A CG1 1 
ATOM   1356 C CG2 . ILE A 1 164 ? -5.808  -8.838  11.195  1.00 26.23 ? 203 ILE A CG2 1 
ATOM   1357 C CD1 . ILE A 1 164 ? -2.945  -8.692  12.141  1.00 26.06 ? 203 ILE A CD1 1 
ATOM   1358 N N   . THR A 1 165 ? -8.078  -9.433  13.731  1.00 29.68 ? 204 THR A N   1 
ATOM   1359 C CA  . THR A 1 165 ? -9.473  -8.952  13.873  1.00 29.64 ? 204 THR A CA  1 
ATOM   1360 C C   . THR A 1 165 ? -9.568  -8.028  15.096  1.00 28.01 ? 204 THR A C   1 
ATOM   1361 O O   . THR A 1 165 ? -10.095 -6.913  14.967  1.00 31.02 ? 204 THR A O   1 
ATOM   1362 C CB  . THR A 1 165 ? -10.419 -10.147 14.016  1.00 33.67 ? 204 THR A CB  1 
ATOM   1363 O OG1 . THR A 1 165 ? -10.124 -11.054 12.958  1.00 36.73 ? 204 THR A OG1 1 
ATOM   1364 C CG2 . THR A 1 165 ? -11.883 -9.767  13.969  1.00 32.81 ? 204 THR A CG2 1 
ATOM   1365 N N   . ALA A 1 166 ? -9.007  -8.459  16.224  1.00 25.49 ? 205 ALA A N   1 
ATOM   1366 C CA  . ALA A 1 166 ? -9.077  -7.747  17.520  1.00 27.15 ? 205 ALA A CA  1 
ATOM   1367 C C   . ALA A 1 166 ? -8.267  -6.444  17.415  1.00 25.57 ? 205 ALA A C   1 
ATOM   1368 O O   . ALA A 1 166 ? -8.780  -5.397  17.853  1.00 24.41 ? 205 ALA A O   1 
ATOM   1369 C CB  . ALA A 1 166 ? -8.569  -8.644  18.623  1.00 25.36 ? 205 ALA A CB  1 
ATOM   1370 N N   . LEU A 1 167 ? -7.048  -6.518  16.870  1.00 26.99 ? 206 LEU A N   1 
ATOM   1371 C CA  . LEU A 1 167 ? -6.125  -5.361  16.683  1.00 27.13 ? 206 LEU A CA  1 
ATOM   1372 C C   . LEU A 1 167 ? -6.805  -4.307  15.810  1.00 25.46 ? 206 LEU A C   1 
ATOM   1373 O O   . LEU A 1 167 ? -6.640  -3.116  16.114  1.00 27.19 ? 206 LEU A O   1 
ATOM   1374 C CB  . LEU A 1 167 ? -4.823  -5.798  16.004  1.00 27.42 ? 206 LEU A CB  1 
ATOM   1375 C CG  . LEU A 1 167 ? -3.545  -5.814  16.844  1.00 30.93 ? 206 LEU A CG  1 
ATOM   1376 C CD1 . LEU A 1 167 ? -2.359  -5.412  15.985  1.00 32.16 ? 206 LEU A CD1 1 
ATOM   1377 C CD2 . LEU A 1 167 ? -3.616  -4.938  18.078  1.00 31.66 ? 206 LEU A CD2 1 
ATOM   1378 N N   . LYS A 1 168 ? -7.486  -4.736  14.747  1.00 26.64 ? 207 LYS A N   1 
ATOM   1379 C CA  . LYS A 1 168 ? -8.125  -3.827  13.751  1.00 26.37 ? 207 LYS A CA  1 
ATOM   1380 C C   . LYS A 1 168 ? -9.221  -3.018  14.455  1.00 29.42 ? 207 LYS A C   1 
ATOM   1381 O O   . LYS A 1 168 ? -9.488  -1.869  14.017  1.00 28.94 ? 207 LYS A O   1 
ATOM   1382 C CB  . LYS A 1 168 ? -8.762  -4.584  12.580  1.00 26.18 ? 207 LYS A CB  1 
ATOM   1383 C CG  . LYS A 1 168 ? -7.787  -5.328  11.675  1.00 27.38 ? 207 LYS A CG  1 
ATOM   1384 C CD  . LYS A 1 168 ? -7.175  -4.510  10.568  1.00 27.53 ? 207 LYS A CD  1 
ATOM   1385 C CE  . LYS A 1 168 ? -6.276  -5.362  9.698   1.00 27.71 ? 207 LYS A CE  1 
ATOM   1386 N NZ  . LYS A 1 168 ? -6.108  -4.794  8.342   1.00 27.88 ? 207 LYS A NZ  1 
ATOM   1387 N N   . ILE A 1 169 ? -9.867  -3.613  15.459  1.00 31.23 ? 208 ILE A N   1 
ATOM   1388 C CA  . ILE A 1 169 ? -10.986 -2.972  16.212  1.00 30.75 ? 208 ILE A CA  1 
ATOM   1389 C C   . ILE A 1 169 ? -10.364 -2.062  17.261  1.00 28.66 ? 208 ILE A C   1 
ATOM   1390 O O   . ILE A 1 169 ? -10.789 -0.908  17.348  1.00 29.37 ? 208 ILE A O   1 
ATOM   1391 C CB  . ILE A 1 169 ? -11.921 -4.032  16.830  1.00 34.05 ? 208 ILE A CB  1 
ATOM   1392 C CG1 . ILE A 1 169 ? -12.799 -4.676  15.755  1.00 34.54 ? 208 ILE A CG1 1 
ATOM   1393 C CG2 . ILE A 1 169 ? -12.756 -3.441  17.959  1.00 35.26 ? 208 ILE A CG2 1 
ATOM   1394 C CD1 . ILE A 1 169 ? -13.466 -5.969  16.175  1.00 33.56 ? 208 ILE A CD1 1 
ATOM   1395 N N   . LYS A 1 170 ? -9.401  -2.570  18.033  1.00 25.82 ? 209 LYS A N   1 
ATOM   1396 C CA  . LYS A 1 170 ? -8.706  -1.811  19.094  1.00 27.47 ? 209 LYS A CA  1 
ATOM   1397 C C   . LYS A 1 170 ? -8.182  -0.482  18.535  1.00 30.46 ? 209 LYS A C   1 
ATOM   1398 O O   . LYS A 1 170 ? -8.455  0.555   19.156  1.00 29.22 ? 209 LYS A O   1 
ATOM   1399 C CB  . LYS A 1 170 ? -7.557  -2.635  19.679  1.00 27.12 ? 209 LYS A CB  1 
ATOM   1400 C CG  . LYS A 1 170 ? -6.856  -2.034  20.882  1.00 26.42 ? 209 LYS A CG  1 
ATOM   1401 C CD  . LYS A 1 170 ? -5.908  -3.004  21.565  1.00 27.53 ? 209 LYS A CD  1 
ATOM   1402 C CE  . LYS A 1 170 ? -4.941  -2.310  22.493  1.00 29.24 ? 209 LYS A CE  1 
ATOM   1403 N NZ  . LYS A 1 170 ? -5.665  -1.645  23.592  1.00 30.05 ? 209 LYS A NZ  1 
ATOM   1404 N N   . TYR A 1 171 ? -7.437  -0.494  17.427  1.00 30.50 ? 210 TYR A N   1 
ATOM   1405 C CA  . TYR A 1 171 ? -6.696  0.713   16.970  1.00 31.26 ? 210 TYR A CA  1 
ATOM   1406 C C   . TYR A 1 171 ? -7.526  1.503   15.965  1.00 31.78 ? 210 TYR A C   1 
ATOM   1407 O O   . TYR A 1 171 ? -7.067  2.572   15.620  1.00 32.29 ? 210 TYR A O   1 
ATOM   1408 C CB  . TYR A 1 171 ? -5.299  0.351   16.462  1.00 30.31 ? 210 TYR A CB  1 
ATOM   1409 C CG  . TYR A 1 171 ? -4.375  -0.051  17.580  1.00 29.69 ? 210 TYR A CG  1 
ATOM   1410 C CD1 . TYR A 1 171 ? -4.198  0.759   18.685  1.00 33.22 ? 210 TYR A CD1 1 
ATOM   1411 C CD2 . TYR A 1 171 ? -3.684  -1.252  17.555  1.00 31.19 ? 210 TYR A CD2 1 
ATOM   1412 C CE1 . TYR A 1 171 ? -3.365  0.398   19.731  1.00 30.04 ? 210 TYR A CE1 1 
ATOM   1413 C CE2 . TYR A 1 171 ? -2.832  -1.619  18.584  1.00 32.31 ? 210 TYR A CE2 1 
ATOM   1414 C CZ  . TYR A 1 171 ? -2.679  -0.799  19.684  1.00 31.94 ? 210 TYR A CZ  1 
ATOM   1415 O OH  . TYR A 1 171 ? -1.855  -1.167  20.706  1.00 37.38 ? 210 TYR A OH  1 
ATOM   1416 N N   . ASN A 1 172 ? -8.701  1.041   15.551  1.00 32.79 ? 211 ASN A N   1 
ATOM   1417 C CA  . ASN A 1 172 ? -9.542  1.784   14.574  1.00 37.07 ? 211 ASN A CA  1 
ATOM   1418 C C   . ASN A 1 172 ? -10.772 2.269   15.326  1.00 40.68 ? 211 ASN A C   1 
ATOM   1419 O O   . ASN A 1 172 ? -10.561 3.042   16.256  1.00 42.24 ? 211 ASN A O   1 
ATOM   1420 C CB  . ASN A 1 172 ? -9.887  0.958   13.328  1.00 41.16 ? 211 ASN A CB  1 
ATOM   1421 C CG  . ASN A 1 172 ? -10.412 1.795   12.175  1.00 39.43 ? 211 ASN A CG  1 
ATOM   1422 O OD1 . ASN A 1 172 ? -10.382 3.018   12.224  1.00 47.21 ? 211 ASN A OD1 1 
ATOM   1423 N ND2 . ASN A 1 172 ? -10.881 1.149   11.121  1.00 37.59 ? 211 ASN A ND2 1 
ATOM   1424 O OXT . ASN A 1 172 ? -11.908 1.898   15.028  1.00 47.94 ? 211 ASN A OXT 1 
HETATM 1425 N N1  . O1A B 2 .   ? -0.117  3.498   18.076  0.40 47.62 ? 301 O1A A N1  1 
HETATM 1426 C C4  . O1A B 2 .   ? 1.922   2.872   18.513  0.40 47.90 ? 301 O1A A C4  1 
HETATM 1427 C C5  . O1A B 2 .   ? -0.950  4.210   17.331  0.40 48.90 ? 301 O1A A C5  1 
HETATM 1428 C C6  . O1A B 2 .   ? -0.577  5.063   16.461  0.40 61.62 ? 301 O1A A C6  1 
HETATM 1429 C C7  . O1A B 2 .   ? -1.426  5.836   15.815  0.40 71.78 ? 301 O1A A C7  1 
HETATM 1430 C C8  . O1A B 2 .   ? -2.681  5.822   16.007  0.40 76.13 ? 301 O1A A C8  1 
HETATM 1431 C C10 . O1A B 2 .   ? -5.501  6.458   16.377  0.40 73.51 ? 301 O1A A C10 1 
HETATM 1432 N N   . O1A B 2 .   ? 1.641   1.582   18.775  0.40 48.78 ? 301 O1A A N   1 
HETATM 1433 C C   . O1A B 2 .   ? 2.158   1.322   20.053  0.40 49.47 ? 301 O1A A C   1 
HETATM 1434 O O   . O1A B 2 .   ? -5.145  7.757   14.648  0.40 72.59 ? 301 O1A A O   1 
HETATM 1435 C C1  . O1A B 2 .   ? 0.264   1.157   18.724  0.40 48.12 ? 301 O1A A C1  1 
HETATM 1436 C C11 . O1A B 2 .   ? -3.174  4.907   16.890  0.40 72.87 ? 301 O1A A C11 1 
HETATM 1437 C C12 . O1A B 2 .   ? -2.294  4.074   17.576  0.40 43.84 ? 301 O1A A C12 1 
HETATM 1438 C C2  . O1A B 2 .   ? -0.640  2.305   18.639  0.40 47.86 ? 301 O1A A C2  1 
HETATM 1439 C C3  . O1A B 2 .   ? 1.089   3.329   17.511  0.40 48.18 ? 301 O1A A C3  1 
HETATM 1440 C C9  . O1A B 2 .   ? -4.683  7.033   15.377  0.40 73.78 ? 301 O1A A C9  1 
HETATM 1441 N N2  . O1A B 2 .   ? -3.451  6.725   15.340  0.40 76.62 ? 301 O1A A N2  1 
HETATM 1442 O O   . HOH C 3 .   ? 14.267  11.636  10.027  1.00 39.30 ? 401 HOH A O   1 
HETATM 1443 O O   . HOH C 3 .   ? -0.940  -21.324 16.161  1.00 47.25 ? 402 HOH A O   1 
HETATM 1444 O O   . HOH C 3 .   ? -11.274 5.257   -3.310  1.00 46.54 ? 403 HOH A O   1 
HETATM 1445 O O   . HOH C 3 .   ? 15.412  16.044  3.047   1.00 36.23 ? 404 HOH A O   1 
HETATM 1446 O O   . HOH C 3 .   ? 8.962   7.425   -3.807  1.00 24.08 ? 405 HOH A O   1 
HETATM 1447 O O   . HOH C 3 .   ? 8.882   3.991   -10.372 1.00 46.07 ? 406 HOH A O   1 
HETATM 1448 O O   . HOH C 3 .   ? -9.340  8.502   -4.241  1.00 36.39 ? 407 HOH A O   1 
HETATM 1449 O O   . HOH C 3 .   ? -5.388  -17.786 -3.734  1.00 50.02 ? 408 HOH A O   1 
HETATM 1450 O O   . HOH C 3 .   ? 10.111  -7.952  6.426   1.00 41.23 ? 409 HOH A O   1 
HETATM 1451 O O   . HOH C 3 .   ? -0.844  -16.603 14.771  1.00 32.07 ? 410 HOH A O   1 
HETATM 1452 O O   . HOH C 3 .   ? -6.562  11.514  3.593   1.00 35.69 ? 411 HOH A O   1 
HETATM 1453 O O   . HOH C 3 .   ? -9.205  2.844   -4.948  1.00 31.80 ? 412 HOH A O   1 
HETATM 1454 O O   . HOH C 3 .   ? -0.424  10.149  13.063  1.00 26.02 ? 413 HOH A O   1 
HETATM 1455 O O   . HOH C 3 .   ? 10.657  12.674  5.432   1.00 30.32 ? 414 HOH A O   1 
HETATM 1456 O O   . HOH C 3 .   ? 17.863  15.079  -14.573 1.00 31.35 ? 415 HOH A O   1 
HETATM 1457 O O   . HOH C 3 .   ? 3.495   -24.974 3.925   1.00 44.53 ? 416 HOH A O   1 
HETATM 1458 O O   . HOH C 3 .   ? 14.541  16.841  -16.922 1.00 27.54 ? 417 HOH A O   1 
HETATM 1459 O O   . HOH C 3 .   ? 6.750   -5.614  14.446  1.00 56.46 ? 418 HOH A O   1 
HETATM 1460 O O   . HOH C 3 .   ? 9.735   12.934  -22.914 1.00 41.91 ? 419 HOH A O   1 
HETATM 1461 O O   . HOH C 3 .   ? -12.995 0.173   16.679  1.00 46.29 ? 420 HOH A O   1 
HETATM 1462 O O   . HOH C 3 .   ? -0.970  -2.469  -7.577  1.00 29.07 ? 421 HOH A O   1 
HETATM 1463 O O   . HOH C 3 .   ? -6.187  8.286   -0.901  1.00 29.01 ? 422 HOH A O   1 
HETATM 1464 O O   . HOH C 3 .   ? -9.094  3.179   6.973   1.00 30.39 ? 423 HOH A O   1 
HETATM 1465 O O   . HOH C 3 .   ? -4.153  17.227  1.490   1.00 35.46 ? 424 HOH A O   1 
HETATM 1466 O O   . HOH C 3 .   ? 9.319   -16.460 -3.388  1.00 33.55 ? 425 HOH A O   1 
HETATM 1467 O O   . HOH C 3 .   ? -4.514  -28.085 10.922  1.00 37.19 ? 426 HOH A O   1 
HETATM 1468 O O   . HOH C 3 .   ? -7.057  10.026  -7.736  1.00 53.67 ? 427 HOH A O   1 
HETATM 1469 O O   . HOH C 3 .   ? -8.237  -11.652 -6.457  1.00 53.62 ? 428 HOH A O   1 
HETATM 1470 O O   . HOH C 3 .   ? 5.143   -1.354  17.626  1.00 30.73 ? 429 HOH A O   1 
HETATM 1471 O O   . HOH C 3 .   ? -6.619  14.915  0.179   1.00 31.51 ? 430 HOH A O   1 
HETATM 1472 O O   . HOH C 3 .   ? -11.746 -1.194  5.816   1.00 49.83 ? 431 HOH A O   1 
HETATM 1473 O O   . HOH C 3 .   ? -7.410  2.889   2.165   1.00 25.28 ? 432 HOH A O   1 
HETATM 1474 O O   . HOH C 3 .   ? -4.788  -17.880 15.618  1.00 33.69 ? 433 HOH A O   1 
HETATM 1475 O O   . HOH C 3 .   ? 1.177   -7.179  17.864  1.00 25.23 ? 434 HOH A O   1 
HETATM 1476 O O   . HOH C 3 .   ? 2.832   -12.358 -3.331  1.00 30.24 ? 435 HOH A O   1 
HETATM 1477 O O   . HOH C 3 .   ? 11.183  7.495   -15.810 1.00 28.02 ? 436 HOH A O   1 
HETATM 1478 O O   . HOH C 3 .   ? -14.345 -10.484 1.181   1.00 37.28 ? 437 HOH A O   1 
HETATM 1479 O O   . HOH C 3 .   ? 2.479   12.441  12.681  1.00 24.74 ? 438 HOH A O   1 
HETATM 1480 O O   . HOH C 3 .   ? 0.676   16.791  2.303   1.00 27.35 ? 439 HOH A O   1 
HETATM 1481 O O   . HOH C 3 .   ? -0.140  -26.517 5.817   1.00 34.63 ? 440 HOH A O   1 
HETATM 1482 O O   . HOH C 3 .   ? 2.039   -4.764  8.085   1.00 23.06 ? 441 HOH A O   1 
HETATM 1483 O O   . HOH C 3 .   ? -11.336 -4.525  9.416   1.00 29.58 ? 442 HOH A O   1 
HETATM 1484 O O   . HOH C 3 .   ? 2.635   -14.380 -1.609  1.00 24.25 ? 443 HOH A O   1 
HETATM 1485 O O   . HOH C 3 .   ? -10.325 -5.507  19.994  1.00 24.81 ? 444 HOH A O   1 
HETATM 1486 O O   . HOH C 3 .   ? 19.113  13.080  7.270   1.00 46.68 ? 445 HOH A O   1 
HETATM 1487 O O   . HOH C 3 .   ? 12.347  16.704  -7.892  1.00 43.23 ? 446 HOH A O   1 
HETATM 1488 O O   . HOH C 3 .   ? 5.925   22.960  2.550   1.00 26.16 ? 447 HOH A O   1 
HETATM 1489 O O   . HOH C 3 .   ? -10.806 -1.462  11.745  1.00 49.63 ? 448 HOH A O   1 
HETATM 1490 O O   . HOH C 3 .   ? 3.803   16.246  -17.023 1.00 47.33 ? 449 HOH A O   1 
HETATM 1491 O O   . HOH C 3 .   ? -2.963  -15.728 16.625  1.00 35.69 ? 450 HOH A O   1 
HETATM 1492 O O   . HOH C 3 .   ? 12.853  13.892  6.409   1.00 29.36 ? 451 HOH A O   1 
HETATM 1493 O O   . HOH C 3 .   ? -2.314  -12.943 10.712  1.00 21.50 ? 452 HOH A O   1 
HETATM 1494 O O   . HOH C 3 .   ? -6.577  -22.034 10.163  1.00 42.29 ? 453 HOH A O   1 
HETATM 1495 O O   . HOH C 3 .   ? -5.162  -8.582  19.107  1.00 24.61 ? 454 HOH A O   1 
HETATM 1496 O O   . HOH C 3 .   ? 7.927   12.444  -14.375 1.00 37.11 ? 455 HOH A O   1 
HETATM 1497 O O   . HOH C 3 .   ? 13.763  15.804  -4.782  1.00 38.48 ? 456 HOH A O   1 
HETATM 1498 O O   . HOH C 3 .   ? 1.058   -24.641 10.603  1.00 31.89 ? 457 HOH A O   1 
HETATM 1499 O O   . HOH C 3 .   ? 10.013  12.393  -9.170  1.00 42.07 ? 458 HOH A O   1 
HETATM 1500 O O   . HOH C 3 .   ? 12.933  20.819  0.237   1.00 51.15 ? 459 HOH A O   1 
HETATM 1501 O O   . HOH C 3 .   ? -8.493  -3.569  2.909   1.00 26.42 ? 460 HOH A O   1 
HETATM 1502 O O   . HOH C 3 .   ? 5.789   13.798  10.915  1.00 35.81 ? 461 HOH A O   1 
HETATM 1503 O O   . HOH C 3 .   ? -1.427  13.409  -11.765 1.00 41.53 ? 462 HOH A O   1 
HETATM 1504 O O   . HOH C 3 .   ? 3.648   -7.413  -8.223  1.00 27.24 ? 463 HOH A O   1 
HETATM 1505 O O   . HOH C 3 .   ? 5.190   15.268  4.310   1.00 26.58 ? 464 HOH A O   1 
HETATM 1506 O O   . HOH C 3 .   ? -11.412 -13.462 13.284  1.00 29.11 ? 465 HOH A O   1 
HETATM 1507 O O   . HOH C 3 .   ? -2.634  -4.822  -8.376  1.00 37.61 ? 466 HOH A O   1 
HETATM 1508 O O   . HOH C 3 .   ? -8.124  -2.941  6.871   1.00 42.03 ? 467 HOH A O   1 
HETATM 1509 O O   . HOH C 3 .   ? 9.455   2.579   5.678   1.00 43.23 ? 468 HOH A O   1 
HETATM 1510 O O   . HOH C 3 .   ? 1.113   5.041   7.772   1.00 19.38 ? 469 HOH A O   1 
HETATM 1511 O O   . HOH C 3 .   ? 1.121   -26.928 11.916  1.00 28.78 ? 470 HOH A O   1 
HETATM 1512 O O   . HOH C 3 .   ? -0.429  -5.925  -7.045  1.00 30.51 ? 471 HOH A O   1 
HETATM 1513 O O   . HOH C 3 .   ? -3.663  3.246   2.402   1.00 31.04 ? 472 HOH A O   1 
HETATM 1514 O O   . HOH C 3 .   ? -0.196  -10.398 -7.743  1.00 38.06 ? 473 HOH A O   1 
HETATM 1515 O O   . HOH C 3 .   ? 3.075   -13.459 12.672  1.00 56.19 ? 474 HOH A O   1 
HETATM 1516 O O   . HOH C 3 .   ? -1.726  23.652  -3.636  1.00 41.83 ? 475 HOH A O   1 
HETATM 1517 O O   . HOH C 3 .   ? -0.367  -15.440 19.403  1.00 37.79 ? 476 HOH A O   1 
HETATM 1518 O O   . HOH C 3 .   ? 0.044   -15.198 12.850  1.00 28.60 ? 477 HOH A O   1 
HETATM 1519 O O   . HOH C 3 .   ? 10.175  0.807   11.425  1.00 45.35 ? 478 HOH A O   1 
HETATM 1520 O O   . HOH C 3 .   ? -16.954 -0.192  -1.534  1.00 39.55 ? 479 HOH A O   1 
HETATM 1521 O O   . HOH C 3 .   ? 10.012  4.908   6.920   1.00 28.37 ? 480 HOH A O   1 
HETATM 1522 O O   . HOH C 3 .   ? -9.025  15.447  -5.481  1.00 48.61 ? 481 HOH A O   1 
HETATM 1523 O O   . HOH C 3 .   ? -6.622  -14.775 20.406  1.00 32.32 ? 482 HOH A O   1 
HETATM 1524 O O   . HOH C 3 .   ? 7.357   20.334  -12.013 1.00 26.90 ? 483 HOH A O   1 
HETATM 1525 O O   . HOH C 3 .   ? -4.139  -28.528 1.434   1.00 36.06 ? 484 HOH A O   1 
HETATM 1526 O O   . HOH C 3 .   ? -2.145  0.887   -13.761 1.00 44.79 ? 485 HOH A O   1 
HETATM 1527 O O   . HOH C 3 .   ? 3.713   -14.790 6.322   1.00 32.81 ? 486 HOH A O   1 
HETATM 1528 O O   . HOH C 3 .   ? 6.471   14.711  -17.061 1.00 42.09 ? 487 HOH A O   1 
HETATM 1529 O O   . HOH C 3 .   ? -8.743  -13.616 -5.156  1.00 33.85 ? 488 HOH A O   1 
HETATM 1530 O O   . HOH C 3 .   ? -2.912  13.420  2.168   1.00 32.99 ? 489 HOH A O   1 
HETATM 1531 O O   . HOH C 3 .   ? -14.030 0.355   2.807   1.00 28.93 ? 490 HOH A O   1 
HETATM 1532 O O   . HOH C 3 .   ? 2.826   -8.562  7.640   1.00 21.26 ? 491 HOH A O   1 
HETATM 1533 O O   . HOH C 3 .   ? -5.816  -19.564 5.154   1.00 23.62 ? 492 HOH A O   1 
HETATM 1534 O O   . HOH C 3 .   ? -4.266  5.254   11.576  1.00 46.31 ? 493 HOH A O   1 
HETATM 1535 O O   . HOH C 3 .   ? -17.118 -9.422  -1.923  1.00 38.96 ? 494 HOH A O   1 
HETATM 1536 O O   . HOH C 3 .   ? -12.598 5.309   -0.515  1.00 43.15 ? 495 HOH A O   1 
HETATM 1537 O O   . HOH C 3 .   ? -4.472  1.508   -12.480 1.00 39.50 ? 496 HOH A O   1 
HETATM 1538 O O   . HOH C 3 .   ? -5.758  15.438  -11.062 1.00 54.65 ? 497 HOH A O   1 
HETATM 1539 O O   . HOH C 3 .   ? -1.375  15.039  0.882   1.00 23.52 ? 498 HOH A O   1 
HETATM 1540 O O   . HOH C 3 .   ? -4.249  21.533  -3.358  1.00 32.37 ? 499 HOH A O   1 
HETATM 1541 O O   . HOH C 3 .   ? 12.228  25.462  -8.716  1.00 55.57 ? 500 HOH A O   1 
HETATM 1542 O O   . HOH C 3 .   ? 17.698  17.249  -15.844 1.00 54.33 ? 501 HOH A O   1 
HETATM 1543 O O   . HOH C 3 .   ? -10.887 -15.986 -0.716  1.00 44.95 ? 502 HOH A O   1 
HETATM 1544 O O   . HOH C 3 .   ? -13.240 -11.089 8.445   1.00 30.30 ? 503 HOH A O   1 
HETATM 1545 O O   . HOH C 3 .   ? -6.366  10.426  0.261   1.00 34.59 ? 504 HOH A O   1 
HETATM 1546 O O   . HOH C 3 .   ? -9.630  5.099   5.512   1.00 47.42 ? 505 HOH A O   1 
HETATM 1547 O O   . HOH C 3 .   ? 10.039  3.539   9.760   1.00 33.40 ? 506 HOH A O   1 
HETATM 1548 O O   . HOH C 3 .   ? 14.792  8.317   0.502   1.00 32.11 ? 507 HOH A O   1 
HETATM 1549 O O   . HOH C 3 .   ? -15.444 3.213   -12.744 1.00 56.01 ? 508 HOH A O   1 
HETATM 1550 O O   . HOH C 3 .   ? -3.254  -21.138 0.127   1.00 40.23 ? 509 HOH A O   1 
HETATM 1551 O O   . HOH C 3 .   ? 7.337   -18.945 -8.371  1.00 43.72 ? 510 HOH A O   1 
HETATM 1552 O O   . HOH C 3 .   ? 2.143   -16.769 11.375  1.00 26.64 ? 511 HOH A O   1 
HETATM 1553 O O   . HOH C 3 .   ? 4.427   -27.399 -10.715 1.00 50.99 ? 512 HOH A O   1 
HETATM 1554 O O   . HOH C 3 .   ? -9.014  -4.304  5.222   1.00 32.85 ? 513 HOH A O   1 
HETATM 1555 O O   . HOH C 3 .   ? -12.013 -16.926 8.908   1.00 50.60 ? 514 HOH A O   1 
HETATM 1556 O O   . HOH C 3 .   ? -1.487  -4.089  20.884  1.00 49.35 ? 515 HOH A O   1 
HETATM 1557 O O   . HOH C 3 .   ? -10.745 -13.830 -3.815  1.00 51.28 ? 516 HOH A O   1 
HETATM 1558 O O   . HOH C 3 .   ? -11.940 -6.276  12.729  1.00 31.01 ? 517 HOH A O   1 
HETATM 1559 O O   . HOH C 3 .   ? 4.472   -10.137 6.497   1.00 38.24 ? 518 HOH A O   1 
HETATM 1560 O O   . HOH C 3 .   ? 12.380  19.623  2.700   1.00 33.87 ? 519 HOH A O   1 
HETATM 1561 O O   . HOH C 3 .   ? 2.376   -3.639  -9.161  1.00 33.18 ? 520 HOH A O   1 
HETATM 1562 O O   . HOH C 3 .   ? -18.165 -5.805  -1.692  1.00 34.32 ? 521 HOH A O   1 
HETATM 1563 O O   . HOH C 3 .   ? 24.068  14.572  -0.238  1.00 49.15 ? 522 HOH A O   1 
HETATM 1564 O O   . HOH C 3 .   ? 5.023   22.073  7.545   1.00 43.44 ? 523 HOH A O   1 
HETATM 1565 O O   . HOH C 3 .   ? -11.931 -17.766 5.753   1.00 47.57 ? 524 HOH A O   1 
HETATM 1566 O O   . HOH C 3 .   ? 10.641  12.495  -6.813  1.00 37.98 ? 525 HOH A O   1 
HETATM 1567 O O   . HOH C 3 .   ? 8.757   4.392   20.958  1.00 47.28 ? 526 HOH A O   1 
HETATM 1568 O O   . HOH C 3 .   ? 11.462  4.449   -10.145 0.50 51.05 ? 527 HOH A O   1 
HETATM 1569 O O   . HOH C 3 .   ? 17.622  13.018  -3.320  1.00 58.23 ? 528 HOH A O   1 
HETATM 1570 O O   . HOH C 3 .   ? 6.189   -10.034 9.313   1.00 60.62 ? 529 HOH A O   1 
HETATM 1571 O O   . HOH C 3 .   ? 9.488   -4.053  9.048   1.00 35.53 ? 530 HOH A O   1 
HETATM 1572 O O   . HOH C 3 .   ? -9.112  -15.375 2.225   1.00 38.27 ? 531 HOH A O   1 
HETATM 1573 O O   . HOH C 3 .   ? 12.656  13.055  8.977   1.00 33.75 ? 532 HOH A O   1 
HETATM 1574 O O   . HOH C 3 .   ? -22.750 -5.145  -4.985  1.00 45.40 ? 533 HOH A O   1 
HETATM 1575 O O   . HOH C 3 .   ? 5.210   16.438  6.816   1.00 36.85 ? 534 HOH A O   1 
HETATM 1576 O O   . HOH C 3 .   ? -5.826  -21.961 12.434  1.00 35.51 ? 535 HOH A O   1 
HETATM 1577 O O   . HOH C 3 .   ? -5.638  13.177  -8.665  1.00 27.86 ? 536 HOH A O   1 
HETATM 1578 O O   . HOH C 3 .   ? 10.339  -0.743  -6.069  1.00 43.17 ? 537 HOH A O   1 
HETATM 1579 O O   . HOH C 3 .   ? -3.034  -25.957 -3.732  1.00 37.50 ? 538 HOH A O   1 
HETATM 1580 O O   . HOH C 3 .   ? -6.552  6.405   -9.080  1.00 30.08 ? 539 HOH A O   1 
HETATM 1581 O O   . HOH C 3 .   ? -17.785 3.941   1.730   1.00 54.14 ? 540 HOH A O   1 
HETATM 1582 O O   . HOH C 3 .   ? -5.476  12.956  1.592   1.00 28.93 ? 541 HOH A O   1 
HETATM 1583 O O   . HOH C 3 .   ? -4.431  13.413  -11.075 1.00 39.78 ? 542 HOH A O   1 
HETATM 1584 O O   . HOH C 3 .   ? 7.932   -13.719 -6.918  1.00 41.91 ? 543 HOH A O   1 
HETATM 1585 O O   . HOH C 3 .   ? 18.635  16.673  -18.546 1.00 43.22 ? 544 HOH A O   1 
HETATM 1586 O O   . HOH C 3 .   ? 10.228  19.323  -14.363 1.00 37.35 ? 545 HOH A O   1 
HETATM 1587 O O   . HOH C 3 .   ? -5.956  -22.160 -7.449  1.00 54.88 ? 546 HOH A O   1 
HETATM 1588 O O   . HOH C 3 .   ? -5.999  -10.239 20.902  1.00 36.96 ? 547 HOH A O   1 
HETATM 1589 O O   . HOH C 3 .   ? 3.292   18.643  -18.178 1.00 39.01 ? 548 HOH A O   1 
HETATM 1590 O O   . HOH C 3 .   ? -2.163  -8.858  19.752  1.00 46.92 ? 549 HOH A O   1 
HETATM 1591 O O   . HOH C 3 .   ? 12.235  28.150  -9.038  1.00 37.29 ? 550 HOH A O   1 
HETATM 1592 O O   . HOH C 3 .   ? -10.218 -18.449 9.940   1.00 42.85 ? 551 HOH A O   1 
HETATM 1593 O O   . HOH C 3 .   ? -5.757  -6.216  20.153  1.00 22.83 ? 552 HOH A O   1 
HETATM 1594 O O   . HOH C 3 .   ? -10.274 -1.944  9.491   1.00 40.24 ? 553 HOH A O   1 
HETATM 1595 O O   . HOH C 3 .   ? 0.328   -8.262  -8.535  1.00 49.06 ? 554 HOH A O   1 
HETATM 1596 O O   . HOH C 3 .   ? 13.046  8.802   5.787   1.00 53.16 ? 555 HOH A O   1 
HETATM 1597 O O   . HOH C 3 .   ? -11.623 1.163   7.397   1.00 46.77 ? 556 HOH A O   1 
HETATM 1598 O O   . HOH C 3 .   ? 7.293   5.225   -23.278 1.00 39.12 ? 557 HOH A O   1 
HETATM 1599 O O   . HOH C 3 .   ? -15.457 -8.474  6.505   1.00 41.14 ? 558 HOH A O   1 
HETATM 1600 O O   . HOH C 3 .   ? -8.234  -6.229  21.543  1.00 30.49 ? 559 HOH A O   1 
HETATM 1601 O O   . HOH C 3 .   ? 9.303   30.992  -3.452  1.00 46.74 ? 560 HOH A O   1 
HETATM 1602 O O   . HOH C 3 .   ? 2.308   -21.631 -10.848 1.00 46.92 ? 561 HOH A O   1 
HETATM 1603 O O   . HOH C 3 .   ? 12.338  14.120  -6.677  1.00 36.84 ? 562 HOH A O   1 
HETATM 1604 O O   . HOH C 3 .   ? -10.436 -11.915 19.986  1.00 28.68 ? 563 HOH A O   1 
HETATM 1605 O O   . HOH C 3 .   ? -11.633 -3.553  21.432  1.00 42.51 ? 564 HOH A O   1 
HETATM 1606 O O   . HOH C 3 .   ? 3.626   3.425   22.778  1.00 55.99 ? 565 HOH A O   1 
HETATM 1607 O O   . HOH C 3 .   ? -1.748  17.715  3.231   1.00 27.04 ? 566 HOH A O   1 
HETATM 1608 O O   . HOH C 3 .   ? -5.669  -21.685 0.791   1.00 41.80 ? 567 HOH A O   1 
HETATM 1609 O O   . HOH C 3 .   ? 10.276  22.515  -15.285 1.00 41.50 ? 568 HOH A O   1 
HETATM 1610 O O   . HOH C 3 .   ? -3.835  -5.759  22.186  1.00 37.93 ? 569 HOH A O   1 
HETATM 1611 O O   . HOH C 3 .   ? 5.162   -25.020 6.211   1.00 44.16 ? 570 HOH A O   1 
HETATM 1612 O O   . HOH C 3 .   ? 7.572   25.017  1.113   1.00 47.25 ? 571 HOH A O   1 
HETATM 1613 O O   . HOH C 3 .   ? 12.805  7.658   7.851   1.00 41.63 ? 572 HOH A O   1 
HETATM 1614 O O   . HOH C 3 .   ? 1.545   -26.508 8.011   1.00 33.12 ? 573 HOH A O   1 
HETATM 1615 O O   . HOH C 3 .   ? -14.452 -8.991  16.675  1.00 38.43 ? 574 HOH A O   1 
HETATM 1616 O O   . HOH C 3 .   ? -8.438  -8.621  22.342  1.00 36.05 ? 575 HOH A O   1 
HETATM 1617 O O   . HOH C 3 .   ? -8.222  -20.968 0.020   1.00 49.81 ? 576 HOH A O   1 
HETATM 1618 O O   . HOH C 3 .   ? -3.148  -15.366 -16.792 1.00 48.97 ? 577 HOH A O   1 
# 
